data_1N4J
# 
_entry.id   1N4J 
# 
_audit_conform.dict_name       mmcif_pdbx.dic 
_audit_conform.dict_version    5.386 
_audit_conform.dict_location   http://mmcif.pdb.org/dictionaries/ascii/mmcif_pdbx.dic 
# 
loop_
_database_2.database_id 
_database_2.database_code 
_database_2.pdbx_database_accession 
_database_2.pdbx_DOI 
PDB   1N4J         pdb_00001n4j 10.2210/pdb1n4j/pdb 
RCSB  RCSB017509   ?            ?                   
WWPDB D_1000017509 ?            ?                   
# 
loop_
_pdbx_audit_revision_history.ordinal 
_pdbx_audit_revision_history.data_content_type 
_pdbx_audit_revision_history.major_revision 
_pdbx_audit_revision_history.minor_revision 
_pdbx_audit_revision_history.revision_date 
1 'Structure model' 1 0 2003-09-02 
2 'Structure model' 1 1 2008-04-28 
3 'Structure model' 1 2 2011-07-13 
4 'Structure model' 1 3 2017-10-11 
5 'Structure model' 1 4 2021-10-27 
6 'Structure model' 1 5 2024-02-14 
# 
_pdbx_audit_revision_details.ordinal             1 
_pdbx_audit_revision_details.revision_ordinal    1 
_pdbx_audit_revision_details.data_content_type   'Structure model' 
_pdbx_audit_revision_details.provider            repository 
_pdbx_audit_revision_details.type                'Initial release' 
_pdbx_audit_revision_details.description         ? 
_pdbx_audit_revision_details.details             ? 
# 
loop_
_pdbx_audit_revision_group.ordinal 
_pdbx_audit_revision_group.revision_ordinal 
_pdbx_audit_revision_group.data_content_type 
_pdbx_audit_revision_group.group 
1 2 'Structure model' 'Version format compliance' 
2 3 'Structure model' 'Version format compliance' 
3 4 'Structure model' 'Refinement description'    
4 5 'Structure model' 'Database references'       
5 6 'Structure model' 'Data collection'           
6 6 'Structure model' 'Refinement description'    
# 
loop_
_pdbx_audit_revision_category.ordinal 
_pdbx_audit_revision_category.revision_ordinal 
_pdbx_audit_revision_category.data_content_type 
_pdbx_audit_revision_category.category 
1 4 'Structure model' software                      
2 5 'Structure model' database_2                    
3 5 'Structure model' struct_ref_seq_dif            
4 6 'Structure model' chem_comp_atom                
5 6 'Structure model' chem_comp_bond                
6 6 'Structure model' pdbx_initial_refinement_model 
# 
loop_
_pdbx_audit_revision_item.ordinal 
_pdbx_audit_revision_item.revision_ordinal 
_pdbx_audit_revision_item.data_content_type 
_pdbx_audit_revision_item.item 
1 5 'Structure model' '_database_2.pdbx_DOI'                
2 5 'Structure model' '_database_2.pdbx_database_accession' 
3 5 'Structure model' '_struct_ref_seq_dif.details'         
# 
_pdbx_database_status.status_code                     REL 
_pdbx_database_status.entry_id                        1N4J 
_pdbx_database_status.recvd_initial_deposition_date   2002-10-31 
_pdbx_database_status.deposit_site                    RCSB 
_pdbx_database_status.process_site                    RCSB 
_pdbx_database_status.status_code_sf                  REL 
_pdbx_database_status.SG_entry                        . 
_pdbx_database_status.pdb_format_compatible           Y 
_pdbx_database_status.status_code_mr                  ? 
_pdbx_database_status.status_code_cs                  ? 
_pdbx_database_status.methods_development_category    ? 
_pdbx_database_status.status_code_nmr_data            ? 
# 
loop_
_pdbx_database_related.db_name 
_pdbx_database_related.db_id 
_pdbx_database_related.details 
_pdbx_database_related.content_type 
PDB 1SWE 'Apo-Core-Streptavidin in Complex with Biotin at pH 4.5'    unspecified 
PDB 1N43 'Streptavidin Mutant N23A with Biotin at 1.89A resolution.' unspecified 
# 
loop_
_audit_author.name 
_audit_author.pdbx_ordinal 
'Le Trong, I.'   1 
'Freitag, S.'    2 
'Klumb, L.A.'    3 
'Chu, V.'        4 
'Stayton, P.S.'  5 
'Stenkamp, R.E.' 6 
# 
_citation.id                        primary 
_citation.title                     
;Structural studies of hydrogen bonds in the high-affinity streptavidin-biotin complex: mutations of amino acids interacting with the ureido oxygen of biotin.
;
_citation.journal_abbrev            'Acta Crystallogr.,Sect.D' 
_citation.journal_volume            59 
_citation.page_first                1567 
_citation.page_last                 1573 
_citation.year                      2003 
_citation.journal_id_ASTM           ABCRE6 
_citation.country                   DK 
_citation.journal_id_ISSN           0907-4449 
_citation.journal_id_CSD            0766 
_citation.book_publisher            ? 
_citation.pdbx_database_id_PubMed   12925786 
_citation.pdbx_database_id_DOI      10.1107/S0907444903014562 
# 
loop_
_citation_author.citation_id 
_citation_author.name 
_citation_author.ordinal 
_citation_author.identifier_ORCID 
primary 'Le Trong, I.'   1 ? 
primary 'Freitag, S.'    2 ? 
primary 'Klumb, L.A.'    3 ? 
primary 'Chu, V.'        4 ? 
primary 'Stayton, P.S.'  5 ? 
primary 'Stenkamp, R.E.' 6 ? 
# 
loop_
_entity.id 
_entity.type 
_entity.src_method 
_entity.pdbx_description 
_entity.formula_weight 
_entity.pdbx_number_of_molecules 
_entity.pdbx_ec 
_entity.pdbx_mutation 
_entity.pdbx_fragment 
_entity.details 
1 polymer man Streptavidin 13238.311 1  ? N23A 'core streptavidin, residues 13-139' ? 
2 water   nat water        18.015    63 ? ?    ?                                    ? 
# 
_entity_poly.entity_id                      1 
_entity_poly.type                           'polypeptide(L)' 
_entity_poly.nstd_linkage                   no 
_entity_poly.nstd_monomer                   no 
_entity_poly.pdbx_seq_one_letter_code       
;AEAGITGTWYAQLGSTFIVTAGADGALTGTYESAVGNAESRYVLTGRYDSAPATDGSGTALGWTVAWKNNYRNAHSATTW
SGQYVGGAEARINTQWLLTSGTTEANAWKSTLVGHDTFTKVKPSAAS
;
_entity_poly.pdbx_seq_one_letter_code_can   
;AEAGITGTWYAQLGSTFIVTAGADGALTGTYESAVGNAESRYVLTGRYDSAPATDGSGTALGWTVAWKNNYRNAHSATTW
SGQYVGGAEARINTQWLLTSGTTEANAWKSTLVGHDTFTKVKPSAAS
;
_entity_poly.pdbx_strand_id                 A 
_entity_poly.pdbx_target_identifier         ? 
# 
_pdbx_entity_nonpoly.entity_id   2 
_pdbx_entity_nonpoly.name        water 
_pdbx_entity_nonpoly.comp_id     HOH 
# 
loop_
_entity_poly_seq.entity_id 
_entity_poly_seq.num 
_entity_poly_seq.mon_id 
_entity_poly_seq.hetero 
1 1   ALA n 
1 2   GLU n 
1 3   ALA n 
1 4   GLY n 
1 5   ILE n 
1 6   THR n 
1 7   GLY n 
1 8   THR n 
1 9   TRP n 
1 10  TYR n 
1 11  ALA n 
1 12  GLN n 
1 13  LEU n 
1 14  GLY n 
1 15  SER n 
1 16  THR n 
1 17  PHE n 
1 18  ILE n 
1 19  VAL n 
1 20  THR n 
1 21  ALA n 
1 22  GLY n 
1 23  ALA n 
1 24  ASP n 
1 25  GLY n 
1 26  ALA n 
1 27  LEU n 
1 28  THR n 
1 29  GLY n 
1 30  THR n 
1 31  TYR n 
1 32  GLU n 
1 33  SER n 
1 34  ALA n 
1 35  VAL n 
1 36  GLY n 
1 37  ASN n 
1 38  ALA n 
1 39  GLU n 
1 40  SER n 
1 41  ARG n 
1 42  TYR n 
1 43  VAL n 
1 44  LEU n 
1 45  THR n 
1 46  GLY n 
1 47  ARG n 
1 48  TYR n 
1 49  ASP n 
1 50  SER n 
1 51  ALA n 
1 52  PRO n 
1 53  ALA n 
1 54  THR n 
1 55  ASP n 
1 56  GLY n 
1 57  SER n 
1 58  GLY n 
1 59  THR n 
1 60  ALA n 
1 61  LEU n 
1 62  GLY n 
1 63  TRP n 
1 64  THR n 
1 65  VAL n 
1 66  ALA n 
1 67  TRP n 
1 68  LYS n 
1 69  ASN n 
1 70  ASN n 
1 71  TYR n 
1 72  ARG n 
1 73  ASN n 
1 74  ALA n 
1 75  HIS n 
1 76  SER n 
1 77  ALA n 
1 78  THR n 
1 79  THR n 
1 80  TRP n 
1 81  SER n 
1 82  GLY n 
1 83  GLN n 
1 84  TYR n 
1 85  VAL n 
1 86  GLY n 
1 87  GLY n 
1 88  ALA n 
1 89  GLU n 
1 90  ALA n 
1 91  ARG n 
1 92  ILE n 
1 93  ASN n 
1 94  THR n 
1 95  GLN n 
1 96  TRP n 
1 97  LEU n 
1 98  LEU n 
1 99  THR n 
1 100 SER n 
1 101 GLY n 
1 102 THR n 
1 103 THR n 
1 104 GLU n 
1 105 ALA n 
1 106 ASN n 
1 107 ALA n 
1 108 TRP n 
1 109 LYS n 
1 110 SER n 
1 111 THR n 
1 112 LEU n 
1 113 VAL n 
1 114 GLY n 
1 115 HIS n 
1 116 ASP n 
1 117 THR n 
1 118 PHE n 
1 119 THR n 
1 120 LYS n 
1 121 VAL n 
1 122 LYS n 
1 123 PRO n 
1 124 SER n 
1 125 ALA n 
1 126 ALA n 
1 127 SER n 
# 
_entity_src_gen.entity_id                          1 
_entity_src_gen.pdbx_src_id                        1 
_entity_src_gen.pdbx_alt_source_flag               sample 
_entity_src_gen.pdbx_seq_type                      ? 
_entity_src_gen.pdbx_beg_seq_num                   ? 
_entity_src_gen.pdbx_end_seq_num                   ? 
_entity_src_gen.gene_src_common_name               ? 
_entity_src_gen.gene_src_genus                     Streptomyces 
_entity_src_gen.pdbx_gene_src_gene                 'core streptavidin' 
_entity_src_gen.gene_src_species                   ? 
_entity_src_gen.gene_src_strain                    ? 
_entity_src_gen.gene_src_tissue                    ? 
_entity_src_gen.gene_src_tissue_fraction           ? 
_entity_src_gen.gene_src_details                   ? 
_entity_src_gen.pdbx_gene_src_fragment             ? 
_entity_src_gen.pdbx_gene_src_scientific_name      'Streptomyces avidinii' 
_entity_src_gen.pdbx_gene_src_ncbi_taxonomy_id     1895 
_entity_src_gen.pdbx_gene_src_variant              ? 
_entity_src_gen.pdbx_gene_src_cell_line            ? 
_entity_src_gen.pdbx_gene_src_atcc                 ? 
_entity_src_gen.pdbx_gene_src_organ                ? 
_entity_src_gen.pdbx_gene_src_organelle            ? 
_entity_src_gen.pdbx_gene_src_cell                 ? 
_entity_src_gen.pdbx_gene_src_cellular_location    ? 
_entity_src_gen.host_org_common_name               ? 
_entity_src_gen.pdbx_host_org_scientific_name      'Escherichia coli BL21' 
_entity_src_gen.pdbx_host_org_ncbi_taxonomy_id     511693 
_entity_src_gen.host_org_genus                     Escherichia 
_entity_src_gen.pdbx_host_org_gene                 ? 
_entity_src_gen.pdbx_host_org_organ                ? 
_entity_src_gen.host_org_species                   'Escherichia coli' 
_entity_src_gen.pdbx_host_org_tissue               ? 
_entity_src_gen.pdbx_host_org_tissue_fraction      ? 
_entity_src_gen.pdbx_host_org_strain               BL21 
_entity_src_gen.pdbx_host_org_variant              ? 
_entity_src_gen.pdbx_host_org_cell_line            ? 
_entity_src_gen.pdbx_host_org_atcc                 ? 
_entity_src_gen.pdbx_host_org_culture_collection   ? 
_entity_src_gen.pdbx_host_org_cell                 ? 
_entity_src_gen.pdbx_host_org_organelle            ? 
_entity_src_gen.pdbx_host_org_cellular_location    ? 
_entity_src_gen.pdbx_host_org_vector_type          plasmid 
_entity_src_gen.pdbx_host_org_vector               ? 
_entity_src_gen.host_org_details                   ? 
_entity_src_gen.expression_system_id               ? 
_entity_src_gen.plasmid_name                       pET21a 
_entity_src_gen.plasmid_details                    ? 
_entity_src_gen.pdbx_description                   ? 
# 
loop_
_chem_comp.id 
_chem_comp.type 
_chem_comp.mon_nstd_flag 
_chem_comp.name 
_chem_comp.pdbx_synonyms 
_chem_comp.formula 
_chem_comp.formula_weight 
ALA 'L-peptide linking' y ALANINE         ? 'C3 H7 N O2'     89.093  
ARG 'L-peptide linking' y ARGININE        ? 'C6 H15 N4 O2 1' 175.209 
ASN 'L-peptide linking' y ASPARAGINE      ? 'C4 H8 N2 O3'    132.118 
ASP 'L-peptide linking' y 'ASPARTIC ACID' ? 'C4 H7 N O4'     133.103 
GLN 'L-peptide linking' y GLUTAMINE       ? 'C5 H10 N2 O3'   146.144 
GLU 'L-peptide linking' y 'GLUTAMIC ACID' ? 'C5 H9 N O4'     147.129 
GLY 'peptide linking'   y GLYCINE         ? 'C2 H5 N O2'     75.067  
HIS 'L-peptide linking' y HISTIDINE       ? 'C6 H10 N3 O2 1' 156.162 
HOH non-polymer         . WATER           ? 'H2 O'           18.015  
ILE 'L-peptide linking' y ISOLEUCINE      ? 'C6 H13 N O2'    131.173 
LEU 'L-peptide linking' y LEUCINE         ? 'C6 H13 N O2'    131.173 
LYS 'L-peptide linking' y LYSINE          ? 'C6 H15 N2 O2 1' 147.195 
PHE 'L-peptide linking' y PHENYLALANINE   ? 'C9 H11 N O2'    165.189 
PRO 'L-peptide linking' y PROLINE         ? 'C5 H9 N O2'     115.130 
SER 'L-peptide linking' y SERINE          ? 'C3 H7 N O3'     105.093 
THR 'L-peptide linking' y THREONINE       ? 'C4 H9 N O3'     119.119 
TRP 'L-peptide linking' y TRYPTOPHAN      ? 'C11 H12 N2 O2'  204.225 
TYR 'L-peptide linking' y TYROSINE        ? 'C9 H11 N O3'    181.189 
VAL 'L-peptide linking' y VALINE          ? 'C5 H11 N O2'    117.146 
# 
loop_
_pdbx_poly_seq_scheme.asym_id 
_pdbx_poly_seq_scheme.entity_id 
_pdbx_poly_seq_scheme.seq_id 
_pdbx_poly_seq_scheme.mon_id 
_pdbx_poly_seq_scheme.ndb_seq_num 
_pdbx_poly_seq_scheme.pdb_seq_num 
_pdbx_poly_seq_scheme.auth_seq_num 
_pdbx_poly_seq_scheme.pdb_mon_id 
_pdbx_poly_seq_scheme.auth_mon_id 
_pdbx_poly_seq_scheme.pdb_strand_id 
_pdbx_poly_seq_scheme.pdb_ins_code 
_pdbx_poly_seq_scheme.hetero 
A 1 1   ALA 1   13  ?   ?   ?   A . n 
A 1 2   GLU 2   14  ?   ?   ?   A . n 
A 1 3   ALA 3   15  ?   ?   ?   A . n 
A 1 4   GLY 4   16  16  GLY GLY A . n 
A 1 5   ILE 5   17  17  ILE ILE A . n 
A 1 6   THR 6   18  18  THR THR A . n 
A 1 7   GLY 7   19  19  GLY GLY A . n 
A 1 8   THR 8   20  20  THR THR A . n 
A 1 9   TRP 9   21  21  TRP TRP A . n 
A 1 10  TYR 10  22  22  TYR TYR A . n 
A 1 11  ALA 11  23  23  ALA ALA A . n 
A 1 12  GLN 12  24  24  GLN GLN A . n 
A 1 13  LEU 13  25  25  LEU LEU A . n 
A 1 14  GLY 14  26  26  GLY GLY A . n 
A 1 15  SER 15  27  27  SER SER A . n 
A 1 16  THR 16  28  28  THR THR A . n 
A 1 17  PHE 17  29  29  PHE PHE A . n 
A 1 18  ILE 18  30  30  ILE ILE A . n 
A 1 19  VAL 19  31  31  VAL VAL A . n 
A 1 20  THR 20  32  32  THR THR A . n 
A 1 21  ALA 21  33  33  ALA ALA A . n 
A 1 22  GLY 22  34  34  GLY GLY A . n 
A 1 23  ALA 23  35  35  ALA ALA A . n 
A 1 24  ASP 24  36  36  ASP ASP A . n 
A 1 25  GLY 25  37  37  GLY GLY A . n 
A 1 26  ALA 26  38  38  ALA ALA A . n 
A 1 27  LEU 27  39  39  LEU LEU A . n 
A 1 28  THR 28  40  40  THR THR A . n 
A 1 29  GLY 29  41  41  GLY GLY A . n 
A 1 30  THR 30  42  42  THR THR A . n 
A 1 31  TYR 31  43  43  TYR TYR A . n 
A 1 32  GLU 32  44  44  GLU GLU A . n 
A 1 33  SER 33  45  ?   ?   ?   A . n 
A 1 34  ALA 34  46  ?   ?   ?   A . n 
A 1 35  VAL 35  47  ?   ?   ?   A . n 
A 1 36  GLY 36  48  ?   ?   ?   A . n 
A 1 37  ASN 37  49  ?   ?   ?   A . n 
A 1 38  ALA 38  50  50  ALA ALA A . n 
A 1 39  GLU 39  51  51  GLU GLU A . n 
A 1 40  SER 40  52  52  SER SER A . n 
A 1 41  ARG 41  53  53  ARG ARG A . n 
A 1 42  TYR 42  54  54  TYR TYR A . n 
A 1 43  VAL 43  55  55  VAL VAL A . n 
A 1 44  LEU 44  56  56  LEU LEU A . n 
A 1 45  THR 45  57  57  THR THR A . n 
A 1 46  GLY 46  58  58  GLY GLY A . n 
A 1 47  ARG 47  59  59  ARG ARG A . n 
A 1 48  TYR 48  60  60  TYR TYR A . n 
A 1 49  ASP 49  61  61  ASP ASP A . n 
A 1 50  SER 50  62  62  SER SER A . n 
A 1 51  ALA 51  63  63  ALA ALA A . n 
A 1 52  PRO 52  64  64  PRO PRO A . n 
A 1 53  ALA 53  65  65  ALA ALA A . n 
A 1 54  THR 54  66  66  THR THR A . n 
A 1 55  ASP 55  67  67  ASP ASP A . n 
A 1 56  GLY 56  68  68  GLY GLY A . n 
A 1 57  SER 57  69  69  SER SER A . n 
A 1 58  GLY 58  70  70  GLY GLY A . n 
A 1 59  THR 59  71  71  THR THR A . n 
A 1 60  ALA 60  72  72  ALA ALA A . n 
A 1 61  LEU 61  73  73  LEU LEU A . n 
A 1 62  GLY 62  74  74  GLY GLY A . n 
A 1 63  TRP 63  75  75  TRP TRP A . n 
A 1 64  THR 64  76  76  THR THR A . n 
A 1 65  VAL 65  77  77  VAL VAL A . n 
A 1 66  ALA 66  78  78  ALA ALA A . n 
A 1 67  TRP 67  79  79  TRP TRP A . n 
A 1 68  LYS 68  80  80  LYS LYS A . n 
A 1 69  ASN 69  81  81  ASN ASN A . n 
A 1 70  ASN 70  82  82  ASN ASN A . n 
A 1 71  TYR 71  83  83  TYR TYR A . n 
A 1 72  ARG 72  84  84  ARG ARG A . n 
A 1 73  ASN 73  85  85  ASN ASN A . n 
A 1 74  ALA 74  86  86  ALA ALA A . n 
A 1 75  HIS 75  87  87  HIS HIS A . n 
A 1 76  SER 76  88  88  SER SER A . n 
A 1 77  ALA 77  89  89  ALA ALA A . n 
A 1 78  THR 78  90  90  THR THR A . n 
A 1 79  THR 79  91  91  THR THR A . n 
A 1 80  TRP 80  92  92  TRP TRP A . n 
A 1 81  SER 81  93  93  SER SER A . n 
A 1 82  GLY 82  94  94  GLY GLY A . n 
A 1 83  GLN 83  95  95  GLN GLN A . n 
A 1 84  TYR 84  96  96  TYR TYR A . n 
A 1 85  VAL 85  97  97  VAL VAL A . n 
A 1 86  GLY 86  98  98  GLY GLY A . n 
A 1 87  GLY 87  99  99  GLY GLY A . n 
A 1 88  ALA 88  100 100 ALA ALA A . n 
A 1 89  GLU 89  101 101 GLU GLU A . n 
A 1 90  ALA 90  102 102 ALA ALA A . n 
A 1 91  ARG 91  103 103 ARG ARG A . n 
A 1 92  ILE 92  104 104 ILE ILE A . n 
A 1 93  ASN 93  105 105 ASN ASN A . n 
A 1 94  THR 94  106 106 THR THR A . n 
A 1 95  GLN 95  107 107 GLN GLN A . n 
A 1 96  TRP 96  108 108 TRP TRP A . n 
A 1 97  LEU 97  109 109 LEU LEU A . n 
A 1 98  LEU 98  110 110 LEU LEU A . n 
A 1 99  THR 99  111 111 THR THR A . n 
A 1 100 SER 100 112 112 SER SER A . n 
A 1 101 GLY 101 113 113 GLY GLY A . n 
A 1 102 THR 102 114 114 THR THR A . n 
A 1 103 THR 103 115 115 THR THR A . n 
A 1 104 GLU 104 116 116 GLU GLU A . n 
A 1 105 ALA 105 117 117 ALA ALA A . n 
A 1 106 ASN 106 118 118 ASN ASN A . n 
A 1 107 ALA 107 119 119 ALA ALA A . n 
A 1 108 TRP 108 120 120 TRP TRP A . n 
A 1 109 LYS 109 121 121 LYS LYS A . n 
A 1 110 SER 110 122 122 SER SER A . n 
A 1 111 THR 111 123 123 THR THR A . n 
A 1 112 LEU 112 124 124 LEU LEU A . n 
A 1 113 VAL 113 125 125 VAL VAL A . n 
A 1 114 GLY 114 126 126 GLY GLY A . n 
A 1 115 HIS 115 127 127 HIS HIS A . n 
A 1 116 ASP 116 128 128 ASP ASP A . n 
A 1 117 THR 117 129 129 THR THR A . n 
A 1 118 PHE 118 130 130 PHE PHE A . n 
A 1 119 THR 119 131 131 THR THR A . n 
A 1 120 LYS 120 132 132 LYS LYS A . n 
A 1 121 VAL 121 133 133 VAL VAL A . n 
A 1 122 LYS 122 134 ?   ?   ?   A . n 
A 1 123 PRO 123 135 ?   ?   ?   A . n 
A 1 124 SER 124 136 ?   ?   ?   A . n 
A 1 125 ALA 125 137 ?   ?   ?   A . n 
A 1 126 ALA 126 138 ?   ?   ?   A . n 
A 1 127 SER 127 139 ?   ?   ?   A . n 
# 
loop_
_pdbx_nonpoly_scheme.asym_id 
_pdbx_nonpoly_scheme.entity_id 
_pdbx_nonpoly_scheme.mon_id 
_pdbx_nonpoly_scheme.ndb_seq_num 
_pdbx_nonpoly_scheme.pdb_seq_num 
_pdbx_nonpoly_scheme.auth_seq_num 
_pdbx_nonpoly_scheme.pdb_mon_id 
_pdbx_nonpoly_scheme.auth_mon_id 
_pdbx_nonpoly_scheme.pdb_strand_id 
_pdbx_nonpoly_scheme.pdb_ins_code 
B 2 HOH 1  6001 6001 HOH HOH A . 
B 2 HOH 2  6002 6002 HOH HOH A . 
B 2 HOH 3  6003 6003 HOH HOH A . 
B 2 HOH 4  6004 6004 HOH HOH A . 
B 2 HOH 5  6005 6005 HOH HOH A . 
B 2 HOH 6  6006 6006 HOH HOH A . 
B 2 HOH 7  6007 6007 HOH HOH A . 
B 2 HOH 8  6008 6008 HOH HOH A . 
B 2 HOH 9  6009 6009 HOH HOH A . 
B 2 HOH 10 6010 6010 HOH HOH A . 
B 2 HOH 11 6011 6011 HOH HOH A . 
B 2 HOH 12 6012 6012 HOH HOH A . 
B 2 HOH 13 6013 6013 HOH HOH A . 
B 2 HOH 14 6014 6014 HOH HOH A . 
B 2 HOH 15 6015 6015 HOH HOH A . 
B 2 HOH 16 6016 6016 HOH HOH A . 
B 2 HOH 17 6017 6017 HOH HOH A . 
B 2 HOH 18 6018 6018 HOH HOH A . 
B 2 HOH 19 6019 6019 HOH HOH A . 
B 2 HOH 20 6020 6020 HOH HOH A . 
B 2 HOH 21 6021 6021 HOH HOH A . 
B 2 HOH 22 6022 6022 HOH HOH A . 
B 2 HOH 23 6023 6023 HOH HOH A . 
B 2 HOH 24 6024 6024 HOH HOH A . 
B 2 HOH 25 6025 6025 HOH HOH A . 
B 2 HOH 26 6026 6026 HOH HOH A . 
B 2 HOH 27 6027 6027 HOH HOH A . 
B 2 HOH 28 6028 6028 HOH HOH A . 
B 2 HOH 29 6029 6029 HOH HOH A . 
B 2 HOH 30 6030 6030 HOH HOH A . 
B 2 HOH 31 6031 6031 HOH HOH A . 
B 2 HOH 32 6032 6032 HOH HOH A . 
B 2 HOH 33 6033 6033 HOH HOH A . 
B 2 HOH 34 6034 6034 HOH HOH A . 
B 2 HOH 35 6035 6035 HOH HOH A . 
B 2 HOH 36 6036 6036 HOH HOH A . 
B 2 HOH 37 6037 6037 HOH HOH A . 
B 2 HOH 38 6038 6038 HOH HOH A . 
B 2 HOH 39 6039 6039 HOH HOH A . 
B 2 HOH 40 6040 6040 HOH HOH A . 
B 2 HOH 41 6041 6041 HOH HOH A . 
B 2 HOH 42 6042 6042 HOH HOH A . 
B 2 HOH 43 6043 6043 HOH HOH A . 
B 2 HOH 44 6044 6044 HOH HOH A . 
B 2 HOH 45 6045 6045 HOH HOH A . 
B 2 HOH 46 6046 6046 HOH HOH A . 
B 2 HOH 47 6047 6047 HOH HOH A . 
B 2 HOH 48 6048 6048 HOH HOH A . 
B 2 HOH 49 6049 6049 HOH HOH A . 
B 2 HOH 50 6050 6050 HOH HOH A . 
B 2 HOH 51 6051 6051 HOH HOH A . 
B 2 HOH 52 6052 6052 HOH HOH A . 
B 2 HOH 53 6053 6053 HOH HOH A . 
B 2 HOH 54 6054 6054 HOH HOH A . 
B 2 HOH 55 6055 6055 HOH HOH A . 
B 2 HOH 56 6056 6056 HOH HOH A . 
B 2 HOH 57 6057 6057 HOH HOH A . 
B 2 HOH 58 6058 6058 HOH HOH A . 
B 2 HOH 59 6059 6059 HOH HOH A . 
B 2 HOH 60 6060 6060 HOH HOH A . 
B 2 HOH 61 6061 6061 HOH HOH A . 
B 2 HOH 62 6062 6062 HOH HOH A . 
B 2 HOH 63 6063 6063 HOH HOH A . 
# 
loop_
_software.name 
_software.classification 
_software.version 
_software.citation_id 
_software.pdbx_ordinal 
FRAMBO    'data collection' . ? 1 
SAINT     'data reduction'  . ? 2 
SADABS    'data reduction'  . ? 3 
SHELXL-97 refinement        . ? 4 
SAINT     'data scaling'    . ? 5 
SADABS    'data scaling'    . ? 6 
# 
_cell.entry_id           1N4J 
_cell.length_a           59.2 
_cell.length_b           59.2 
_cell.length_c           179.8 
_cell.angle_alpha        90.00 
_cell.angle_beta         90.00 
_cell.angle_gamma        90.00 
_cell.Z_PDB              16 
_cell.pdbx_unique_axis   ? 
# 
_symmetry.entry_id                         1N4J 
_symmetry.space_group_name_H-M             'I 41 2 2' 
_symmetry.pdbx_full_space_group_name_H-M   ? 
_symmetry.cell_setting                     ? 
_symmetry.Int_Tables_number                98 
# 
_exptl.entry_id          1N4J 
_exptl.method            'X-RAY DIFFRACTION' 
_exptl.crystals_number   1 
# 
_exptl_crystal.id                    1 
_exptl_crystal.density_meas          ? 
_exptl_crystal.density_Matthews      2.81 
_exptl_crystal.density_percent_sol   58.65 
_exptl_crystal.description           ? 
# 
_exptl_crystal_grow.crystal_id      1 
_exptl_crystal_grow.method          'VAPOR DIFFUSION, SITTING DROP' 
_exptl_crystal_grow.temp            293 
_exptl_crystal_grow.temp_details    ? 
_exptl_crystal_grow.pH              6.2 
_exptl_crystal_grow.pdbx_details    'PEG4000, phosphate buffer, pH 6.2, VAPOR DIFFUSION, SITTING DROP, temperature 293K' 
_exptl_crystal_grow.pdbx_pH_range   . 
# 
_diffrn.id                     1 
_diffrn.ambient_temp           293 
_diffrn.ambient_temp_details   ? 
_diffrn.crystal_id             1 
# 
_diffrn_detector.diffrn_id              1 
_diffrn_detector.detector               'AREA DETECTOR' 
_diffrn_detector.type                   XENTRONICS 
_diffrn_detector.pdbx_collection_date   1996-07-03 
_diffrn_detector.details                ? 
# 
_diffrn_radiation.diffrn_id                        1 
_diffrn_radiation.wavelength_id                    1 
_diffrn_radiation.pdbx_monochromatic_or_laue_m_l   M 
_diffrn_radiation.monochromator                    graphite 
_diffrn_radiation.pdbx_diffrn_protocol             'SINGLE WAVELENGTH' 
_diffrn_radiation.pdbx_scattering_type             x-ray 
# 
_diffrn_radiation_wavelength.id           1 
_diffrn_radiation_wavelength.wavelength   1.5418 
_diffrn_radiation_wavelength.wt           1.0 
# 
_diffrn_source.diffrn_id                   1 
_diffrn_source.source                      'ROTATING ANODE' 
_diffrn_source.type                        SIEMENS 
_diffrn_source.pdbx_synchrotron_site       ? 
_diffrn_source.pdbx_synchrotron_beamline   ? 
_diffrn_source.pdbx_wavelength             ? 
_diffrn_source.pdbx_wavelength_list        1.5418 
# 
_reflns.entry_id                     1N4J 
_reflns.observed_criterion_sigma_I   0 
_reflns.observed_criterion_sigma_F   ? 
_reflns.d_resolution_low             50 
_reflns.d_resolution_high            2.18 
_reflns.number_obs                   26865 
_reflns.number_all                   26865 
_reflns.percent_possible_obs         86 
_reflns.pdbx_Rmerge_I_obs            0.07 
_reflns.pdbx_Rsym_value              ? 
_reflns.pdbx_netI_over_sigmaI        ? 
_reflns.B_iso_Wilson_estimate        ? 
_reflns.pdbx_redundancy              ? 
_reflns.R_free_details               ? 
_reflns.limit_h_max                  ? 
_reflns.limit_h_min                  ? 
_reflns.limit_k_max                  ? 
_reflns.limit_k_min                  ? 
_reflns.limit_l_max                  ? 
_reflns.limit_l_min                  ? 
_reflns.observed_criterion_F_max     ? 
_reflns.observed_criterion_F_min     ? 
_reflns.pdbx_diffrn_id               1 
_reflns.pdbx_ordinal                 1 
# 
_refine.entry_id                                 1N4J 
_refine.ls_number_reflns_obs                     7392 
_refine.ls_number_reflns_all                     7392 
_refine.pdbx_ls_sigma_I                          ? 
_refine.pdbx_ls_sigma_F                          0.0 
_refine.pdbx_data_cutoff_high_absF               ? 
_refine.pdbx_data_cutoff_low_absF                ? 
_refine.ls_d_res_low                             10.00 
_refine.ls_d_res_high                            2.18 
_refine.ls_percent_reflns_obs                    85.1 
_refine.ls_R_factor_obs                          ? 
_refine.ls_R_factor_all                          ? 
_refine.ls_R_factor_R_work                       0.188 
_refine.ls_R_factor_R_free                       0.2526 
_refine.ls_R_factor_R_free_error                 ? 
_refine.ls_R_factor_R_free_error_details         ? 
_refine.ls_percent_reflns_R_free                 10.0 
_refine.ls_number_reflns_R_free                  739 
_refine.ls_number_parameters                     3649 
_refine.ls_number_restraints                     3560 
_refine.occupancy_min                            ? 
_refine.occupancy_max                            ? 
_refine.correlation_coeff_Fo_to_Fc               ? 
_refine.correlation_coeff_Fo_to_Fc_free          ? 
_refine.B_iso_mean                               ? 
_refine.aniso_B[1][1]                            ? 
_refine.aniso_B[2][2]                            ? 
_refine.aniso_B[3][3]                            ? 
_refine.aniso_B[1][2]                            ? 
_refine.aniso_B[1][3]                            ? 
_refine.aniso_B[2][3]                            ? 
_refine.solvent_model_details                    ? 
_refine.solvent_model_param_ksol                 ? 
_refine.solvent_model_param_bsol                 ? 
_refine.pdbx_solvent_vdw_probe_radii             ? 
_refine.pdbx_solvent_ion_probe_radii             ? 
_refine.pdbx_solvent_shrinkage_radii             ? 
_refine.pdbx_ls_cross_valid_method               'FREE R' 
_refine.details                                  ? 
_refine.pdbx_starting_model                      1RST 
_refine.pdbx_method_to_determine_struct          isomorphous 
_refine.pdbx_isotropic_thermal_model             ? 
_refine.pdbx_stereochemistry_target_values       'ENGH AND HUBER' 
_refine.pdbx_stereochem_target_val_spec_case     ? 
_refine.pdbx_R_Free_selection_details            RANDOM 
_refine.pdbx_overall_ESU_R_Free                  ? 
_refine.overall_SU_B                             ? 
_refine.ls_redundancy_reflns_obs                 ? 
_refine.B_iso_min                                ? 
_refine.B_iso_max                                ? 
_refine.overall_SU_R_Cruickshank_DPI             ? 
_refine.overall_SU_R_free                        ? 
_refine.overall_SU_ML                            ? 
_refine.pdbx_overall_ESU_R                       ? 
_refine.pdbx_data_cutoff_high_rms_absF           ? 
_refine.pdbx_refine_id                           'X-RAY DIFFRACTION' 
_refine.pdbx_diffrn_id                           1 
_refine.pdbx_TLS_residual_ADP_flag               ? 
_refine.pdbx_overall_phase_error                 ? 
_refine.pdbx_overall_SU_R_free_Cruickshank_DPI   ? 
_refine.pdbx_overall_SU_R_Blow_DPI               ? 
_refine.pdbx_overall_SU_R_free_Blow_DPI          ? 
# 
_refine_analyze.entry_id                        1N4J 
_refine_analyze.Luzzati_coordinate_error_obs    ? 
_refine_analyze.Luzzati_sigma_a_obs             ? 
_refine_analyze.Luzzati_d_res_low_obs           ? 
_refine_analyze.Luzzati_coordinate_error_free   ? 
_refine_analyze.Luzzati_sigma_a_free            ? 
_refine_analyze.Luzzati_d_res_low_free          ? 
_refine_analyze.number_disordered_residues      0 
_refine_analyze.occupancy_sum_hydrogen          799.00 
_refine_analyze.occupancy_sum_non_hydrogen      911.50 
_refine_analyze.pdbx_Luzzati_d_res_high_obs     ? 
_refine_analyze.pdbx_refine_id                  'X-RAY DIFFRACTION' 
# 
_refine_hist.pdbx_refine_id                   'X-RAY DIFFRACTION' 
_refine_hist.cycle_id                         LAST 
_refine_hist.pdbx_number_atoms_protein        849 
_refine_hist.pdbx_number_atoms_nucleic_acid   0 
_refine_hist.pdbx_number_atoms_ligand         0 
_refine_hist.number_atoms_solvent             63 
_refine_hist.number_atoms_total               912 
_refine_hist.d_res_high                       2.18 
_refine_hist.d_res_low                        10.00 
# 
loop_
_refine_ls_restr.type 
_refine_ls_restr.dev_ideal 
_refine_ls_restr.dev_ideal_target 
_refine_ls_restr.weight 
_refine_ls_restr.number 
_refine_ls_restr.pdbx_refine_id 
_refine_ls_restr.pdbx_restraint_function 
s_bond_d               0.005  ? ? ? 'X-RAY DIFFRACTION' ? 
s_angle_d              0.022  ? ? ? 'X-RAY DIFFRACTION' ? 
s_similar_dist         0.000  ? ? ? 'X-RAY DIFFRACTION' ? 
s_from_restr_planes    0.0237 ? ? ? 'X-RAY DIFFRACTION' ? 
s_zero_chiral_vol      0.024  ? ? ? 'X-RAY DIFFRACTION' ? 
s_non_zero_chiral_vol  0.034  ? ? ? 'X-RAY DIFFRACTION' ? 
s_anti_bump_dis_restr  0.010  ? ? ? 'X-RAY DIFFRACTION' ? 
s_rigid_bond_adp_cmpnt 0.000  ? ? ? 'X-RAY DIFFRACTION' ? 
s_similar_adp_cmpnt    0.052  ? ? ? 'X-RAY DIFFRACTION' ? 
s_approx_iso_adps      0.000  ? ? ? 'X-RAY DIFFRACTION' ? 
# 
_pdbx_refine.entry_id                                    1N4J 
_pdbx_refine.R_factor_all_no_cutoff                      0.19 
_pdbx_refine.R_factor_obs_no_cutoff                      0.1867 
_pdbx_refine.free_R_factor_no_cutoff                     0.2526 
_pdbx_refine.free_R_val_test_set_size_perc_no_cutoff     10.0 
_pdbx_refine.free_R_val_test_set_ct_no_cutoff            739 
_pdbx_refine.R_factor_all_4sig_cutoff                    0.1617 
_pdbx_refine.R_factor_obs_4sig_cutoff                    0.1579 
_pdbx_refine.free_R_factor_4sig_cutoff                   0.2202 
_pdbx_refine.free_R_val_test_set_size_perc_4sig_cutoff   9.7 
_pdbx_refine.free_R_val_test_set_ct_4sig_cutoff          574 
_pdbx_refine.number_reflns_obs_4sig_cutoff               5898 
_pdbx_refine.number_reflns_obs_no_cutoff                 ? 
_pdbx_refine.pdbx_refine_id                              'X-RAY DIFFRACTION' 
_pdbx_refine.free_R_error_no_cutoff                      ? 
# 
_struct.entry_id                  1N4J 
_struct.title                     'STREPTAVIDIN MUTANT N23A AT 2.18A' 
_struct.pdbx_model_details        ? 
_struct.pdbx_CASP_flag            ? 
_struct.pdbx_model_type_details   ? 
# 
_struct_keywords.entry_id        1N4J 
_struct_keywords.pdbx_keywords   'BIOTIN-BINDING PROTEIN' 
_struct_keywords.text            'homotetramer, BIOTIN-BINDING PROTEIN' 
# 
loop_
_struct_asym.id 
_struct_asym.pdbx_blank_PDB_chainid_flag 
_struct_asym.pdbx_modified 
_struct_asym.entity_id 
_struct_asym.details 
A N N 1 ? 
B N N 2 ? 
# 
_struct_ref.id                         1 
_struct_ref.db_name                    UNP 
_struct_ref.db_code                    SAV_STRAV 
_struct_ref.entity_id                  1 
_struct_ref.pdbx_seq_one_letter_code   
;AEAGITGTWYNQLGSTFIVTAGADGALTGTYESAVGNAESRYVLTGRYDSAPATDGSGTALGWTVAWKNNYRNAHSATTW
SGQYVGGAEARINTQWLLTSGTTEANAWKSTLVGHDTFTKVKPSAAS
;
_struct_ref.pdbx_align_begin           37 
_struct_ref.pdbx_db_accession          P22629 
_struct_ref.pdbx_db_isoform            ? 
# 
_struct_ref_seq.align_id                      1 
_struct_ref_seq.ref_id                        1 
_struct_ref_seq.pdbx_PDB_id_code              1N4J 
_struct_ref_seq.pdbx_strand_id                A 
_struct_ref_seq.seq_align_beg                 1 
_struct_ref_seq.pdbx_seq_align_beg_ins_code   ? 
_struct_ref_seq.seq_align_end                 127 
_struct_ref_seq.pdbx_seq_align_end_ins_code   ? 
_struct_ref_seq.pdbx_db_accession             P22629 
_struct_ref_seq.db_align_beg                  37 
_struct_ref_seq.pdbx_db_align_beg_ins_code    ? 
_struct_ref_seq.db_align_end                  163 
_struct_ref_seq.pdbx_db_align_end_ins_code    ? 
_struct_ref_seq.pdbx_auth_seq_align_beg       13 
_struct_ref_seq.pdbx_auth_seq_align_end       139 
# 
_struct_ref_seq_dif.align_id                     1 
_struct_ref_seq_dif.pdbx_pdb_id_code             1N4J 
_struct_ref_seq_dif.mon_id                       ALA 
_struct_ref_seq_dif.pdbx_pdb_strand_id           A 
_struct_ref_seq_dif.seq_num                      11 
_struct_ref_seq_dif.pdbx_pdb_ins_code            ? 
_struct_ref_seq_dif.pdbx_seq_db_name             UNP 
_struct_ref_seq_dif.pdbx_seq_db_accession_code   P22629 
_struct_ref_seq_dif.db_mon_id                    ASN 
_struct_ref_seq_dif.pdbx_seq_db_seq_num          47 
_struct_ref_seq_dif.details                      'engineered mutation' 
_struct_ref_seq_dif.pdbx_auth_seq_num            23 
_struct_ref_seq_dif.pdbx_ordinal                 1 
# 
_pdbx_struct_assembly.id                   1 
_pdbx_struct_assembly.details              author_defined_assembly 
_pdbx_struct_assembly.method_details       ? 
_pdbx_struct_assembly.oligomeric_details   tetrameric 
_pdbx_struct_assembly.oligomeric_count     4 
# 
_pdbx_struct_assembly_gen.assembly_id       1 
_pdbx_struct_assembly_gen.oper_expression   1,2,3,4 
_pdbx_struct_assembly_gen.asym_id_list      A,B 
# 
loop_
_pdbx_struct_oper_list.id 
_pdbx_struct_oper_list.type 
_pdbx_struct_oper_list.name 
_pdbx_struct_oper_list.symmetry_operation 
_pdbx_struct_oper_list.matrix[1][1] 
_pdbx_struct_oper_list.matrix[1][2] 
_pdbx_struct_oper_list.matrix[1][3] 
_pdbx_struct_oper_list.vector[1] 
_pdbx_struct_oper_list.matrix[2][1] 
_pdbx_struct_oper_list.matrix[2][2] 
_pdbx_struct_oper_list.matrix[2][3] 
_pdbx_struct_oper_list.vector[2] 
_pdbx_struct_oper_list.matrix[3][1] 
_pdbx_struct_oper_list.matrix[3][2] 
_pdbx_struct_oper_list.matrix[3][3] 
_pdbx_struct_oper_list.vector[3] 
1 'identity operation'         1_555  x,y,z      1.0000000000  0.0000000000  0.0000000000  0.0000000000  0.0000000000  1.0000000000  0.0000000000  0.0000000000  0.0000000000  0.0000000000  1.0000000000  0.0000000000  
2 'crystal symmetry operation' 15_556 y,x,-z+1   0.7025253996  0.6969431107  0.1439734811  -0.5425088482 0.6969431107  -0.7147004681 0.0589367570  -1.7564290322 0.1439734811  0.0589367570  -0.9878249316 14.9177903504 
3 'crystal symmetry operation' 10_555 -x,-y,z    -0.7073890755 -0.6657589632 -0.2374146139 26.5945595892 -0.6657589632 0.5147588825  0.5401743199  5.9548871169  -0.2374146139 0.5401743199  -0.8073698070 16.0787877974 
4 'crystal symmetry operation' 8_556  -y,-x,-z+1 -0.9951363242 -0.0311841476 0.0934411328  24.6059813576 -0.0311841476 -0.8000584144 -0.5991110769 13.4701370567 0.0934411328  -0.5991110769 0.7951947385  3.2146359524 
# 
_struct_biol.id                    1 
_struct_biol.pdbx_parent_biol_id   ? 
_struct_biol.details               ? 
# 
_struct_conf.conf_type_id            HELX_P 
_struct_conf.id                      HELX_P1 
_struct_conf.pdbx_PDB_helix_id       1 
_struct_conf.beg_label_comp_id       ASN 
_struct_conf.beg_label_asym_id       A 
_struct_conf.beg_label_seq_id        106 
_struct_conf.pdbx_beg_PDB_ins_code   ? 
_struct_conf.end_label_comp_id       LYS 
_struct_conf.end_label_asym_id       A 
_struct_conf.end_label_seq_id        109 
_struct_conf.pdbx_end_PDB_ins_code   ? 
_struct_conf.beg_auth_comp_id        ASN 
_struct_conf.beg_auth_asym_id        A 
_struct_conf.beg_auth_seq_id         118 
_struct_conf.end_auth_comp_id        LYS 
_struct_conf.end_auth_asym_id        A 
_struct_conf.end_auth_seq_id         121 
_struct_conf.pdbx_PDB_helix_class    5 
_struct_conf.details                 ? 
_struct_conf.pdbx_PDB_helix_length   4 
# 
_struct_conf_type.id          HELX_P 
_struct_conf_type.criteria    ? 
_struct_conf_type.reference   ? 
# 
_struct_sheet.id               A 
_struct_sheet.type             ? 
_struct_sheet.number_strands   9 
_struct_sheet.details          ? 
# 
loop_
_struct_sheet_order.sheet_id 
_struct_sheet_order.range_id_1 
_struct_sheet_order.range_id_2 
_struct_sheet_order.offset 
_struct_sheet_order.sense 
A 1 2 ? anti-parallel 
A 2 3 ? anti-parallel 
A 3 4 ? anti-parallel 
A 4 5 ? anti-parallel 
A 5 6 ? anti-parallel 
A 6 7 ? anti-parallel 
A 7 8 ? anti-parallel 
A 8 9 ? anti-parallel 
# 
loop_
_struct_sheet_range.sheet_id 
_struct_sheet_range.id 
_struct_sheet_range.beg_label_comp_id 
_struct_sheet_range.beg_label_asym_id 
_struct_sheet_range.beg_label_seq_id 
_struct_sheet_range.pdbx_beg_PDB_ins_code 
_struct_sheet_range.end_label_comp_id 
_struct_sheet_range.end_label_asym_id 
_struct_sheet_range.end_label_seq_id 
_struct_sheet_range.pdbx_end_PDB_ins_code 
_struct_sheet_range.beg_auth_comp_id 
_struct_sheet_range.beg_auth_asym_id 
_struct_sheet_range.beg_auth_seq_id 
_struct_sheet_range.end_auth_comp_id 
_struct_sheet_range.end_auth_asym_id 
_struct_sheet_range.end_auth_seq_id 
A 1 GLY A 7   ? ALA A 11  ? GLY A 19  ALA A 23  
A 2 THR A 16  ? ALA A 21  ? THR A 28  ALA A 33  
A 3 ALA A 26  ? GLU A 32  ? ALA A 38  GLU A 44  
A 4 TYR A 42  ? TYR A 48  ? TYR A 54  TYR A 60  
A 5 THR A 59  ? LYS A 68  ? THR A 71  LYS A 80  
A 6 ASN A 73  ? VAL A 85  ? ASN A 85  VAL A 97  
A 7 ARG A 91  ? SER A 100 ? ARG A 103 SER A 112 
A 8 THR A 111 ? THR A 119 ? THR A 123 THR A 131 
A 9 GLY A 7   ? ALA A 11  ? GLY A 19  ALA A 23  
# 
loop_
_pdbx_struct_sheet_hbond.sheet_id 
_pdbx_struct_sheet_hbond.range_id_1 
_pdbx_struct_sheet_hbond.range_id_2 
_pdbx_struct_sheet_hbond.range_1_label_atom_id 
_pdbx_struct_sheet_hbond.range_1_label_comp_id 
_pdbx_struct_sheet_hbond.range_1_label_asym_id 
_pdbx_struct_sheet_hbond.range_1_label_seq_id 
_pdbx_struct_sheet_hbond.range_1_PDB_ins_code 
_pdbx_struct_sheet_hbond.range_1_auth_atom_id 
_pdbx_struct_sheet_hbond.range_1_auth_comp_id 
_pdbx_struct_sheet_hbond.range_1_auth_asym_id 
_pdbx_struct_sheet_hbond.range_1_auth_seq_id 
_pdbx_struct_sheet_hbond.range_2_label_atom_id 
_pdbx_struct_sheet_hbond.range_2_label_comp_id 
_pdbx_struct_sheet_hbond.range_2_label_asym_id 
_pdbx_struct_sheet_hbond.range_2_label_seq_id 
_pdbx_struct_sheet_hbond.range_2_PDB_ins_code 
_pdbx_struct_sheet_hbond.range_2_auth_atom_id 
_pdbx_struct_sheet_hbond.range_2_auth_comp_id 
_pdbx_struct_sheet_hbond.range_2_auth_asym_id 
_pdbx_struct_sheet_hbond.range_2_auth_seq_id 
A 1 2 N TRP A 9   ? N TRP A 21  O PHE A 17  ? O PHE A 29  
A 2 3 N THR A 20  ? N THR A 32  O THR A 28  ? O THR A 40  
A 3 4 N TYR A 31  ? N TYR A 43  O TYR A 42  ? O TYR A 54  
A 4 5 N THR A 45  ? N THR A 57  O THR A 64  ? O THR A 76  
A 5 6 N TRP A 63  ? N TRP A 75  O TRP A 80  ? O TRP A 92  
A 6 7 N VAL A 85  ? N VAL A 97  O ARG A 91  ? O ARG A 103 
A 7 8 N THR A 94  ? N THR A 106 O ASP A 116 ? O ASP A 128 
A 8 9 O THR A 119 ? O THR A 131 N TYR A 10  ? N TYR A 22  
# 
_pdbx_validate_torsion.id              1 
_pdbx_validate_torsion.PDB_model_num   1 
_pdbx_validate_torsion.auth_comp_id    GLU 
_pdbx_validate_torsion.auth_asym_id    A 
_pdbx_validate_torsion.auth_seq_id     101 
_pdbx_validate_torsion.PDB_ins_code    ? 
_pdbx_validate_torsion.label_alt_id    ? 
_pdbx_validate_torsion.phi             -111.61 
_pdbx_validate_torsion.psi             61.64 
# 
_pdbx_struct_special_symmetry.id              1 
_pdbx_struct_special_symmetry.PDB_model_num   1 
_pdbx_struct_special_symmetry.auth_asym_id    A 
_pdbx_struct_special_symmetry.auth_comp_id    HOH 
_pdbx_struct_special_symmetry.auth_seq_id     6036 
_pdbx_struct_special_symmetry.PDB_ins_code    ? 
_pdbx_struct_special_symmetry.label_asym_id   B 
_pdbx_struct_special_symmetry.label_comp_id   HOH 
_pdbx_struct_special_symmetry.label_seq_id    . 
# 
loop_
_pdbx_unobs_or_zero_occ_residues.id 
_pdbx_unobs_or_zero_occ_residues.PDB_model_num 
_pdbx_unobs_or_zero_occ_residues.polymer_flag 
_pdbx_unobs_or_zero_occ_residues.occupancy_flag 
_pdbx_unobs_or_zero_occ_residues.auth_asym_id 
_pdbx_unobs_or_zero_occ_residues.auth_comp_id 
_pdbx_unobs_or_zero_occ_residues.auth_seq_id 
_pdbx_unobs_or_zero_occ_residues.PDB_ins_code 
_pdbx_unobs_or_zero_occ_residues.label_asym_id 
_pdbx_unobs_or_zero_occ_residues.label_comp_id 
_pdbx_unobs_or_zero_occ_residues.label_seq_id 
1  1 Y 1 A ALA 13  ? A ALA 1   
2  1 Y 1 A GLU 14  ? A GLU 2   
3  1 Y 1 A ALA 15  ? A ALA 3   
4  1 Y 1 A SER 45  ? A SER 33  
5  1 Y 1 A ALA 46  ? A ALA 34  
6  1 Y 1 A VAL 47  ? A VAL 35  
7  1 Y 1 A GLY 48  ? A GLY 36  
8  1 Y 1 A ASN 49  ? A ASN 37  
9  1 Y 1 A LYS 134 ? A LYS 122 
10 1 Y 1 A PRO 135 ? A PRO 123 
11 1 Y 1 A SER 136 ? A SER 124 
12 1 Y 1 A ALA 137 ? A ALA 125 
13 1 Y 1 A ALA 138 ? A ALA 126 
14 1 Y 1 A SER 139 ? A SER 127 
# 
loop_
_chem_comp_atom.comp_id 
_chem_comp_atom.atom_id 
_chem_comp_atom.type_symbol 
_chem_comp_atom.pdbx_aromatic_flag 
_chem_comp_atom.pdbx_stereo_config 
_chem_comp_atom.pdbx_ordinal 
ALA N    N N N 1   
ALA CA   C N S 2   
ALA C    C N N 3   
ALA O    O N N 4   
ALA CB   C N N 5   
ALA OXT  O N N 6   
ALA H    H N N 7   
ALA H2   H N N 8   
ALA HA   H N N 9   
ALA HB1  H N N 10  
ALA HB2  H N N 11  
ALA HB3  H N N 12  
ALA HXT  H N N 13  
ARG N    N N N 14  
ARG CA   C N S 15  
ARG C    C N N 16  
ARG O    O N N 17  
ARG CB   C N N 18  
ARG CG   C N N 19  
ARG CD   C N N 20  
ARG NE   N N N 21  
ARG CZ   C N N 22  
ARG NH1  N N N 23  
ARG NH2  N N N 24  
ARG OXT  O N N 25  
ARG H    H N N 26  
ARG H2   H N N 27  
ARG HA   H N N 28  
ARG HB2  H N N 29  
ARG HB3  H N N 30  
ARG HG2  H N N 31  
ARG HG3  H N N 32  
ARG HD2  H N N 33  
ARG HD3  H N N 34  
ARG HE   H N N 35  
ARG HH11 H N N 36  
ARG HH12 H N N 37  
ARG HH21 H N N 38  
ARG HH22 H N N 39  
ARG HXT  H N N 40  
ASN N    N N N 41  
ASN CA   C N S 42  
ASN C    C N N 43  
ASN O    O N N 44  
ASN CB   C N N 45  
ASN CG   C N N 46  
ASN OD1  O N N 47  
ASN ND2  N N N 48  
ASN OXT  O N N 49  
ASN H    H N N 50  
ASN H2   H N N 51  
ASN HA   H N N 52  
ASN HB2  H N N 53  
ASN HB3  H N N 54  
ASN HD21 H N N 55  
ASN HD22 H N N 56  
ASN HXT  H N N 57  
ASP N    N N N 58  
ASP CA   C N S 59  
ASP C    C N N 60  
ASP O    O N N 61  
ASP CB   C N N 62  
ASP CG   C N N 63  
ASP OD1  O N N 64  
ASP OD2  O N N 65  
ASP OXT  O N N 66  
ASP H    H N N 67  
ASP H2   H N N 68  
ASP HA   H N N 69  
ASP HB2  H N N 70  
ASP HB3  H N N 71  
ASP HD2  H N N 72  
ASP HXT  H N N 73  
GLN N    N N N 74  
GLN CA   C N S 75  
GLN C    C N N 76  
GLN O    O N N 77  
GLN CB   C N N 78  
GLN CG   C N N 79  
GLN CD   C N N 80  
GLN OE1  O N N 81  
GLN NE2  N N N 82  
GLN OXT  O N N 83  
GLN H    H N N 84  
GLN H2   H N N 85  
GLN HA   H N N 86  
GLN HB2  H N N 87  
GLN HB3  H N N 88  
GLN HG2  H N N 89  
GLN HG3  H N N 90  
GLN HE21 H N N 91  
GLN HE22 H N N 92  
GLN HXT  H N N 93  
GLU N    N N N 94  
GLU CA   C N S 95  
GLU C    C N N 96  
GLU O    O N N 97  
GLU CB   C N N 98  
GLU CG   C N N 99  
GLU CD   C N N 100 
GLU OE1  O N N 101 
GLU OE2  O N N 102 
GLU OXT  O N N 103 
GLU H    H N N 104 
GLU H2   H N N 105 
GLU HA   H N N 106 
GLU HB2  H N N 107 
GLU HB3  H N N 108 
GLU HG2  H N N 109 
GLU HG3  H N N 110 
GLU HE2  H N N 111 
GLU HXT  H N N 112 
GLY N    N N N 113 
GLY CA   C N N 114 
GLY C    C N N 115 
GLY O    O N N 116 
GLY OXT  O N N 117 
GLY H    H N N 118 
GLY H2   H N N 119 
GLY HA2  H N N 120 
GLY HA3  H N N 121 
GLY HXT  H N N 122 
HIS N    N N N 123 
HIS CA   C N S 124 
HIS C    C N N 125 
HIS O    O N N 126 
HIS CB   C N N 127 
HIS CG   C Y N 128 
HIS ND1  N Y N 129 
HIS CD2  C Y N 130 
HIS CE1  C Y N 131 
HIS NE2  N Y N 132 
HIS OXT  O N N 133 
HIS H    H N N 134 
HIS H2   H N N 135 
HIS HA   H N N 136 
HIS HB2  H N N 137 
HIS HB3  H N N 138 
HIS HD1  H N N 139 
HIS HD2  H N N 140 
HIS HE1  H N N 141 
HIS HE2  H N N 142 
HIS HXT  H N N 143 
HOH O    O N N 144 
HOH H1   H N N 145 
HOH H2   H N N 146 
ILE N    N N N 147 
ILE CA   C N S 148 
ILE C    C N N 149 
ILE O    O N N 150 
ILE CB   C N S 151 
ILE CG1  C N N 152 
ILE CG2  C N N 153 
ILE CD1  C N N 154 
ILE OXT  O N N 155 
ILE H    H N N 156 
ILE H2   H N N 157 
ILE HA   H N N 158 
ILE HB   H N N 159 
ILE HG12 H N N 160 
ILE HG13 H N N 161 
ILE HG21 H N N 162 
ILE HG22 H N N 163 
ILE HG23 H N N 164 
ILE HD11 H N N 165 
ILE HD12 H N N 166 
ILE HD13 H N N 167 
ILE HXT  H N N 168 
LEU N    N N N 169 
LEU CA   C N S 170 
LEU C    C N N 171 
LEU O    O N N 172 
LEU CB   C N N 173 
LEU CG   C N N 174 
LEU CD1  C N N 175 
LEU CD2  C N N 176 
LEU OXT  O N N 177 
LEU H    H N N 178 
LEU H2   H N N 179 
LEU HA   H N N 180 
LEU HB2  H N N 181 
LEU HB3  H N N 182 
LEU HG   H N N 183 
LEU HD11 H N N 184 
LEU HD12 H N N 185 
LEU HD13 H N N 186 
LEU HD21 H N N 187 
LEU HD22 H N N 188 
LEU HD23 H N N 189 
LEU HXT  H N N 190 
LYS N    N N N 191 
LYS CA   C N S 192 
LYS C    C N N 193 
LYS O    O N N 194 
LYS CB   C N N 195 
LYS CG   C N N 196 
LYS CD   C N N 197 
LYS CE   C N N 198 
LYS NZ   N N N 199 
LYS OXT  O N N 200 
LYS H    H N N 201 
LYS H2   H N N 202 
LYS HA   H N N 203 
LYS HB2  H N N 204 
LYS HB3  H N N 205 
LYS HG2  H N N 206 
LYS HG3  H N N 207 
LYS HD2  H N N 208 
LYS HD3  H N N 209 
LYS HE2  H N N 210 
LYS HE3  H N N 211 
LYS HZ1  H N N 212 
LYS HZ2  H N N 213 
LYS HZ3  H N N 214 
LYS HXT  H N N 215 
PHE N    N N N 216 
PHE CA   C N S 217 
PHE C    C N N 218 
PHE O    O N N 219 
PHE CB   C N N 220 
PHE CG   C Y N 221 
PHE CD1  C Y N 222 
PHE CD2  C Y N 223 
PHE CE1  C Y N 224 
PHE CE2  C Y N 225 
PHE CZ   C Y N 226 
PHE OXT  O N N 227 
PHE H    H N N 228 
PHE H2   H N N 229 
PHE HA   H N N 230 
PHE HB2  H N N 231 
PHE HB3  H N N 232 
PHE HD1  H N N 233 
PHE HD2  H N N 234 
PHE HE1  H N N 235 
PHE HE2  H N N 236 
PHE HZ   H N N 237 
PHE HXT  H N N 238 
PRO N    N N N 239 
PRO CA   C N S 240 
PRO C    C N N 241 
PRO O    O N N 242 
PRO CB   C N N 243 
PRO CG   C N N 244 
PRO CD   C N N 245 
PRO OXT  O N N 246 
PRO H    H N N 247 
PRO HA   H N N 248 
PRO HB2  H N N 249 
PRO HB3  H N N 250 
PRO HG2  H N N 251 
PRO HG3  H N N 252 
PRO HD2  H N N 253 
PRO HD3  H N N 254 
PRO HXT  H N N 255 
SER N    N N N 256 
SER CA   C N S 257 
SER C    C N N 258 
SER O    O N N 259 
SER CB   C N N 260 
SER OG   O N N 261 
SER OXT  O N N 262 
SER H    H N N 263 
SER H2   H N N 264 
SER HA   H N N 265 
SER HB2  H N N 266 
SER HB3  H N N 267 
SER HG   H N N 268 
SER HXT  H N N 269 
THR N    N N N 270 
THR CA   C N S 271 
THR C    C N N 272 
THR O    O N N 273 
THR CB   C N R 274 
THR OG1  O N N 275 
THR CG2  C N N 276 
THR OXT  O N N 277 
THR H    H N N 278 
THR H2   H N N 279 
THR HA   H N N 280 
THR HB   H N N 281 
THR HG1  H N N 282 
THR HG21 H N N 283 
THR HG22 H N N 284 
THR HG23 H N N 285 
THR HXT  H N N 286 
TRP N    N N N 287 
TRP CA   C N S 288 
TRP C    C N N 289 
TRP O    O N N 290 
TRP CB   C N N 291 
TRP CG   C Y N 292 
TRP CD1  C Y N 293 
TRP CD2  C Y N 294 
TRP NE1  N Y N 295 
TRP CE2  C Y N 296 
TRP CE3  C Y N 297 
TRP CZ2  C Y N 298 
TRP CZ3  C Y N 299 
TRP CH2  C Y N 300 
TRP OXT  O N N 301 
TRP H    H N N 302 
TRP H2   H N N 303 
TRP HA   H N N 304 
TRP HB2  H N N 305 
TRP HB3  H N N 306 
TRP HD1  H N N 307 
TRP HE1  H N N 308 
TRP HE3  H N N 309 
TRP HZ2  H N N 310 
TRP HZ3  H N N 311 
TRP HH2  H N N 312 
TRP HXT  H N N 313 
TYR N    N N N 314 
TYR CA   C N S 315 
TYR C    C N N 316 
TYR O    O N N 317 
TYR CB   C N N 318 
TYR CG   C Y N 319 
TYR CD1  C Y N 320 
TYR CD2  C Y N 321 
TYR CE1  C Y N 322 
TYR CE2  C Y N 323 
TYR CZ   C Y N 324 
TYR OH   O N N 325 
TYR OXT  O N N 326 
TYR H    H N N 327 
TYR H2   H N N 328 
TYR HA   H N N 329 
TYR HB2  H N N 330 
TYR HB3  H N N 331 
TYR HD1  H N N 332 
TYR HD2  H N N 333 
TYR HE1  H N N 334 
TYR HE2  H N N 335 
TYR HH   H N N 336 
TYR HXT  H N N 337 
VAL N    N N N 338 
VAL CA   C N S 339 
VAL C    C N N 340 
VAL O    O N N 341 
VAL CB   C N N 342 
VAL CG1  C N N 343 
VAL CG2  C N N 344 
VAL OXT  O N N 345 
VAL H    H N N 346 
VAL H2   H N N 347 
VAL HA   H N N 348 
VAL HB   H N N 349 
VAL HG11 H N N 350 
VAL HG12 H N N 351 
VAL HG13 H N N 352 
VAL HG21 H N N 353 
VAL HG22 H N N 354 
VAL HG23 H N N 355 
VAL HXT  H N N 356 
# 
loop_
_chem_comp_bond.comp_id 
_chem_comp_bond.atom_id_1 
_chem_comp_bond.atom_id_2 
_chem_comp_bond.value_order 
_chem_comp_bond.pdbx_aromatic_flag 
_chem_comp_bond.pdbx_stereo_config 
_chem_comp_bond.pdbx_ordinal 
ALA N   CA   sing N N 1   
ALA N   H    sing N N 2   
ALA N   H2   sing N N 3   
ALA CA  C    sing N N 4   
ALA CA  CB   sing N N 5   
ALA CA  HA   sing N N 6   
ALA C   O    doub N N 7   
ALA C   OXT  sing N N 8   
ALA CB  HB1  sing N N 9   
ALA CB  HB2  sing N N 10  
ALA CB  HB3  sing N N 11  
ALA OXT HXT  sing N N 12  
ARG N   CA   sing N N 13  
ARG N   H    sing N N 14  
ARG N   H2   sing N N 15  
ARG CA  C    sing N N 16  
ARG CA  CB   sing N N 17  
ARG CA  HA   sing N N 18  
ARG C   O    doub N N 19  
ARG C   OXT  sing N N 20  
ARG CB  CG   sing N N 21  
ARG CB  HB2  sing N N 22  
ARG CB  HB3  sing N N 23  
ARG CG  CD   sing N N 24  
ARG CG  HG2  sing N N 25  
ARG CG  HG3  sing N N 26  
ARG CD  NE   sing N N 27  
ARG CD  HD2  sing N N 28  
ARG CD  HD3  sing N N 29  
ARG NE  CZ   sing N N 30  
ARG NE  HE   sing N N 31  
ARG CZ  NH1  sing N N 32  
ARG CZ  NH2  doub N N 33  
ARG NH1 HH11 sing N N 34  
ARG NH1 HH12 sing N N 35  
ARG NH2 HH21 sing N N 36  
ARG NH2 HH22 sing N N 37  
ARG OXT HXT  sing N N 38  
ASN N   CA   sing N N 39  
ASN N   H    sing N N 40  
ASN N   H2   sing N N 41  
ASN CA  C    sing N N 42  
ASN CA  CB   sing N N 43  
ASN CA  HA   sing N N 44  
ASN C   O    doub N N 45  
ASN C   OXT  sing N N 46  
ASN CB  CG   sing N N 47  
ASN CB  HB2  sing N N 48  
ASN CB  HB3  sing N N 49  
ASN CG  OD1  doub N N 50  
ASN CG  ND2  sing N N 51  
ASN ND2 HD21 sing N N 52  
ASN ND2 HD22 sing N N 53  
ASN OXT HXT  sing N N 54  
ASP N   CA   sing N N 55  
ASP N   H    sing N N 56  
ASP N   H2   sing N N 57  
ASP CA  C    sing N N 58  
ASP CA  CB   sing N N 59  
ASP CA  HA   sing N N 60  
ASP C   O    doub N N 61  
ASP C   OXT  sing N N 62  
ASP CB  CG   sing N N 63  
ASP CB  HB2  sing N N 64  
ASP CB  HB3  sing N N 65  
ASP CG  OD1  doub N N 66  
ASP CG  OD2  sing N N 67  
ASP OD2 HD2  sing N N 68  
ASP OXT HXT  sing N N 69  
GLN N   CA   sing N N 70  
GLN N   H    sing N N 71  
GLN N   H2   sing N N 72  
GLN CA  C    sing N N 73  
GLN CA  CB   sing N N 74  
GLN CA  HA   sing N N 75  
GLN C   O    doub N N 76  
GLN C   OXT  sing N N 77  
GLN CB  CG   sing N N 78  
GLN CB  HB2  sing N N 79  
GLN CB  HB3  sing N N 80  
GLN CG  CD   sing N N 81  
GLN CG  HG2  sing N N 82  
GLN CG  HG3  sing N N 83  
GLN CD  OE1  doub N N 84  
GLN CD  NE2  sing N N 85  
GLN NE2 HE21 sing N N 86  
GLN NE2 HE22 sing N N 87  
GLN OXT HXT  sing N N 88  
GLU N   CA   sing N N 89  
GLU N   H    sing N N 90  
GLU N   H2   sing N N 91  
GLU CA  C    sing N N 92  
GLU CA  CB   sing N N 93  
GLU CA  HA   sing N N 94  
GLU C   O    doub N N 95  
GLU C   OXT  sing N N 96  
GLU CB  CG   sing N N 97  
GLU CB  HB2  sing N N 98  
GLU CB  HB3  sing N N 99  
GLU CG  CD   sing N N 100 
GLU CG  HG2  sing N N 101 
GLU CG  HG3  sing N N 102 
GLU CD  OE1  doub N N 103 
GLU CD  OE2  sing N N 104 
GLU OE2 HE2  sing N N 105 
GLU OXT HXT  sing N N 106 
GLY N   CA   sing N N 107 
GLY N   H    sing N N 108 
GLY N   H2   sing N N 109 
GLY CA  C    sing N N 110 
GLY CA  HA2  sing N N 111 
GLY CA  HA3  sing N N 112 
GLY C   O    doub N N 113 
GLY C   OXT  sing N N 114 
GLY OXT HXT  sing N N 115 
HIS N   CA   sing N N 116 
HIS N   H    sing N N 117 
HIS N   H2   sing N N 118 
HIS CA  C    sing N N 119 
HIS CA  CB   sing N N 120 
HIS CA  HA   sing N N 121 
HIS C   O    doub N N 122 
HIS C   OXT  sing N N 123 
HIS CB  CG   sing N N 124 
HIS CB  HB2  sing N N 125 
HIS CB  HB3  sing N N 126 
HIS CG  ND1  sing Y N 127 
HIS CG  CD2  doub Y N 128 
HIS ND1 CE1  doub Y N 129 
HIS ND1 HD1  sing N N 130 
HIS CD2 NE2  sing Y N 131 
HIS CD2 HD2  sing N N 132 
HIS CE1 NE2  sing Y N 133 
HIS CE1 HE1  sing N N 134 
HIS NE2 HE2  sing N N 135 
HIS OXT HXT  sing N N 136 
HOH O   H1   sing N N 137 
HOH O   H2   sing N N 138 
ILE N   CA   sing N N 139 
ILE N   H    sing N N 140 
ILE N   H2   sing N N 141 
ILE CA  C    sing N N 142 
ILE CA  CB   sing N N 143 
ILE CA  HA   sing N N 144 
ILE C   O    doub N N 145 
ILE C   OXT  sing N N 146 
ILE CB  CG1  sing N N 147 
ILE CB  CG2  sing N N 148 
ILE CB  HB   sing N N 149 
ILE CG1 CD1  sing N N 150 
ILE CG1 HG12 sing N N 151 
ILE CG1 HG13 sing N N 152 
ILE CG2 HG21 sing N N 153 
ILE CG2 HG22 sing N N 154 
ILE CG2 HG23 sing N N 155 
ILE CD1 HD11 sing N N 156 
ILE CD1 HD12 sing N N 157 
ILE CD1 HD13 sing N N 158 
ILE OXT HXT  sing N N 159 
LEU N   CA   sing N N 160 
LEU N   H    sing N N 161 
LEU N   H2   sing N N 162 
LEU CA  C    sing N N 163 
LEU CA  CB   sing N N 164 
LEU CA  HA   sing N N 165 
LEU C   O    doub N N 166 
LEU C   OXT  sing N N 167 
LEU CB  CG   sing N N 168 
LEU CB  HB2  sing N N 169 
LEU CB  HB3  sing N N 170 
LEU CG  CD1  sing N N 171 
LEU CG  CD2  sing N N 172 
LEU CG  HG   sing N N 173 
LEU CD1 HD11 sing N N 174 
LEU CD1 HD12 sing N N 175 
LEU CD1 HD13 sing N N 176 
LEU CD2 HD21 sing N N 177 
LEU CD2 HD22 sing N N 178 
LEU CD2 HD23 sing N N 179 
LEU OXT HXT  sing N N 180 
LYS N   CA   sing N N 181 
LYS N   H    sing N N 182 
LYS N   H2   sing N N 183 
LYS CA  C    sing N N 184 
LYS CA  CB   sing N N 185 
LYS CA  HA   sing N N 186 
LYS C   O    doub N N 187 
LYS C   OXT  sing N N 188 
LYS CB  CG   sing N N 189 
LYS CB  HB2  sing N N 190 
LYS CB  HB3  sing N N 191 
LYS CG  CD   sing N N 192 
LYS CG  HG2  sing N N 193 
LYS CG  HG3  sing N N 194 
LYS CD  CE   sing N N 195 
LYS CD  HD2  sing N N 196 
LYS CD  HD3  sing N N 197 
LYS CE  NZ   sing N N 198 
LYS CE  HE2  sing N N 199 
LYS CE  HE3  sing N N 200 
LYS NZ  HZ1  sing N N 201 
LYS NZ  HZ2  sing N N 202 
LYS NZ  HZ3  sing N N 203 
LYS OXT HXT  sing N N 204 
PHE N   CA   sing N N 205 
PHE N   H    sing N N 206 
PHE N   H2   sing N N 207 
PHE CA  C    sing N N 208 
PHE CA  CB   sing N N 209 
PHE CA  HA   sing N N 210 
PHE C   O    doub N N 211 
PHE C   OXT  sing N N 212 
PHE CB  CG   sing N N 213 
PHE CB  HB2  sing N N 214 
PHE CB  HB3  sing N N 215 
PHE CG  CD1  doub Y N 216 
PHE CG  CD2  sing Y N 217 
PHE CD1 CE1  sing Y N 218 
PHE CD1 HD1  sing N N 219 
PHE CD2 CE2  doub Y N 220 
PHE CD2 HD2  sing N N 221 
PHE CE1 CZ   doub Y N 222 
PHE CE1 HE1  sing N N 223 
PHE CE2 CZ   sing Y N 224 
PHE CE2 HE2  sing N N 225 
PHE CZ  HZ   sing N N 226 
PHE OXT HXT  sing N N 227 
PRO N   CA   sing N N 228 
PRO N   CD   sing N N 229 
PRO N   H    sing N N 230 
PRO CA  C    sing N N 231 
PRO CA  CB   sing N N 232 
PRO CA  HA   sing N N 233 
PRO C   O    doub N N 234 
PRO C   OXT  sing N N 235 
PRO CB  CG   sing N N 236 
PRO CB  HB2  sing N N 237 
PRO CB  HB3  sing N N 238 
PRO CG  CD   sing N N 239 
PRO CG  HG2  sing N N 240 
PRO CG  HG3  sing N N 241 
PRO CD  HD2  sing N N 242 
PRO CD  HD3  sing N N 243 
PRO OXT HXT  sing N N 244 
SER N   CA   sing N N 245 
SER N   H    sing N N 246 
SER N   H2   sing N N 247 
SER CA  C    sing N N 248 
SER CA  CB   sing N N 249 
SER CA  HA   sing N N 250 
SER C   O    doub N N 251 
SER C   OXT  sing N N 252 
SER CB  OG   sing N N 253 
SER CB  HB2  sing N N 254 
SER CB  HB3  sing N N 255 
SER OG  HG   sing N N 256 
SER OXT HXT  sing N N 257 
THR N   CA   sing N N 258 
THR N   H    sing N N 259 
THR N   H2   sing N N 260 
THR CA  C    sing N N 261 
THR CA  CB   sing N N 262 
THR CA  HA   sing N N 263 
THR C   O    doub N N 264 
THR C   OXT  sing N N 265 
THR CB  OG1  sing N N 266 
THR CB  CG2  sing N N 267 
THR CB  HB   sing N N 268 
THR OG1 HG1  sing N N 269 
THR CG2 HG21 sing N N 270 
THR CG2 HG22 sing N N 271 
THR CG2 HG23 sing N N 272 
THR OXT HXT  sing N N 273 
TRP N   CA   sing N N 274 
TRP N   H    sing N N 275 
TRP N   H2   sing N N 276 
TRP CA  C    sing N N 277 
TRP CA  CB   sing N N 278 
TRP CA  HA   sing N N 279 
TRP C   O    doub N N 280 
TRP C   OXT  sing N N 281 
TRP CB  CG   sing N N 282 
TRP CB  HB2  sing N N 283 
TRP CB  HB3  sing N N 284 
TRP CG  CD1  doub Y N 285 
TRP CG  CD2  sing Y N 286 
TRP CD1 NE1  sing Y N 287 
TRP CD1 HD1  sing N N 288 
TRP CD2 CE2  doub Y N 289 
TRP CD2 CE3  sing Y N 290 
TRP NE1 CE2  sing Y N 291 
TRP NE1 HE1  sing N N 292 
TRP CE2 CZ2  sing Y N 293 
TRP CE3 CZ3  doub Y N 294 
TRP CE3 HE3  sing N N 295 
TRP CZ2 CH2  doub Y N 296 
TRP CZ2 HZ2  sing N N 297 
TRP CZ3 CH2  sing Y N 298 
TRP CZ3 HZ3  sing N N 299 
TRP CH2 HH2  sing N N 300 
TRP OXT HXT  sing N N 301 
TYR N   CA   sing N N 302 
TYR N   H    sing N N 303 
TYR N   H2   sing N N 304 
TYR CA  C    sing N N 305 
TYR CA  CB   sing N N 306 
TYR CA  HA   sing N N 307 
TYR C   O    doub N N 308 
TYR C   OXT  sing N N 309 
TYR CB  CG   sing N N 310 
TYR CB  HB2  sing N N 311 
TYR CB  HB3  sing N N 312 
TYR CG  CD1  doub Y N 313 
TYR CG  CD2  sing Y N 314 
TYR CD1 CE1  sing Y N 315 
TYR CD1 HD1  sing N N 316 
TYR CD2 CE2  doub Y N 317 
TYR CD2 HD2  sing N N 318 
TYR CE1 CZ   doub Y N 319 
TYR CE1 HE1  sing N N 320 
TYR CE2 CZ   sing Y N 321 
TYR CE2 HE2  sing N N 322 
TYR CZ  OH   sing N N 323 
TYR OH  HH   sing N N 324 
TYR OXT HXT  sing N N 325 
VAL N   CA   sing N N 326 
VAL N   H    sing N N 327 
VAL N   H2   sing N N 328 
VAL CA  C    sing N N 329 
VAL CA  CB   sing N N 330 
VAL CA  HA   sing N N 331 
VAL C   O    doub N N 332 
VAL C   OXT  sing N N 333 
VAL CB  CG1  sing N N 334 
VAL CB  CG2  sing N N 335 
VAL CB  HB   sing N N 336 
VAL CG1 HG11 sing N N 337 
VAL CG1 HG12 sing N N 338 
VAL CG1 HG13 sing N N 339 
VAL CG2 HG21 sing N N 340 
VAL CG2 HG22 sing N N 341 
VAL CG2 HG23 sing N N 342 
VAL OXT HXT  sing N N 343 
# 
_pdbx_initial_refinement_model.id               1 
_pdbx_initial_refinement_model.entity_id_list   ? 
_pdbx_initial_refinement_model.type             'experimental model' 
_pdbx_initial_refinement_model.source_name      PDB 
_pdbx_initial_refinement_model.accession_code   1RST 
_pdbx_initial_refinement_model.details          ? 
# 
_atom_sites.entry_id                    1N4J 
_atom_sites.fract_transf_matrix[1][1]   -0.01160944 
_atom_sites.fract_transf_matrix[1][2]   -0.00073468 
_atom_sites.fract_transf_matrix[1][3]   -0.01224830 
_atom_sites.fract_transf_matrix[2][1]   -0.01043139 
_atom_sites.fract_transf_matrix[2][2]   -0.00828791 
_atom_sites.fract_transf_matrix[2][3]   0.01038443 
_atom_sites.fract_transf_matrix[3][1]   -0.00212746 
_atom_sites.fract_transf_matrix[3][2]   0.00484047 
_atom_sites.fract_transf_matrix[3][3]   0.00172615 
_atom_sites.fract_transf_vector[1]      0.255030 
_atom_sites.fract_transf_vector[2]      0.079901 
_atom_sites.fract_transf_vector[3]      0.490823 
# 
loop_
_atom_type.symbol 
C 
N 
O 
# 
loop_
_atom_site.group_PDB 
_atom_site.id 
_atom_site.type_symbol 
_atom_site.label_atom_id 
_atom_site.label_alt_id 
_atom_site.label_comp_id 
_atom_site.label_asym_id 
_atom_site.label_entity_id 
_atom_site.label_seq_id 
_atom_site.pdbx_PDB_ins_code 
_atom_site.Cartn_x 
_atom_site.Cartn_y 
_atom_site.Cartn_z 
_atom_site.occupancy 
_atom_site.B_iso_or_equiv 
_atom_site.pdbx_formal_charge 
_atom_site.auth_seq_id 
_atom_site.auth_comp_id 
_atom_site.auth_asym_id 
_atom_site.auth_atom_id 
_atom_site.pdbx_PDB_model_num 
ATOM   1   N N   . GLY A 1 4   ? -11.870 9.608   -6.160  1.00 40.39 ? 16   GLY A N   1 
ATOM   2   C CA  . GLY A 1 4   ? -10.477 10.004  -6.277  1.00 27.82 ? 16   GLY A CA  1 
ATOM   3   C C   . GLY A 1 4   ? -9.511  8.860   -6.055  1.00 26.88 ? 16   GLY A C   1 
ATOM   4   O O   . GLY A 1 4   ? -8.531  8.722   -6.783  1.00 25.78 ? 16   GLY A O   1 
ATOM   5   N N   . ILE A 1 5   ? -9.758  8.023   -5.046  1.00 25.33 ? 17   ILE A N   1 
ATOM   6   C CA  . ILE A 1 5   ? -8.810  6.974   -4.706  1.00 20.99 ? 17   ILE A CA  1 
ATOM   7   C C   . ILE A 1 5   ? -9.179  5.620   -5.277  1.00 19.00 ? 17   ILE A C   1 
ATOM   8   O O   . ILE A 1 5   ? -8.336  4.803   -5.638  1.00 17.47 ? 17   ILE A O   1 
ATOM   9   C CB  . ILE A 1 5   ? -8.694  6.868   -3.174  1.00 22.47 ? 17   ILE A CB  1 
ATOM   10  C CG1 . ILE A 1 5   ? -8.139  8.139   -2.531  1.00 25.10 ? 17   ILE A CG1 1 
ATOM   11  C CG2 . ILE A 1 5   ? -7.863  5.651   -2.810  1.00 24.33 ? 17   ILE A CG2 1 
ATOM   12  C CD1 . ILE A 1 5   ? -8.372  8.247   -1.048  1.00 27.66 ? 17   ILE A CD1 1 
ATOM   13  N N   . THR A 1 6   ? -10.476 5.363   -5.365  1.00 20.08 ? 18   THR A N   1 
ATOM   14  C CA  . THR A 1 6   ? -10.930 4.116   -5.967  1.00 22.06 ? 18   THR A CA  1 
ATOM   15  C C   . THR A 1 6   ? -10.363 3.958   -7.369  1.00 24.94 ? 18   THR A C   1 
ATOM   16  O O   . THR A 1 6   ? -10.319 4.970   -8.074  1.00 25.22 ? 18   THR A O   1 
ATOM   17  C CB  . THR A 1 6   ? -12.464 4.124   -6.018  1.00 23.31 ? 18   THR A CB  1 
ATOM   18  O OG1 . THR A 1 6   ? -12.913 4.125   -4.658  1.00 24.01 ? 18   THR A OG1 1 
ATOM   19  C CG2 . THR A 1 6   ? -13.014 2.886   -6.702  1.00 22.23 ? 18   THR A CG2 1 
ATOM   20  N N   . GLY A 1 7   ? -9.941  2.758   -7.749  1.00 26.58 ? 19   GLY A N   1 
ATOM   21  C CA  . GLY A 1 7   ? -9.384  2.500   -9.064  1.00 24.69 ? 19   GLY A CA  1 
ATOM   22  C C   . GLY A 1 7   ? -8.050  1.787   -9.070  1.00 23.41 ? 19   GLY A C   1 
ATOM   23  O O   . GLY A 1 7   ? -7.633  1.243   -8.045  1.00 18.99 ? 19   GLY A O   1 
ATOM   24  N N   . THR A 1 8   ? -7.390  1.796   -10.221 1.00 21.28 ? 20   THR A N   1 
ATOM   25  C CA  . THR A 1 8   ? -6.140  1.085   -10.483 1.00 19.69 ? 20   THR A CA  1 
ATOM   26  C C   . THR A 1 8   ? -4.925  2.008   -10.407 1.00 17.90 ? 20   THR A C   1 
ATOM   27  O O   . THR A 1 8   ? -4.874  3.087   -10.997 1.00 15.67 ? 20   THR A O   1 
ATOM   28  C CB  . THR A 1 8   ? -6.200  0.382   -11.860 1.00 19.37 ? 20   THR A CB  1 
ATOM   29  O OG1 . THR A 1 8   ? -7.362  -0.460  -11.950 1.00 21.70 ? 20   THR A OG1 1 
ATOM   30  C CG2 . THR A 1 8   ? -5.016  -0.544  -12.089 1.00 15.17 ? 20   THR A CG2 1 
ATOM   31  N N   . TRP A 1 9   ? -3.899  1.599   -9.663  1.00 15.57 ? 21   TRP A N   1 
ATOM   32  C CA  . TRP A 1 9   ? -2.682  2.375   -9.507  1.00 14.12 ? 21   TRP A CA  1 
ATOM   33  C C   . TRP A 1 9   ? -1.468  1.557   -9.935  1.00 17.62 ? 21   TRP A C   1 
ATOM   34  O O   . TRP A 1 9   ? -1.455  0.335   -9.776  1.00 18.59 ? 21   TRP A O   1 
ATOM   35  C CB  . TRP A 1 9   ? -2.565  2.836   -8.056  1.00 15.87 ? 21   TRP A CB  1 
ATOM   36  C CG  . TRP A 1 9   ? -3.638  3.807   -7.673  1.00 17.15 ? 21   TRP A CG  1 
ATOM   37  C CD1 . TRP A 1 9   ? -4.880  3.502   -7.199  1.00 19.91 ? 21   TRP A CD1 1 
ATOM   38  C CD2 . TRP A 1 9   ? -3.568  5.236   -7.731  1.00 17.02 ? 21   TRP A CD2 1 
ATOM   39  N NE1 . TRP A 1 9   ? -5.589  4.658   -6.957  1.00 19.92 ? 21   TRP A NE1 1 
ATOM   40  C CE2 . TRP A 1 9   ? -4.802  5.736   -7.277  1.00 16.99 ? 21   TRP A CE2 1 
ATOM   41  C CE3 . TRP A 1 9   ? -2.581  6.144   -8.126  1.00 18.00 ? 21   TRP A CE3 1 
ATOM   42  C CZ2 . TRP A 1 9   ? -5.075  7.101   -7.205  1.00 15.99 ? 21   TRP A CZ2 1 
ATOM   43  C CZ3 . TRP A 1 9   ? -2.848  7.495   -8.051  1.00 16.66 ? 21   TRP A CZ3 1 
ATOM   44  C CH2 . TRP A 1 9   ? -4.083  7.959   -7.595  1.00 18.00 ? 21   TRP A CH2 1 
ATOM   45  N N   . TYR A 1 10  ? -0.472  2.240   -10.491 1.00 18.38 ? 22   TYR A N   1 
ATOM   46  C CA  . TYR A 1 10  ? 0.707   1.609   -11.069 1.00 20.72 ? 22   TYR A CA  1 
ATOM   47  C C   . TYR A 1 10  ? 1.995   2.091   -10.417 1.00 22.92 ? 22   TYR A C   1 
ATOM   48  O O   . TYR A 1 10  ? 2.278   3.283   -10.289 1.00 19.40 ? 22   TYR A O   1 
ATOM   49  C CB  . TYR A 1 10  ? 0.745   1.899   -12.570 1.00 21.05 ? 22   TYR A CB  1 
ATOM   50  C CG  . TYR A 1 10  ? -0.478  1.434   -13.331 1.00 23.85 ? 22   TYR A CG  1 
ATOM   51  C CD1 . TYR A 1 10  ? -0.670  0.081   -13.598 1.00 27.27 ? 22   TYR A CD1 1 
ATOM   52  C CD2 . TYR A 1 10  ? -1.452  2.310   -13.793 1.00 21.73 ? 22   TYR A CD2 1 
ATOM   53  C CE1 . TYR A 1 10  ? -1.785  -0.366  -14.292 1.00 27.50 ? 22   TYR A CE1 1 
ATOM   54  C CE2 . TYR A 1 10  ? -2.568  1.875   -14.490 1.00 22.82 ? 22   TYR A CE2 1 
ATOM   55  C CZ  . TYR A 1 10  ? -2.735  0.529   -14.742 1.00 24.75 ? 22   TYR A CZ  1 
ATOM   56  O OH  . TYR A 1 10  ? -3.831  0.061   -15.429 1.00 21.77 ? 22   TYR A OH  1 
ATOM   57  N N   . ALA A 1 11  ? 2.845   1.169   -9.971  1.00 24.28 ? 23   ALA A N   1 
ATOM   58  C CA  . ALA A 1 11  ? 4.095   1.631   -9.355  1.00 30.45 ? 23   ALA A CA  1 
ATOM   59  C C   . ALA A 1 11  ? 5.171   1.707   -10.432 1.00 38.78 ? 23   ALA A C   1 
ATOM   60  O O   . ALA A 1 11  ? 5.032   1.064   -11.477 1.00 33.82 ? 23   ALA A O   1 
ATOM   61  C CB  . ALA A 1 11  ? 4.487   0.742   -8.198  1.00 27.18 ? 23   ALA A CB  1 
ATOM   62  N N   . GLN A 1 12  ? 6.201   2.495   -10.174 1.00 48.91 ? 24   GLN A N   1 
ATOM   63  C CA  . GLN A 1 12  ? 7.217   2.864   -11.157 1.00 57.88 ? 24   GLN A CA  1 
ATOM   64  C C   . GLN A 1 12  ? 7.917   1.664   -11.786 1.00 59.00 ? 24   GLN A C   1 
ATOM   65  O O   . GLN A 1 12  ? 8.474   1.755   -12.883 1.00 50.12 ? 24   GLN A O   1 
ATOM   66  C CB  . GLN A 1 12  ? 8.225   3.805   -10.485 1.00 63.50 ? 24   GLN A CB  1 
ATOM   67  C CG  . GLN A 1 12  ? 7.563   4.975   -9.771  1.00 69.42 ? 24   GLN A CG  1 
ATOM   68  C CD  . GLN A 1 12  ? 6.477   5.672   -10.565 1.00 75.68 ? 24   GLN A CD  1 
ATOM   69  O OE1 . GLN A 1 12  ? 5.279   5.501   -10.317 1.00 77.48 ? 24   GLN A OE1 1 
ATOM   70  N NE2 . GLN A 1 12  ? 6.864   6.492   -11.542 1.00 87.20 ? 24   GLN A NE2 1 
ATOM   71  N N   . LEU A 1 13  ? 7.859   0.543   -11.080 1.00 61.82 ? 25   LEU A N   1 
ATOM   72  C CA  . LEU A 1 13  ? 8.511   -0.701  -11.423 1.00 63.26 ? 25   LEU A CA  1 
ATOM   73  C C   . LEU A 1 13  ? 7.651   -1.790  -12.040 1.00 61.39 ? 25   LEU A C   1 
ATOM   74  O O   . LEU A 1 13  ? 8.167   -2.874  -12.351 1.00 61.53 ? 25   LEU A O   1 
ATOM   75  C CB  . LEU A 1 13  ? 9.143   -1.258  -10.122 1.00 66.98 ? 25   LEU A CB  1 
ATOM   76  C CG  . LEU A 1 13  ? 10.667  -1.375  -10.252 1.00 72.82 ? 25   LEU A CG  1 
ATOM   77  C CD1 . LEU A 1 13  ? 11.009  -2.323  -11.395 1.00 85.56 ? 25   LEU A CD1 1 
ATOM   78  C CD2 . LEU A 1 13  ? 11.309  -0.014  -10.476 1.00 76.83 ? 25   LEU A CD2 1 
ATOM   79  N N   . GLY A 1 14  ? 6.355   -1.583  -12.245 1.00 58.88 ? 26   GLY A N   1 
ATOM   80  C CA  . GLY A 1 14  ? 5.524   -2.626  -12.832 1.00 56.06 ? 26   GLY A CA  1 
ATOM   81  C C   . GLY A 1 14  ? 4.376   -3.051  -11.934 1.00 52.38 ? 26   GLY A C   1 
ATOM   82  O O   . GLY A 1 14  ? 3.289   -3.386  -12.424 1.00 62.09 ? 26   GLY A O   1 
ATOM   83  N N   . SER A 1 15  ? 4.581   -3.043  -10.616 1.00 43.04 ? 27   SER A N   1 
ATOM   84  C CA  . SER A 1 15  ? 3.527   -3.458  -9.698  1.00 36.47 ? 27   SER A CA  1 
ATOM   85  C C   . SER A 1 15  ? 2.242   -2.668  -9.904  1.00 27.22 ? 27   SER A C   1 
ATOM   86  O O   . SER A 1 15  ? 2.226   -1.488  -10.241 1.00 23.97 ? 27   SER A O   1 
ATOM   87  C CB  . SER A 1 15  ? 3.988   -3.318  -8.243  1.00 42.06 ? 27   SER A CB  1 
ATOM   88  O OG  . SER A 1 15  ? 4.922   -4.326  -7.899  1.00 57.66 ? 27   SER A OG  1 
ATOM   89  N N   . THR A 1 16  ? 1.121   -3.338  -9.683  1.00 25.07 ? 28   THR A N   1 
ATOM   90  C CA  . THR A 1 16  ? -0.187  -2.718  -9.805  1.00 28.77 ? 28   THR A CA  1 
ATOM   91  C C   . THR A 1 16  ? -1.042  -2.952  -8.572  1.00 30.82 ? 28   THR A C   1 
ATOM   92  O O   . THR A 1 16  ? -0.976  -4.021  -7.955  1.00 28.26 ? 28   THR A O   1 
ATOM   93  C CB  . THR A 1 16  ? -0.959  -3.289  -11.016 1.00 30.14 ? 28   THR A CB  1 
ATOM   94  O OG1 . THR A 1 16  ? -0.115  -3.245  -12.168 1.00 37.93 ? 28   THR A OG1 1 
ATOM   95  C CG2 . THR A 1 16  ? -2.170  -2.424  -11.293 1.00 37.50 ? 28   THR A CG2 1 
ATOM   96  N N   . PHE A 1 17  ? -1.867  -1.970  -8.202  1.00 32.63 ? 29   PHE A N   1 
ATOM   97  C CA  . PHE A 1 17  ? -2.790  -2.281  -7.088  1.00 33.63 ? 29   PHE A CA  1 
ATOM   98  C C   . PHE A 1 17  ? -4.180  -1.731  -7.406  1.00 28.85 ? 29   PHE A C   1 
ATOM   99  O O   . PHE A 1 17  ? -4.359  -0.636  -7.928  1.00 26.25 ? 29   PHE A O   1 
ATOM   100 C CB  . PHE A 1 17  ? -2.249  -1.831  -5.760  1.00 36.45 ? 29   PHE A CB  1 
ATOM   101 C CG  . PHE A 1 17  ? -2.317  -0.465  -5.152  1.00 36.09 ? 29   PHE A CG  1 
ATOM   102 C CD1 . PHE A 1 17  ? -3.442  -0.026  -4.477  1.00 37.92 ? 29   PHE A CD1 1 
ATOM   103 C CD2 . PHE A 1 17  ? -1.234  0.398   -5.226  1.00 38.01 ? 29   PHE A CD2 1 
ATOM   104 C CE1 . PHE A 1 17  ? -3.500  1.223   -3.892  1.00 38.17 ? 29   PHE A CE1 1 
ATOM   105 C CE2 . PHE A 1 17  ? -1.289  1.657   -4.662  1.00 38.31 ? 29   PHE A CE2 1 
ATOM   106 C CZ  . PHE A 1 17  ? -2.424  2.079   -3.996  1.00 36.51 ? 29   PHE A CZ  1 
ATOM   107 N N   . ILE A 1 18  ? -5.155  -2.575  -7.083  1.00 24.14 ? 30   ILE A N   1 
ATOM   108 C CA  . ILE A 1 18  ? -6.551  -2.227  -7.304  1.00 21.96 ? 30   ILE A CA  1 
ATOM   109 C C   . ILE A 1 18  ? -7.265  -2.099  -5.970  1.00 20.91 ? 30   ILE A C   1 
ATOM   110 O O   . ILE A 1 18  ? -7.257  -3.008  -5.149  1.00 25.13 ? 30   ILE A O   1 
ATOM   111 C CB  . ILE A 1 18  ? -7.205  -3.265  -8.229  1.00 25.00 ? 30   ILE A CB  1 
ATOM   112 C CG1 . ILE A 1 18  ? -6.386  -3.458  -9.510  1.00 29.23 ? 30   ILE A CG1 1 
ATOM   113 C CG2 . ILE A 1 18  ? -8.643  -2.897  -8.532  1.00 19.37 ? 30   ILE A CG2 1 
ATOM   114 C CD1 . ILE A 1 18  ? -6.508  -4.803  -10.174 1.00 34.86 ? 30   ILE A CD1 1 
ATOM   115 N N   . VAL A 1 19  ? -7.871  -0.933  -5.755  1.00 20.03 ? 31   VAL A N   1 
ATOM   116 C CA  . VAL A 1 19  ? -8.427  -0.611  -4.457  1.00 20.24 ? 31   VAL A CA  1 
ATOM   117 C C   . VAL A 1 19  ? -9.789  0.073   -4.516  1.00 22.37 ? 31   VAL A C   1 
ATOM   118 O O   . VAL A 1 19  ? -10.048 0.877   -5.411  1.00 21.97 ? 31   VAL A O   1 
ATOM   119 C CB  . VAL A 1 19  ? -7.472  0.333   -3.697  1.00 20.45 ? 31   VAL A CB  1 
ATOM   120 C CG1 . VAL A 1 19  ? -7.349  1.661   -4.424  1.00 21.52 ? 31   VAL A CG1 1 
ATOM   121 C CG2 . VAL A 1 19  ? -7.972  0.551   -2.282  1.00 23.32 ? 31   VAL A CG2 1 
ATOM   122 N N   . THR A 1 20  ? -10.618 -0.252  -3.529  1.00 23.27 ? 32   THR A N   1 
ATOM   123 C CA  . THR A 1 20  ? -11.892 0.379   -3.260  1.00 22.51 ? 32   THR A CA  1 
ATOM   124 C C   . THR A 1 20  ? -11.931 1.128   -1.932  1.00 23.53 ? 32   THR A C   1 
ATOM   125 O O   . THR A 1 20  ? -11.698 0.543   -0.873  1.00 24.32 ? 32   THR A O   1 
ATOM   126 C CB  . THR A 1 20  ? -13.017 -0.674  -3.223  1.00 22.43 ? 32   THR A CB  1 
ATOM   127 O OG1 . THR A 1 20  ? -13.140 -1.229  -4.533  1.00 26.61 ? 32   THR A OG1 1 
ATOM   128 C CG2 . THR A 1 20  ? -14.317 0.010   -2.867  1.00 22.25 ? 32   THR A CG2 1 
ATOM   129 N N   . ALA A 1 21  ? -12.231 2.421   -1.992  1.00 24.04 ? 33   ALA A N   1 
ATOM   130 C CA  . ALA A 1 21  ? -12.270 3.244   -0.782  1.00 25.32 ? 33   ALA A CA  1 
ATOM   131 C C   . ALA A 1 21  ? -13.700 3.453   -0.308  1.00 26.24 ? 33   ALA A C   1 
ATOM   132 O O   . ALA A 1 21  ? -14.494 4.123   -0.967  1.00 29.78 ? 33   ALA A O   1 
ATOM   133 C CB  . ALA A 1 21  ? -11.579 4.579   -1.027  1.00 22.80 ? 33   ALA A CB  1 
ATOM   134 N N   . GLY A 1 22  ? -14.029 2.873   0.838   1.00 27.11 ? 34   GLY A N   1 
ATOM   135 C CA  . GLY A 1 22  ? -15.385 2.916   1.363   1.00 27.91 ? 34   GLY A CA  1 
ATOM   136 C C   . GLY A 1 22  ? -15.706 4.230   2.038   1.00 28.21 ? 34   GLY A C   1 
ATOM   137 O O   . GLY A 1 22  ? -14.829 5.042   2.333   1.00 26.29 ? 34   GLY A O   1 
ATOM   138 N N   . ALA A 1 23  ? -16.990 4.451   2.292   1.00 31.74 ? 35   ALA A N   1 
ATOM   139 C CA  . ALA A 1 23  ? -17.452 5.706   2.874   1.00 34.96 ? 35   ALA A CA  1 
ATOM   140 C C   . ALA A 1 23  ? -17.055 5.865   4.341   1.00 35.45 ? 35   ALA A C   1 
ATOM   141 O O   . ALA A 1 23  ? -17.011 6.970   4.880   1.00 36.81 ? 35   ALA A O   1 
ATOM   142 C CB  . ALA A 1 23  ? -18.965 5.773   2.718   1.00 41.65 ? 35   ALA A CB  1 
ATOM   143 N N   . ASP A 1 24  ? -16.765 4.750   4.979   1.00 32.70 ? 36   ASP A N   1 
ATOM   144 C CA  . ASP A 1 24  ? -16.395 4.572   6.356   1.00 33.93 ? 36   ASP A CA  1 
ATOM   145 C C   . ASP A 1 24  ? -14.923 4.794   6.656   1.00 30.40 ? 36   ASP A C   1 
ATOM   146 O O   . ASP A 1 24  ? -14.508 4.684   7.811   1.00 27.23 ? 36   ASP A O   1 
ATOM   147 C CB  . ASP A 1 24  ? -16.716 3.121   6.757   1.00 40.60 ? 36   ASP A CB  1 
ATOM   148 C CG  . ASP A 1 24  ? -16.309 2.085   5.731   1.00 44.32 ? 36   ASP A CG  1 
ATOM   149 O OD1 . ASP A 1 24  ? -16.032 2.405   4.557   1.00 43.77 ? 36   ASP A OD1 1 
ATOM   150 O OD2 . ASP A 1 24  ? -16.270 0.889   6.114   1.00 52.02 ? 36   ASP A OD2 1 
ATOM   151 N N   . GLY A 1 25  ? -14.109 5.066   5.645   1.00 29.69 ? 37   GLY A N   1 
ATOM   152 C CA  . GLY A 1 25  ? -12.677 5.195   5.868   1.00 31.16 ? 37   GLY A CA  1 
ATOM   153 C C   . GLY A 1 25  ? -11.901 3.912   5.621   1.00 29.22 ? 37   GLY A C   1 
ATOM   154 O O   . GLY A 1 25  ? -10.733 3.787   6.009   1.00 26.37 ? 37   GLY A O   1 
ATOM   155 N N   . ALA A 1 26  ? -12.531 2.942   4.955   1.00 26.99 ? 38   ALA A N   1 
ATOM   156 C CA  . ALA A 1 26  ? -11.875 1.695   4.608   1.00 24.82 ? 38   ALA A CA  1 
ATOM   157 C C   . ALA A 1 26  ? -11.336 1.631   3.168   1.00 21.62 ? 38   ALA A C   1 
ATOM   158 O O   . ALA A 1 26  ? -11.910 2.173   2.234   1.00 21.06 ? 38   ALA A O   1 
ATOM   159 C CB  . ALA A 1 26  ? -12.811 0.511   4.804   1.00 20.11 ? 38   ALA A CB  1 
ATOM   160 N N   . LEU A 1 27  ? -10.228 0.925   3.042   1.00 19.20 ? 39   LEU A N   1 
ATOM   161 C CA  . LEU A 1 27  ? -9.492  0.500   1.889   1.00 18.02 ? 39   LEU A CA  1 
ATOM   162 C C   . LEU A 1 27  ? -9.493  -1.029  1.805   1.00 17.59 ? 39   LEU A C   1 
ATOM   163 O O   . LEU A 1 27  ? -9.065  -1.675  2.764   1.00 15.71 ? 39   LEU A O   1 
ATOM   164 C CB  . LEU A 1 27  ? -8.036  0.972   1.966   1.00 15.90 ? 39   LEU A CB  1 
ATOM   165 C CG  . LEU A 1 27  ? -7.826  2.482   1.968   1.00 16.57 ? 39   LEU A CG  1 
ATOM   166 C CD1 . LEU A 1 27  ? -6.347  2.823   2.068   1.00 21.15 ? 39   LEU A CD1 1 
ATOM   167 C CD2 . LEU A 1 27  ? -8.449  3.076   0.717   1.00 18.26 ? 39   LEU A CD2 1 
ATOM   168 N N   . THR A 1 28  ? -9.958  -1.572  0.697   1.00 17.83 ? 40   THR A N   1 
ATOM   169 C CA  . THR A 1 28  ? -9.916  -2.992  0.382   1.00 20.18 ? 40   THR A CA  1 
ATOM   170 C C   . THR A 1 28  ? -9.560  -3.242  -1.087  1.00 18.72 ? 40   THR A C   1 
ATOM   171 O O   . THR A 1 28  ? -9.926  -2.463  -1.974  1.00 18.67 ? 40   THR A O   1 
ATOM   172 C CB  . THR A 1 28  ? -11.264 -3.670  0.687   1.00 23.87 ? 40   THR A CB  1 
ATOM   173 O OG1 . THR A 1 28  ? -12.290 -3.029  -0.084  1.00 34.43 ? 40   THR A OG1 1 
ATOM   174 C CG2 . THR A 1 28  ? -11.647 -3.498  2.148   1.00 31.12 ? 40   THR A CG2 1 
ATOM   175 N N   . GLY A 1 29  ? -8.845  -4.333  -1.373  1.00 14.05 ? 41   GLY A N   1 
ATOM   176 C CA  . GLY A 1 29  ? -8.457  -4.653  -2.721  1.00 11.42 ? 41   GLY A CA  1 
ATOM   177 C C   . GLY A 1 29  ? -7.416  -5.736  -2.873  1.00 14.67 ? 41   GLY A C   1 
ATOM   178 O O   . GLY A 1 29  ? -7.329  -6.645  -2.047  1.00 13.61 ? 41   GLY A O   1 
ATOM   179 N N   . THR A 1 30  ? -6.631  -5.624  -3.947  1.00 18.37 ? 42   THR A N   1 
ATOM   180 C CA  . THR A 1 30  ? -5.569  -6.564  -4.260  1.00 18.87 ? 42   THR A CA  1 
ATOM   181 C C   . THR A 1 30  ? -4.320  -5.898  -4.826  1.00 15.56 ? 42   THR A C   1 
ATOM   182 O O   . THR A 1 30  ? -4.402  -4.854  -5.461  1.00 21.24 ? 42   THR A O   1 
ATOM   183 C CB  . THR A 1 30  ? -6.060  -7.607  -5.287  1.00 22.19 ? 42   THR A CB  1 
ATOM   184 O OG1 . THR A 1 30  ? -6.619  -6.911  -6.396  1.00 33.29 ? 42   THR A OG1 1 
ATOM   185 C CG2 . THR A 1 30  ? -7.179  -8.463  -4.714  1.00 24.31 ? 42   THR A CG2 1 
ATOM   186 N N   . TYR A 1 31  ? -3.175  -6.507  -4.593  1.00 17.64 ? 43   TYR A N   1 
ATOM   187 C CA  . TYR A 1 31  ? -1.845  -6.177  -5.062  1.00 20.95 ? 43   TYR A CA  1 
ATOM   188 C C   . TYR A 1 31  ? -1.333  -7.262  -6.006  1.00 25.19 ? 43   TYR A C   1 
ATOM   189 O O   . TYR A 1 31  ? -1.300  -8.452  -5.690  1.00 25.81 ? 43   TYR A O   1 
ATOM   190 C CB  . TYR A 1 31  ? -0.855  -6.022  -3.907  1.00 22.26 ? 43   TYR A CB  1 
ATOM   191 C CG  . TYR A 1 31  ? 0.414   -5.248  -4.177  1.00 26.01 ? 43   TYR A CG  1 
ATOM   192 C CD1 . TYR A 1 31  ? 1.540   -5.865  -4.705  1.00 27.42 ? 43   TYR A CD1 1 
ATOM   193 C CD2 . TYR A 1 31  ? 0.505   -3.886  -3.899  1.00 27.47 ? 43   TYR A CD2 1 
ATOM   194 C CE1 . TYR A 1 31  ? 2.702   -5.159  -4.950  1.00 30.00 ? 43   TYR A CE1 1 
ATOM   195 C CE2 . TYR A 1 31  ? 1.660   -3.172  -4.142  1.00 30.27 ? 43   TYR A CE2 1 
ATOM   196 C CZ  . TYR A 1 31  ? 2.760   -3.812  -4.668  1.00 32.15 ? 43   TYR A CZ  1 
ATOM   197 O OH  . TYR A 1 31  ? 3.917   -3.100  -4.912  1.00 42.92 ? 43   TYR A OH  1 
ATOM   198 N N   . GLU A 1 32  ? -0.910  -6.862  -7.204  1.00 28.31 ? 44   GLU A N   1 
ATOM   199 C CA  . GLU A 1 32  ? -0.392  -7.876  -8.129  1.00 33.25 ? 44   GLU A CA  1 
ATOM   200 C C   . GLU A 1 32  ? 1.037   -7.550  -8.537  1.00 34.30 ? 44   GLU A C   1 
ATOM   201 O O   . GLU A 1 32  ? 1.347   -6.350  -8.684  1.00 30.90 ? 44   GLU A O   1 
ATOM   202 C CB  . GLU A 1 32  ? -1.331  -7.996  -9.335  1.00 36.91 ? 44   GLU A CB  1 
ATOM   203 C CG  . GLU A 1 32  ? -2.790  -7.859  -8.904  1.00 45.86 ? 44   GLU A CG  1 
ATOM   204 C CD  . GLU A 1 32  ? -3.789  -7.969  -10.034 1.00 52.72 ? 44   GLU A CD  1 
ATOM   205 O OE1 . GLU A 1 32  ? -5.009  -8.002  -9.741  1.00 60.86 ? 44   GLU A OE1 1 
ATOM   206 O OE2 . GLU A 1 32  ? -3.366  -8.021  -11.210 1.00 52.74 ? 44   GLU A OE2 1 
ATOM   207 N N   . ALA A 1 38  ? -1.734  -14.442 -11.323 1.00 38.91 ? 50   ALA A N   1 
ATOM   208 C CA  . ALA A 1 38  ? -2.586  -15.091 -10.321 1.00 43.26 ? 50   ALA A CA  1 
ATOM   209 C C   . ALA A 1 38  ? -1.795  -15.785 -9.219  1.00 39.86 ? 50   ALA A C   1 
ATOM   210 O O   . ALA A 1 38  ? -2.184  -15.812 -8.050  1.00 37.04 ? 50   ALA A O   1 
ATOM   211 C CB  . ALA A 1 38  ? -3.533  -16.081 -10.979 1.00 46.54 ? 50   ALA A CB  1 
ATOM   212 N N   . GLU A 1 39  ? -0.637  -16.357 -9.557  1.00 35.94 ? 51   GLU A N   1 
ATOM   213 C CA  . GLU A 1 39  ? 0.220   -16.853 -8.495  1.00 35.24 ? 51   GLU A CA  1 
ATOM   214 C C   . GLU A 1 39  ? 0.806   -15.642 -7.761  1.00 29.92 ? 51   GLU A C   1 
ATOM   215 O O   . GLU A 1 39  ? 1.308   -15.779 -6.650  1.00 33.97 ? 51   GLU A O   1 
ATOM   216 C CB  . GLU A 1 39  ? 1.357   -17.747 -8.941  1.00 42.72 ? 51   GLU A CB  1 
ATOM   217 C CG  . GLU A 1 39  ? 1.729   -17.866 -10.397 1.00 53.03 ? 51   GLU A CG  1 
ATOM   218 C CD  . GLU A 1 39  ? 0.949   -18.979 -11.081 1.00 60.70 ? 51   GLU A CD  1 
ATOM   219 O OE1 . GLU A 1 39  ? 0.811   -20.059 -10.466 1.00 68.80 ? 51   GLU A OE1 1 
ATOM   220 O OE2 . GLU A 1 39  ? 0.472   -18.777 -12.219 1.00 72.22 ? 51   GLU A OE2 1 
ATOM   221 N N   . SER A 1 40  ? 0.749   -14.464 -8.373  1.00 26.32 ? 52   SER A N   1 
ATOM   222 C CA  . SER A 1 40  ? 1.345   -13.306 -7.711  1.00 29.71 ? 52   SER A CA  1 
ATOM   223 C C   . SER A 1 40  ? 0.305   -12.301 -7.242  1.00 25.63 ? 52   SER A C   1 
ATOM   224 O O   . SER A 1 40  ? 0.614   -11.139 -6.981  1.00 20.60 ? 52   SER A O   1 
ATOM   225 C CB  . SER A 1 40  ? 2.364   -12.645 -8.647  1.00 35.12 ? 52   SER A CB  1 
ATOM   226 O OG  . SER A 1 40  ? 1.757   -12.273 -9.870  1.00 47.18 ? 52   SER A OG  1 
ATOM   227 N N   . ARG A 1 41  ? -0.946  -12.726 -7.094  1.00 24.06 ? 53   ARG A N   1 
ATOM   228 C CA  . ARG A 1 41  ? -1.947  -11.788 -6.577  1.00 26.81 ? 53   ARG A CA  1 
ATOM   229 C C   . ARG A 1 41  ? -2.130  -11.966 -5.073  1.00 26.15 ? 53   ARG A C   1 
ATOM   230 O O   . ARG A 1 41  ? -2.161  -13.111 -4.605  1.00 24.34 ? 53   ARG A O   1 
ATOM   231 C CB  . ARG A 1 41  ? -3.236  -12.012 -7.356  1.00 33.74 ? 53   ARG A CB  1 
ATOM   232 C CG  . ARG A 1 41  ? -4.491  -11.441 -6.729  1.00 42.29 ? 53   ARG A CG  1 
ATOM   233 C CD  . ARG A 1 41  ? -5.120  -10.402 -7.649  1.00 48.75 ? 53   ARG A CD  1 
ATOM   234 N NE  . ARG A 1 41  ? -4.978  -10.797 -9.050  1.00 53.27 ? 53   ARG A NE  1 
ATOM   235 C CZ  . ARG A 1 41  ? -5.698  -11.762 -9.608  1.00 56.22 ? 53   ARG A CZ  1 
ATOM   236 N NH1 . ARG A 1 41  ? -6.595  -12.411 -8.876  1.00 65.73 ? 53   ARG A NH1 1 
ATOM   237 N NH2 . ARG A 1 41  ? -5.511  -12.063 -10.886 1.00 55.73 ? 53   ARG A NH2 1 
ATOM   238 N N   . TYR A 1 42  ? -2.243  -10.875 -4.321  1.00 23.54 ? 54   TYR A N   1 
ATOM   239 C CA  . TYR A 1 42  ? -2.347  -10.863 -2.868  1.00 20.19 ? 54   TYR A CA  1 
ATOM   240 C C   . TYR A 1 42  ? -3.378  -9.861  -2.349  1.00 20.76 ? 54   TYR A C   1 
ATOM   241 O O   . TYR A 1 42  ? -3.585  -8.796  -2.922  1.00 21.33 ? 54   TYR A O   1 
ATOM   242 C CB  . TYR A 1 42  ? -0.997  -10.523 -2.235  1.00 17.29 ? 54   TYR A CB  1 
ATOM   243 C CG  . TYR A 1 42  ? 0.145   -11.436 -2.605  1.00 16.80 ? 54   TYR A CG  1 
ATOM   244 C CD1 . TYR A 1 42  ? 0.868   -11.223 -3.769  1.00 15.00 ? 54   TYR A CD1 1 
ATOM   245 C CD2 . TYR A 1 42  ? 0.499   -12.503 -1.782  1.00 18.63 ? 54   TYR A CD2 1 
ATOM   246 C CE1 . TYR A 1 42  ? 1.913   -12.056 -4.107  1.00 16.76 ? 54   TYR A CE1 1 
ATOM   247 C CE2 . TYR A 1 42  ? 1.545   -13.345 -2.114  1.00 18.22 ? 54   TYR A CE2 1 
ATOM   248 C CZ  . TYR A 1 42  ? 2.244   -13.109 -3.280  1.00 19.55 ? 54   TYR A CZ  1 
ATOM   249 O OH  . TYR A 1 42  ? 3.291   -13.935 -3.631  1.00 21.69 ? 54   TYR A OH  1 
ATOM   250 N N   . VAL A 1 43  ? -4.023  -10.187 -1.236  1.00 19.84 ? 55   VAL A N   1 
ATOM   251 C CA  . VAL A 1 43  ? -5.011  -9.361  -0.567  1.00 19.48 ? 55   VAL A CA  1 
ATOM   252 C C   . VAL A 1 43  ? -4.442  -8.195  0.229   1.00 18.21 ? 55   VAL A C   1 
ATOM   253 O O   . VAL A 1 43  ? -3.476  -8.294  0.987   1.00 16.77 ? 55   VAL A O   1 
ATOM   254 C CB  . VAL A 1 43  ? -5.846  -10.214 0.419   1.00 22.99 ? 55   VAL A CB  1 
ATOM   255 C CG1 . VAL A 1 43  ? -6.559  -9.328  1.425   1.00 27.97 ? 55   VAL A CG1 1 
ATOM   256 C CG2 . VAL A 1 43  ? -6.852  -11.065 -0.331  1.00 25.49 ? 55   VAL A CG2 1 
ATOM   257 N N   . LEU A 1 44  ? -5.075  -7.025  0.081   1.00 19.16 ? 56   LEU A N   1 
ATOM   258 C CA  . LEU A 1 44  ? -4.630  -5.882  0.867   1.00 21.69 ? 56   LEU A CA  1 
ATOM   259 C C   . LEU A 1 44  ? -5.777  -5.254  1.653   1.00 19.10 ? 56   LEU A C   1 
ATOM   260 O O   . LEU A 1 44  ? -6.938  -5.275  1.271   1.00 19.98 ? 56   LEU A O   1 
ATOM   261 C CB  . LEU A 1 44  ? -3.959  -4.826  -0.011  1.00 23.87 ? 56   LEU A CB  1 
ATOM   262 C CG  . LEU A 1 44  ? -4.792  -3.869  -0.842  1.00 25.50 ? 56   LEU A CG  1 
ATOM   263 C CD1 . LEU A 1 44  ? -5.099  -2.564  -0.115  1.00 26.59 ? 56   LEU A CD1 1 
ATOM   264 C CD2 . LEU A 1 44  ? -4.077  -3.549  -2.151  1.00 28.59 ? 56   LEU A CD2 1 
ATOM   265 N N   . THR A 1 45  ? -5.402  -4.635  2.767   1.00 17.74 ? 57   THR A N   1 
ATOM   266 C CA  . THR A 1 45  ? -6.365  -3.929  3.599   1.00 17.41 ? 57   THR A CA  1 
ATOM   267 C C   . THR A 1 45  ? -5.766  -2.707  4.274   1.00 18.64 ? 57   THR A C   1 
ATOM   268 O O   . THR A 1 45  ? -4.589  -2.735  4.633   1.00 14.48 ? 57   THR A O   1 
ATOM   269 C CB  . THR A 1 45  ? -6.912  -4.981  4.589   1.00 20.41 ? 57   THR A CB  1 
ATOM   270 O OG1 . THR A 1 45  ? -8.228  -4.579  4.959   1.00 29.97 ? 57   THR A OG1 1 
ATOM   271 C CG2 . THR A 1 45  ? -6.059  -5.075  5.828   1.00 19.51 ? 57   THR A CG2 1 
ATOM   272 N N   . GLY A 1 46  ? -6.529  -1.625  4.447   1.00 20.22 ? 58   GLY A N   1 
ATOM   273 C CA  . GLY A 1 46  ? -6.048  -0.365  4.982   1.00 19.19 ? 58   GLY A CA  1 
ATOM   274 C C   . GLY A 1 46  ? -7.126  0.615   5.418   1.00 19.11 ? 58   GLY A C   1 
ATOM   275 O O   . GLY A 1 46  ? -8.301  0.246   5.546   1.00 13.50 ? 58   GLY A O   1 
ATOM   276 N N   . ARG A 1 47  ? -6.748  1.868   5.669   1.00 18.03 ? 59   ARG A N   1 
ATOM   277 C CA  . ARG A 1 47  ? -7.619  2.931   6.152   1.00 17.24 ? 59   ARG A CA  1 
ATOM   278 C C   . ARG A 1 47  ? -7.185  4.282   5.577   1.00 19.00 ? 59   ARG A C   1 
ATOM   279 O O   . ARG A 1 47  ? -6.029  4.426   5.188   1.00 16.74 ? 59   ARG A O   1 
ATOM   280 C CB  . ARG A 1 47  ? -7.641  3.075   7.668   1.00 14.04 ? 59   ARG A CB  1 
ATOM   281 C CG  . ARG A 1 47  ? -7.882  1.840   8.510   1.00 16.72 ? 59   ARG A CG  1 
ATOM   282 C CD  . ARG A 1 47  ? -9.348  1.445   8.579   1.00 16.84 ? 59   ARG A CD  1 
ATOM   283 N NE  . ARG A 1 47  ? -10.169 2.508   9.149   1.00 18.28 ? 59   ARG A NE  1 
ATOM   284 C CZ  . ARG A 1 47  ? -11.484 2.597   9.065   1.00 19.44 ? 59   ARG A CZ  1 
ATOM   285 N NH1 . ARG A 1 47  ? -12.190 1.675   8.431   1.00 18.93 ? 59   ARG A NH1 1 
ATOM   286 N NH2 . ARG A 1 47  ? -12.124 3.613   9.623   1.00 22.51 ? 59   ARG A NH2 1 
ATOM   287 N N   . TYR A 1 48  ? -8.103  5.245   5.542   1.00 20.15 ? 60   TYR A N   1 
ATOM   288 C CA  . TYR A 1 48  ? -7.785  6.560   4.992   1.00 18.97 ? 60   TYR A CA  1 
ATOM   289 C C   . TYR A 1 48  ? -8.653  7.658   5.604   1.00 19.71 ? 60   TYR A C   1 
ATOM   290 O O   . TYR A 1 48  ? -9.745  7.329   6.073   1.00 16.92 ? 60   TYR A O   1 
ATOM   291 C CB  . TYR A 1 48  ? -7.973  6.529   3.476   1.00 17.23 ? 60   TYR A CB  1 
ATOM   292 C CG  . TYR A 1 48  ? -9.415  6.625   3.023   1.00 19.34 ? 60   TYR A CG  1 
ATOM   293 C CD1 . TYR A 1 48  ? -10.304 5.568   3.143   1.00 18.91 ? 60   TYR A CD1 1 
ATOM   294 C CD2 . TYR A 1 48  ? -9.895  7.798   2.459   1.00 20.58 ? 60   TYR A CD2 1 
ATOM   295 C CE1 . TYR A 1 48  ? -11.615 5.682   2.718   1.00 19.36 ? 60   TYR A CE1 1 
ATOM   296 C CE2 . TYR A 1 48  ? -11.202 7.928   2.031   1.00 22.04 ? 60   TYR A CE2 1 
ATOM   297 C CZ  . TYR A 1 48  ? -12.060 6.858   2.165   1.00 23.41 ? 60   TYR A CZ  1 
ATOM   298 O OH  . TYR A 1 48  ? -13.362 6.995   1.739   1.00 27.11 ? 60   TYR A OH  1 
ATOM   299 N N   . ASP A 1 49  ? -8.186  8.901   5.583   1.00 18.86 ? 61   ASP A N   1 
ATOM   300 C CA  . ASP A 1 49  ? -8.908  10.062  6.092   1.00 20.34 ? 61   ASP A CA  1 
ATOM   301 C C   . ASP A 1 49  ? -10.113 10.392  5.216   1.00 22.14 ? 61   ASP A C   1 
ATOM   302 O O   . ASP A 1 49  ? -9.956  10.995  4.153   1.00 18.09 ? 61   ASP A O   1 
ATOM   303 C CB  . ASP A 1 49  ? -8.008  11.295  6.171   1.00 21.67 ? 61   ASP A CB  1 
ATOM   304 C CG  . ASP A 1 49  ? -8.675  12.557  6.679   1.00 22.92 ? 61   ASP A CG  1 
ATOM   305 O OD1 . ASP A 1 49  ? -9.857  12.529  7.083   1.00 17.19 ? 61   ASP A OD1 1 
ATOM   306 O OD2 . ASP A 1 49  ? -8.033  13.633  6.697   1.00 23.30 ? 61   ASP A OD2 1 
ATOM   307 N N   . SER A 1 50  ? -11.316 10.019  5.644   1.00 21.78 ? 62   SER A N   1 
ATOM   308 C CA  . SER A 1 50  ? -12.475 10.210  4.772   1.00 24.20 ? 62   SER A CA  1 
ATOM   309 C C   . SER A 1 50  ? -13.024 11.630  4.851   1.00 26.40 ? 62   SER A C   1 
ATOM   310 O O   . SER A 1 50  ? -14.046 11.898  4.217   1.00 24.60 ? 62   SER A O   1 
ATOM   311 C CB  . SER A 1 50  ? -13.600 9.217   5.082   1.00 20.69 ? 62   SER A CB  1 
ATOM   312 O OG  . SER A 1 50  ? -13.976 9.310   6.440   1.00 23.48 ? 62   SER A OG  1 
ATOM   313 N N   . ALA A 1 51  ? -12.368 12.515  5.585   1.00 25.49 ? 63   ALA A N   1 
ATOM   314 C CA  . ALA A 1 51  ? -12.771 13.921  5.595   1.00 27.69 ? 63   ALA A CA  1 
ATOM   315 C C   . ALA A 1 51  ? -11.558 14.841  5.677   1.00 27.77 ? 63   ALA A C   1 
ATOM   316 O O   . ALA A 1 51  ? -11.283 15.508  6.671   1.00 29.69 ? 63   ALA A O   1 
ATOM   317 C CB  . ALA A 1 51  ? -13.736 14.194  6.738   1.00 25.64 ? 63   ALA A CB  1 
ATOM   318 N N   . PRO A 1 52  ? -10.774 14.915  4.611   1.00 26.58 ? 64   PRO A N   1 
ATOM   319 C CA  . PRO A 1 52  ? -9.530  15.679  4.679   1.00 29.89 ? 64   PRO A CA  1 
ATOM   320 C C   . PRO A 1 52  ? -9.777  17.183  4.696   1.00 33.41 ? 64   PRO A C   1 
ATOM   321 O O   . PRO A 1 52  ? -10.869 17.660  4.393   1.00 28.88 ? 64   PRO A O   1 
ATOM   322 C CB  . PRO A 1 52  ? -8.833  15.304  3.367   1.00 29.82 ? 64   PRO A CB  1 
ATOM   323 C CG  . PRO A 1 52  ? -9.977  15.032  2.439   1.00 29.69 ? 64   PRO A CG  1 
ATOM   324 C CD  . PRO A 1 52  ? -11.002 14.320  3.290   1.00 29.52 ? 64   PRO A CD  1 
ATOM   325 N N   . ALA A 1 53  ? -8.725  17.917  5.047   1.00 34.30 ? 65   ALA A N   1 
ATOM   326 C CA  . ALA A 1 53  ? -8.780  19.372  5.021   1.00 36.33 ? 65   ALA A CA  1 
ATOM   327 C C   . ALA A 1 53  ? -8.914  19.859  3.582   1.00 39.09 ? 65   ALA A C   1 
ATOM   328 O O   . ALA A 1 53  ? -8.566  19.166  2.628   1.00 39.78 ? 65   ALA A O   1 
ATOM   329 C CB  . ALA A 1 53  ? -7.551  19.951  5.691   1.00 44.28 ? 65   ALA A CB  1 
ATOM   330 N N   . THR A 1 54  ? -9.428  21.068  3.443   1.00 42.78 ? 66   THR A N   1 
ATOM   331 C CA  . THR A 1 54  ? -9.852  21.632  2.168   1.00 46.03 ? 66   THR A CA  1 
ATOM   332 C C   . THR A 1 54  ? -8.855  22.623  1.585   1.00 44.61 ? 66   THR A C   1 
ATOM   333 O O   . THR A 1 54  ? -9.000  23.060  0.443   1.00 46.97 ? 66   THR A O   1 
ATOM   334 C CB  . THR A 1 54  ? -11.212 22.328  2.380   1.00 49.17 ? 66   THR A CB  1 
ATOM   335 O OG1 . THR A 1 54  ? -11.186 23.042  3.627   1.00 58.18 ? 66   THR A OG1 1 
ATOM   336 C CG2 . THR A 1 54  ? -12.329 21.306  2.510   1.00 47.91 ? 66   THR A CG2 1 
ATOM   337 N N   . ASP A 1 55  ? -7.857  22.959  2.387   1.00 41.96 ? 67   ASP A N   1 
ATOM   338 C CA  . ASP A 1 55  ? -6.866  23.979  2.116   1.00 40.46 ? 67   ASP A CA  1 
ATOM   339 C C   . ASP A 1 55  ? -5.732  23.507  1.219   1.00 40.59 ? 67   ASP A C   1 
ATOM   340 O O   . ASP A 1 55  ? -4.661  24.119  1.240   1.00 41.62 ? 67   ASP A O   1 
ATOM   341 C CB  . ASP A 1 55  ? -6.262  24.488  3.433   1.00 39.00 ? 67   ASP A CB  1 
ATOM   342 C CG  . ASP A 1 55  ? -5.501  23.418  4.185   1.00 40.66 ? 67   ASP A CG  1 
ATOM   343 O OD1 . ASP A 1 55  ? -5.400  22.274  3.702   1.00 36.62 ? 67   ASP A OD1 1 
ATOM   344 O OD2 . ASP A 1 55  ? -4.988  23.715  5.284   1.00 48.28 ? 67   ASP A OD2 1 
ATOM   345 N N   . GLY A 1 56  ? -5.940  22.435  0.459   1.00 40.77 ? 68   GLY A N   1 
ATOM   346 C CA  . GLY A 1 56  ? -4.902  21.995  -0.448  1.00 40.49 ? 68   GLY A CA  1 
ATOM   347 C C   . GLY A 1 56  ? -4.005  20.862  -0.015  1.00 36.78 ? 68   GLY A C   1 
ATOM   348 O O   . GLY A 1 56  ? -3.328  20.261  -0.865  1.00 39.64 ? 68   GLY A O   1 
ATOM   349 N N   . SER A 1 57  ? -3.955  20.526  1.271   1.00 28.94 ? 69   SER A N   1 
ATOM   350 C CA  . SER A 1 57  ? -3.092  19.423  1.693   1.00 26.23 ? 69   SER A CA  1 
ATOM   351 C C   . SER A 1 57  ? -3.632  18.078  1.203   1.00 23.97 ? 69   SER A C   1 
ATOM   352 O O   . SER A 1 57  ? -4.800  17.962  0.842   1.00 21.76 ? 69   SER A O   1 
ATOM   353 C CB  . SER A 1 57  ? -2.905  19.386  3.199   1.00 31.45 ? 69   SER A CB  1 
ATOM   354 O OG  . SER A 1 57  ? -3.774  20.141  3.997   1.00 40.61 ? 69   SER A OG  1 
ATOM   355 N N   . GLY A 1 58  ? -2.780  17.055  1.186   1.00 22.54 ? 70   GLY A N   1 
ATOM   356 C CA  . GLY A 1 58  ? -3.133  15.714  0.774   1.00 19.86 ? 70   GLY A CA  1 
ATOM   357 C C   . GLY A 1 58  ? -3.986  14.958  1.780   1.00 17.50 ? 70   GLY A C   1 
ATOM   358 O O   . GLY A 1 58  ? -4.246  15.472  2.868   1.00 20.53 ? 70   GLY A O   1 
ATOM   359 N N   . THR A 1 59  ? -4.405  13.762  1.403   1.00 14.60 ? 71   THR A N   1 
ATOM   360 C CA  . THR A 1 59  ? -5.216  12.814  2.131   1.00 12.94 ? 71   THR A CA  1 
ATOM   361 C C   . THR A 1 59  ? -4.433  11.609  2.645   1.00 16.34 ? 71   THR A C   1 
ATOM   362 O O   . THR A 1 59  ? -3.965  10.782  1.857   1.00 19.40 ? 71   THR A O   1 
ATOM   363 C CB  . THR A 1 59  ? -6.322  12.220  1.231   1.00 14.98 ? 71   THR A CB  1 
ATOM   364 O OG1 . THR A 1 59  ? -7.149  13.282  0.769   1.00 22.21 ? 71   THR A OG1 1 
ATOM   365 C CG2 . THR A 1 59  ? -7.160  11.248  2.045   1.00 16.01 ? 71   THR A CG2 1 
ATOM   366 N N   . ALA A 1 60  ? -4.304  11.510  3.963   1.00 17.96 ? 72   ALA A N   1 
ATOM   367 C CA  . ALA A 1 60  ? -3.489  10.473  4.590   1.00 17.59 ? 72   ALA A CA  1 
ATOM   368 C C   . ALA A 1 60  ? -4.163  9.106   4.496   1.00 17.64 ? 72   ALA A C   1 
ATOM   369 O O   . ALA A 1 60  ? -5.387  8.996   4.598   1.00 20.40 ? 72   ALA A O   1 
ATOM   370 C CB  . ALA A 1 60  ? -3.178  10.893  6.020   1.00 16.81 ? 72   ALA A CB  1 
ATOM   371 N N   . LEU A 1 61  ? -3.348  8.079   4.282   1.00 17.57 ? 73   LEU A N   1 
ATOM   372 C CA  . LEU A 1 61  ? -3.747  6.685   4.143   1.00 18.18 ? 73   LEU A CA  1 
ATOM   373 C C   . LEU A 1 61  ? -2.619  5.706   4.490   1.00 17.81 ? 73   LEU A C   1 
ATOM   374 O O   . LEU A 1 61  ? -1.446  6.073   4.600   1.00 18.30 ? 73   LEU A O   1 
ATOM   375 C CB  . LEU A 1 61  ? -4.262  6.422   2.720   1.00 16.60 ? 73   LEU A CB  1 
ATOM   376 C CG  . LEU A 1 61  ? -3.518  7.134   1.587   1.00 23.90 ? 73   LEU A CG  1 
ATOM   377 C CD1 . LEU A 1 61  ? -2.143  6.541   1.331   1.00 29.67 ? 73   LEU A CD1 1 
ATOM   378 C CD2 . LEU A 1 61  ? -4.324  7.081   0.294   1.00 27.44 ? 73   LEU A CD2 1 
ATOM   379 N N   . GLY A 1 62  ? -2.956  4.433   4.666   1.00 15.51 ? 74   GLY A N   1 
ATOM   380 C CA  . GLY A 1 62  ? -2.018  3.340   4.873   1.00 14.57 ? 74   GLY A CA  1 
ATOM   381 C C   . GLY A 1 62  ? -2.669  2.005   4.538   1.00 16.37 ? 74   GLY A C   1 
ATOM   382 O O   . GLY A 1 62  ? -3.899  1.904   4.604   1.00 17.07 ? 74   GLY A O   1 
ATOM   383 N N   . TRP A 1 63  ? -1.877  0.999   4.185   1.00 14.96 ? 75   TRP A N   1 
ATOM   384 C CA  . TRP A 1 63  ? -2.384  -0.351  3.927   1.00 12.57 ? 75   TRP A CA  1 
ATOM   385 C C   . TRP A 1 63  ? -1.302  -1.399  4.175   1.00 10.94 ? 75   TRP A C   1 
ATOM   386 O O   . TRP A 1 63  ? -0.108  -1.094  4.228   1.00 12.44 ? 75   TRP A O   1 
ATOM   387 C CB  . TRP A 1 63  ? -2.953  -0.491  2.520   1.00 12.58 ? 75   TRP A CB  1 
ATOM   388 C CG  . TRP A 1 63  ? -2.034  -0.442  1.348   1.00 13.94 ? 75   TRP A CG  1 
ATOM   389 C CD1 . TRP A 1 63  ? -1.358  -1.471  0.755   1.00 15.62 ? 75   TRP A CD1 1 
ATOM   390 C CD2 . TRP A 1 63  ? -1.672  0.719   0.586   1.00 14.83 ? 75   TRP A CD2 1 
ATOM   391 N NE1 . TRP A 1 63  ? -0.599  -1.038  -0.315  1.00 13.06 ? 75   TRP A NE1 1 
ATOM   392 C CE2 . TRP A 1 63  ? -0.785  0.313   -0.428  1.00 14.90 ? 75   TRP A CE2 1 
ATOM   393 C CE3 . TRP A 1 63  ? -2.023  2.067   0.686   1.00 17.40 ? 75   TRP A CE3 1 
ATOM   394 C CZ2 . TRP A 1 63  ? -0.237  1.203   -1.352  1.00 19.72 ? 75   TRP A CZ2 1 
ATOM   395 C CZ3 . TRP A 1 63  ? -1.482  2.949   -0.225  1.00 20.68 ? 75   TRP A CZ3 1 
ATOM   396 C CH2 . TRP A 1 63  ? -0.601  2.515   -1.227  1.00 21.81 ? 75   TRP A CH2 1 
ATOM   397 N N   . THR A 1 64  ? -1.737  -2.642  4.337   1.00 11.90 ? 76   THR A N   1 
ATOM   398 C CA  . THR A 1 64  ? -0.892  -3.798  4.565   1.00 14.55 ? 76   THR A CA  1 
ATOM   399 C C   . THR A 1 64  ? -1.173  -4.934  3.574   1.00 14.11 ? 76   THR A C   1 
ATOM   400 O O   . THR A 1 64  ? -2.316  -5.189  3.178   1.00 15.51 ? 76   THR A O   1 
ATOM   401 C CB  . THR A 1 64  ? -1.062  -4.381  5.989   1.00 17.62 ? 76   THR A CB  1 
ATOM   402 O OG1 . THR A 1 64  ? -0.933  -3.385  7.007   1.00 20.90 ? 76   THR A OG1 1 
ATOM   403 C CG2 . THR A 1 64  ? 0.028   -5.409  6.252   1.00 17.89 ? 76   THR A CG2 1 
ATOM   404 N N   . VAL A 1 65  ? -0.105  -5.623  3.193   1.00 15.13 ? 77   VAL A N   1 
ATOM   405 C CA  . VAL A 1 65  ? -0.110  -6.882  2.465   1.00 14.40 ? 77   VAL A CA  1 
ATOM   406 C C   . VAL A 1 65  ? 0.730   -7.952  3.166   1.00 14.69 ? 77   VAL A C   1 
ATOM   407 O O   . VAL A 1 65  ? 1.922   -7.789  3.425   1.00 16.43 ? 77   VAL A O   1 
ATOM   408 C CB  . VAL A 1 65  ? 0.412   -6.744  1.022   1.00 14.58 ? 77   VAL A CB  1 
ATOM   409 C CG1 . VAL A 1 65  ? 0.607   -8.109  0.373   1.00 13.16 ? 77   VAL A CG1 1 
ATOM   410 C CG2 . VAL A 1 65  ? -0.549  -5.914  0.186   1.00 19.09 ? 77   VAL A CG2 1 
ATOM   411 N N   . ALA A 1 66  ? 0.106   -9.085  3.469   1.00 13.60 ? 78   ALA A N   1 
ATOM   412 C CA  . ALA A 1 66  ? 0.861   -10.232 3.958   1.00 13.96 ? 78   ALA A CA  1 
ATOM   413 C C   . ALA A 1 66  ? 1.257   -11.136 2.798   1.00 12.61 ? 78   ALA A C   1 
ATOM   414 O O   . ALA A 1 66  ? 0.382   -11.492 2.014   1.00 16.07 ? 78   ALA A O   1 
ATOM   415 C CB  . ALA A 1 66  ? 0.052   -11.021 4.979   1.00 17.41 ? 78   ALA A CB  1 
ATOM   416 N N   . TRP A 1 67  ? 2.525   -11.512 2.676   1.00 13.82 ? 79   TRP A N   1 
ATOM   417 C CA  . TRP A 1 67  ? 2.933   -12.221 1.469   1.00 19.43 ? 79   TRP A CA  1 
ATOM   418 C C   . TRP A 1 67  ? 2.648   -13.702 1.461   1.00 18.21 ? 79   TRP A C   1 
ATOM   419 O O   . TRP A 1 67  ? 3.509   -14.536 1.205   1.00 16.41 ? 79   TRP A O   1 
ATOM   420 C CB  . TRP A 1 67  ? 4.448   -12.020 1.241   1.00 25.04 ? 79   TRP A CB  1 
ATOM   421 C CG  . TRP A 1 67  ? 4.659   -10.540 1.095   1.00 26.30 ? 79   TRP A CG  1 
ATOM   422 C CD1 . TRP A 1 67  ? 5.265   -9.747  2.032   1.00 25.23 ? 79   TRP A CD1 1 
ATOM   423 C CD2 . TRP A 1 67  ? 4.269   -9.717  -0.012  1.00 23.41 ? 79   TRP A CD2 1 
ATOM   424 N NE1 . TRP A 1 67  ? 5.259   -8.478  1.531   1.00 22.24 ? 79   TRP A NE1 1 
ATOM   425 C CE2 . TRP A 1 67  ? 4.672   -8.406  0.304   1.00 22.20 ? 79   TRP A CE2 1 
ATOM   426 C CE3 . TRP A 1 67  ? 3.632   -9.928  -1.232  1.00 25.37 ? 79   TRP A CE3 1 
ATOM   427 C CZ2 . TRP A 1 67  ? 4.452   -7.337  -0.560  1.00 27.11 ? 79   TRP A CZ2 1 
ATOM   428 C CZ3 . TRP A 1 67  ? 3.406   -8.871  -2.099  1.00 26.66 ? 79   TRP A CZ3 1 
ATOM   429 C CH2 . TRP A 1 67  ? 3.821   -7.572  -1.754  1.00 27.55 ? 79   TRP A CH2 1 
ATOM   430 N N   . LYS A 1 68  ? 1.391   -14.037 1.720   1.00 18.97 ? 80   LYS A N   1 
ATOM   431 C CA  . LYS A 1 68  ? 1.045   -15.442 1.581   1.00 18.23 ? 80   LYS A CA  1 
ATOM   432 C C   . LYS A 1 68  ? -0.161  -15.585 0.670   1.00 18.65 ? 80   LYS A C   1 
ATOM   433 O O   . LYS A 1 68  ? -1.073  -14.761 0.694   1.00 16.78 ? 80   LYS A O   1 
ATOM   434 C CB  . LYS A 1 68  ? 0.758   -16.039 2.957   1.00 22.66 ? 80   LYS A CB  1 
ATOM   435 C CG  . LYS A 1 68  ? -0.355  -17.069 2.921   1.00 24.99 ? 80   LYS A CG  1 
ATOM   436 C CD  . LYS A 1 68  ? -0.417  -17.909 4.175   1.00 29.70 ? 80   LYS A CD  1 
ATOM   437 C CE  . LYS A 1 68  ? -1.236  -19.165 3.888   1.00 38.60 ? 80   LYS A CE  1 
ATOM   438 N NZ  . LYS A 1 68  ? -1.935  -19.628 5.123   1.00 62.71 ? 80   LYS A NZ  1 
ATOM   439 N N   . ASN A 1 69  ? -0.192  -16.632 -0.143  1.00 19.72 ? 81   ASN A N   1 
ATOM   440 C CA  . ASN A 1 69  ? -1.398  -16.868 -0.938  1.00 21.82 ? 81   ASN A CA  1 
ATOM   441 C C   . ASN A 1 69  ? -1.459  -18.360 -1.258  1.00 24.14 ? 81   ASN A C   1 
ATOM   442 O O   . ASN A 1 69  ? -0.671  -19.099 -0.666  1.00 20.04 ? 81   ASN A O   1 
ATOM   443 C CB  . ASN A 1 69  ? -1.429  -15.994 -2.176  1.00 20.66 ? 81   ASN A CB  1 
ATOM   444 C CG  . ASN A 1 69  ? -0.479  -16.344 -3.286  1.00 22.55 ? 81   ASN A CG  1 
ATOM   445 O OD1 . ASN A 1 69  ? 0.177   -17.384 -3.299  1.00 27.17 ? 81   ASN A OD1 1 
ATOM   446 N ND2 . ASN A 1 69  ? -0.395  -15.449 -4.276  1.00 26.60 ? 81   ASN A ND2 1 
ATOM   447 N N   . ASN A 1 70  ? -2.354  -18.744 -2.156  1.00 25.32 ? 82   ASN A N   1 
ATOM   448 C CA  . ASN A 1 70  ? -2.601  -20.154 -2.430  1.00 27.82 ? 82   ASN A CA  1 
ATOM   449 C C   . ASN A 1 70  ? -1.398  -20.828 -3.084  1.00 25.95 ? 82   ASN A C   1 
ATOM   450 O O   . ASN A 1 70  ? -1.381  -22.059 -3.120  1.00 28.10 ? 82   ASN A O   1 
ATOM   451 C CB  . ASN A 1 70  ? -3.820  -20.324 -3.329  1.00 33.30 ? 82   ASN A CB  1 
ATOM   452 C CG  . ASN A 1 70  ? -5.154  -20.340 -2.623  1.00 38.44 ? 82   ASN A CG  1 
ATOM   453 O OD1 . ASN A 1 70  ? -5.238  -20.529 -1.413  1.00 38.11 ? 82   ASN A OD1 1 
ATOM   454 N ND2 . ASN A 1 70  ? -6.218  -20.140 -3.402  1.00 49.86 ? 82   ASN A ND2 1 
ATOM   455 N N   . TYR A 1 71  ? -0.445  -20.055 -3.577  1.00 25.49 ? 83   TYR A N   1 
ATOM   456 C CA  . TYR A 1 71  ? 0.668   -20.549 -4.368  1.00 26.51 ? 83   TYR A CA  1 
ATOM   457 C C   . TYR A 1 71  ? 2.031   -20.368 -3.732  1.00 29.65 ? 83   TYR A C   1 
ATOM   458 O O   . TYR A 1 71  ? 3.005   -21.013 -4.129  1.00 30.90 ? 83   TYR A O   1 
ATOM   459 C CB  . TYR A 1 71  ? 0.696   -19.809 -5.715  1.00 28.40 ? 83   TYR A CB  1 
ATOM   460 C CG  . TYR A 1 71  ? -0.573  -20.032 -6.511  1.00 32.21 ? 83   TYR A CG  1 
ATOM   461 C CD1 . TYR A 1 71  ? -1.620  -19.125 -6.467  1.00 33.17 ? 83   TYR A CD1 1 
ATOM   462 C CD2 . TYR A 1 71  ? -0.711  -21.163 -7.304  1.00 34.24 ? 83   TYR A CD2 1 
ATOM   463 C CE1 . TYR A 1 71  ? -2.766  -19.352 -7.198  1.00 37.34 ? 83   TYR A CE1 1 
ATOM   464 C CE2 . TYR A 1 71  ? -1.850  -21.395 -8.037  1.00 35.77 ? 83   TYR A CE2 1 
ATOM   465 C CZ  . TYR A 1 71  ? -2.882  -20.481 -7.981  1.00 39.57 ? 83   TYR A CZ  1 
ATOM   466 O OH  . TYR A 1 71  ? -4.028  -20.708 -8.717  1.00 46.97 ? 83   TYR A OH  1 
ATOM   467 N N   . ARG A 1 72  ? 2.133   -19.464 -2.762  1.00 30.81 ? 84   ARG A N   1 
ATOM   468 C CA  . ARG A 1 72  ? 3.415   -19.286 -2.086  1.00 34.17 ? 84   ARG A CA  1 
ATOM   469 C C   . ARG A 1 72  ? 3.249   -18.555 -0.750  1.00 29.37 ? 84   ARG A C   1 
ATOM   470 O O   . ARG A 1 72  ? 2.214   -17.956 -0.457  1.00 21.77 ? 84   ARG A O   1 
ATOM   471 C CB  . ARG A 1 72  ? 4.430   -18.562 -2.959  1.00 42.49 ? 84   ARG A CB  1 
ATOM   472 C CG  . ARG A 1 72  ? 3.883   -17.662 -4.042  1.00 53.01 ? 84   ARG A CG  1 
ATOM   473 C CD  . ARG A 1 72  ? 4.981   -17.083 -4.920  1.00 63.23 ? 84   ARG A CD  1 
ATOM   474 N NE  . ARG A 1 72  ? 4.875   -17.486 -6.315  1.00 72.10 ? 84   ARG A NE  1 
ATOM   475 C CZ  . ARG A 1 72  ? 4.369   -16.807 -7.333  1.00 79.63 ? 84   ARG A CZ  1 
ATOM   476 N NH1 . ARG A 1 72  ? 3.857   -15.588 -7.186  1.00 89.37 ? 84   ARG A NH1 1 
ATOM   477 N NH2 . ARG A 1 72  ? 4.362   -17.349 -8.552  1.00 89.15 ? 84   ARG A NH2 1 
ATOM   478 N N   . ASN A 1 73  ? 4.303   -18.645 0.054   1.00 25.37 ? 85   ASN A N   1 
ATOM   479 C CA  . ASN A 1 73  ? 4.385   -18.002 1.355   1.00 22.16 ? 85   ASN A CA  1 
ATOM   480 C C   . ASN A 1 73  ? 5.812   -17.536 1.637   1.00 18.90 ? 85   ASN A C   1 
ATOM   481 O O   . ASN A 1 73  ? 6.687   -18.385 1.841   1.00 23.14 ? 85   ASN A O   1 
ATOM   482 C CB  . ASN A 1 73  ? 3.935   -18.940 2.478   1.00 19.75 ? 85   ASN A CB  1 
ATOM   483 C CG  . ASN A 1 73  ? 3.759   -18.201 3.793   1.00 21.92 ? 85   ASN A CG  1 
ATOM   484 O OD1 . ASN A 1 73  ? 4.084   -17.019 3.899   1.00 28.59 ? 85   ASN A OD1 1 
ATOM   485 N ND2 . ASN A 1 73  ? 3.244   -18.878 4.812   1.00 21.59 ? 85   ASN A ND2 1 
ATOM   486 N N   . ALA A 1 74  ? 6.023   -16.220 1.646   1.00 10.97 ? 86   ALA A N   1 
ATOM   487 C CA  . ALA A 1 74  ? 7.362   -15.710 1.899   1.00 8.39  ? 86   ALA A CA  1 
ATOM   488 C C   . ALA A 1 74  ? 7.599   -15.367 3.366   1.00 9.99  ? 86   ALA A C   1 
ATOM   489 O O   . ALA A 1 74  ? 8.631   -14.763 3.663   1.00 12.40 ? 86   ALA A O   1 
ATOM   490 C CB  . ALA A 1 74  ? 7.633   -14.477 1.061   1.00 8.58  ? 86   ALA A CB  1 
ATOM   491 N N   . HIS A 1 75  ? 6.683   -15.728 4.246   1.00 13.96 ? 87   HIS A N   1 
ATOM   492 C CA  . HIS A 1 75  ? 6.768   -15.459 5.677   1.00 17.25 ? 87   HIS A CA  1 
ATOM   493 C C   . HIS A 1 75  ? 7.170   -14.014 5.987   1.00 19.28 ? 87   HIS A C   1 
ATOM   494 O O   . HIS A 1 75  ? 8.107   -13.771 6.750   1.00 17.02 ? 87   HIS A O   1 
ATOM   495 C CB  . HIS A 1 75  ? 7.745   -16.421 6.360   1.00 16.68 ? 87   HIS A CB  1 
ATOM   496 C CG  . HIS A 1 75  ? 7.334   -17.854 6.251   1.00 21.70 ? 87   HIS A CG  1 
ATOM   497 N ND1 . HIS A 1 75  ? 6.120   -18.306 6.732   1.00 24.71 ? 87   HIS A ND1 1 
ATOM   498 C CD2 . HIS A 1 75  ? 7.952   -18.930 5.717   1.00 23.85 ? 87   HIS A CD2 1 
ATOM   499 C CE1 . HIS A 1 75  ? 6.012   -19.599 6.503   1.00 23.76 ? 87   HIS A CE1 1 
ATOM   500 N NE2 . HIS A 1 75  ? 7.109   -20.005 5.885   1.00 25.55 ? 87   HIS A NE2 1 
ATOM   501 N N   . SER A 1 76  ? 6.436   -13.074 5.400   1.00 18.72 ? 88   SER A N   1 
ATOM   502 C CA  . SER A 1 76  ? 6.666   -11.652 5.580   1.00 16.40 ? 88   SER A CA  1 
ATOM   503 C C   . SER A 1 76  ? 5.471   -10.788 5.181   1.00 16.52 ? 88   SER A C   1 
ATOM   504 O O   . SER A 1 76  ? 4.487   -11.229 4.582   1.00 15.76 ? 88   SER A O   1 
ATOM   505 C CB  . SER A 1 76  ? 7.911   -11.216 4.791   1.00 16.94 ? 88   SER A CB  1 
ATOM   506 O OG  . SER A 1 76  ? 7.748   -11.437 3.411   1.00 21.70 ? 88   SER A OG  1 
ATOM   507 N N   . ALA A 1 77  ? 5.603   -9.518  5.562   1.00 15.94 ? 89   ALA A N   1 
ATOM   508 C CA  . ALA A 1 77  ? 4.593   -8.506  5.309   1.00 18.10 ? 89   ALA A CA  1 
ATOM   509 C C   . ALA A 1 77  ? 5.182   -7.105  5.134   1.00 17.17 ? 89   ALA A C   1 
ATOM   510 O O   . ALA A 1 77  ? 6.190   -6.757  5.742   1.00 16.83 ? 89   ALA A O   1 
ATOM   511 C CB  . ALA A 1 77  ? 3.587   -8.502  6.451   1.00 15.07 ? 89   ALA A CB  1 
ATOM   512 N N   . THR A 1 78  ? 4.519   -6.324  4.293   1.00 13.32 ? 90   THR A N   1 
ATOM   513 C CA  . THR A 1 78  ? 4.850   -4.951  3.983   1.00 11.57 ? 90   THR A CA  1 
ATOM   514 C C   . THR A 1 78  ? 3.722   -4.004  4.387   1.00 13.09 ? 90   THR A C   1 
ATOM   515 O O   . THR A 1 78  ? 2.551   -4.318  4.134   1.00 13.20 ? 90   THR A O   1 
ATOM   516 C CB  . THR A 1 78  ? 5.110   -4.746  2.474   1.00 13.59 ? 90   THR A CB  1 
ATOM   517 O OG1 . THR A 1 78  ? 6.420   -5.167  2.112   1.00 22.09 ? 90   THR A OG1 1 
ATOM   518 C CG2 . THR A 1 78  ? 5.087   -3.263  2.127   1.00 19.28 ? 90   THR A CG2 1 
ATOM   519 N N   . THR A 1 79  ? 4.064   -2.862  4.981   1.00 12.46 ? 91   THR A N   1 
ATOM   520 C CA  . THR A 1 79  ? 3.100   -1.798  5.218   1.00 13.57 ? 91   THR A CA  1 
ATOM   521 C C   . THR A 1 79  ? 3.526   -0.508  4.508   1.00 13.93 ? 91   THR A C   1 
ATOM   522 O O   . THR A 1 79  ? 4.703   -0.154  4.566   1.00 13.85 ? 91   THR A O   1 
ATOM   523 C CB  . THR A 1 79  ? 2.893   -1.431  6.697   1.00 17.04 ? 91   THR A CB  1 
ATOM   524 O OG1 . THR A 1 79  ? 4.099   -0.895  7.255   1.00 18.95 ? 91   THR A OG1 1 
ATOM   525 C CG2 . THR A 1 79  ? 2.538   -2.674  7.495   1.00 28.06 ? 91   THR A CG2 1 
ATOM   526 N N   . TRP A 1 80  ? 2.553   0.143   3.892   1.00 12.88 ? 92   TRP A N   1 
ATOM   527 C CA  . TRP A 1 80  ? 2.757   1.409   3.198   1.00 15.65 ? 92   TRP A CA  1 
ATOM   528 C C   . TRP A 1 80  ? 2.070   2.570   3.925   1.00 14.33 ? 92   TRP A C   1 
ATOM   529 O O   . TRP A 1 80  ? 0.893   2.471   4.291   1.00 14.04 ? 92   TRP A O   1 
ATOM   530 C CB  . TRP A 1 80  ? 2.216   1.335   1.779   1.00 16.89 ? 92   TRP A CB  1 
ATOM   531 C CG  . TRP A 1 80  ? 2.884   0.519   0.728   1.00 15.68 ? 92   TRP A CG  1 
ATOM   532 C CD1 . TRP A 1 80  ? 3.751   0.995   -0.222  1.00 15.12 ? 92   TRP A CD1 1 
ATOM   533 C CD2 . TRP A 1 80  ? 2.773   -0.887  0.474   1.00 16.51 ? 92   TRP A CD2 1 
ATOM   534 N NE1 . TRP A 1 80  ? 4.183   -0.018  -1.036  1.00 14.18 ? 92   TRP A NE1 1 
ATOM   535 C CE2 . TRP A 1 80  ? 3.593   -1.188  -0.629  1.00 16.89 ? 92   TRP A CE2 1 
ATOM   536 C CE3 . TRP A 1 80  ? 2.060   -1.929  1.073   1.00 19.05 ? 92   TRP A CE3 1 
ATOM   537 C CZ2 . TRP A 1 80  ? 3.729   -2.474  -1.154  1.00 18.52 ? 92   TRP A CZ2 1 
ATOM   538 C CZ3 . TRP A 1 80  ? 2.189   -3.202  0.558   1.00 18.50 ? 92   TRP A CZ3 1 
ATOM   539 C CH2 . TRP A 1 80  ? 3.012   -3.462  -0.541  1.00 19.22 ? 92   TRP A CH2 1 
ATOM   540 N N   . SER A 1 81  ? 2.772   3.672   4.133   1.00 12.76 ? 93   SER A N   1 
ATOM   541 C CA  . SER A 1 81  ? 2.287   4.887   4.769   1.00 14.10 ? 93   SER A CA  1 
ATOM   542 C C   . SER A 1 81  ? 2.533   6.112   3.901   1.00 15.31 ? 93   SER A C   1 
ATOM   543 O O   . SER A 1 81  ? 3.674   6.345   3.472   1.00 16.28 ? 93   SER A O   1 
ATOM   544 C CB  . SER A 1 81  ? 2.974   5.125   6.116   1.00 18.67 ? 93   SER A CB  1 
ATOM   545 O OG  . SER A 1 81  ? 2.438   6.264   6.775   1.00 21.45 ? 93   SER A OG  1 
ATOM   546 N N   . GLY A 1 82  ? 1.493   6.900   3.629   1.00 14.61 ? 94   GLY A N   1 
ATOM   547 C CA  . GLY A 1 82  ? 1.724   8.052   2.757   1.00 16.98 ? 94   GLY A CA  1 
ATOM   548 C C   . GLY A 1 82  ? 0.522   8.946   2.557   1.00 18.56 ? 94   GLY A C   1 
ATOM   549 O O   . GLY A 1 82  ? -0.342  9.005   3.441   1.00 15.87 ? 94   GLY A O   1 
ATOM   550 N N   . GLN A 1 83  ? 0.449   9.639   1.412   1.00 21.32 ? 95   GLN A N   1 
ATOM   551 C CA  . GLN A 1 83  ? -0.705  10.498  1.135   1.00 20.85 ? 95   GLN A CA  1 
ATOM   552 C C   . GLN A 1 83  ? -1.056  10.610  -0.347  1.00 17.31 ? 95   GLN A C   1 
ATOM   553 O O   . GLN A 1 83  ? -0.198  10.596  -1.220  1.00 17.46 ? 95   GLN A O   1 
ATOM   554 C CB  . GLN A 1 83  ? -0.480  11.899  1.722   1.00 20.48 ? 95   GLN A CB  1 
ATOM   555 C CG  . GLN A 1 83  ? 0.698   12.690  1.201   1.00 20.83 ? 95   GLN A CG  1 
ATOM   556 C CD  . GLN A 1 83  ? 0.843   14.026  1.913   1.00 21.60 ? 95   GLN A CD  1 
ATOM   557 O OE1 . GLN A 1 83  ? -0.115  14.789  2.059   1.00 20.51 ? 95   GLN A OE1 1 
ATOM   558 N NE2 . GLN A 1 83  ? 2.050   14.329  2.376   1.00 17.98 ? 95   GLN A NE2 1 
ATOM   559 N N   . TYR A 1 84  ? -2.350  10.742  -0.605  1.00 16.50 ? 96   TYR A N   1 
ATOM   560 C CA  . TYR A 1 84  ? -2.932  11.021  -1.907  1.00 17.27 ? 96   TYR A CA  1 
ATOM   561 C C   . TYR A 1 84  ? -2.975  12.518  -2.215  1.00 20.04 ? 96   TYR A C   1 
ATOM   562 O O   . TYR A 1 84  ? -3.466  13.318  -1.415  1.00 17.54 ? 96   TYR A O   1 
ATOM   563 C CB  . TYR A 1 84  ? -4.352  10.470  -1.979  1.00 20.09 ? 96   TYR A CB  1 
ATOM   564 C CG  . TYR A 1 84  ? -5.218  10.920  -3.125  1.00 22.50 ? 96   TYR A CG  1 
ATOM   565 C CD1 . TYR A 1 84  ? -5.140  10.299  -4.363  1.00 23.68 ? 96   TYR A CD1 1 
ATOM   566 C CD2 . TYR A 1 84  ? -6.128  11.960  -2.985  1.00 25.50 ? 96   TYR A CD2 1 
ATOM   567 C CE1 . TYR A 1 84  ? -5.924  10.691  -5.429  1.00 26.31 ? 96   TYR A CE1 1 
ATOM   568 C CE2 . TYR A 1 84  ? -6.918  12.365  -4.045  1.00 30.05 ? 96   TYR A CE2 1 
ATOM   569 C CZ  . TYR A 1 84  ? -6.816  11.730  -5.264  1.00 30.11 ? 96   TYR A CZ  1 
ATOM   570 O OH  . TYR A 1 84  ? -7.606  12.132  -6.314  1.00 36.15 ? 96   TYR A OH  1 
ATOM   571 N N   . VAL A 1 85  ? -2.482  12.876  -3.389  1.00 22.39 ? 97   VAL A N   1 
ATOM   572 C CA  . VAL A 1 85  ? -2.529  14.219  -3.951  1.00 25.54 ? 97   VAL A CA  1 
ATOM   573 C C   . VAL A 1 85  ? -3.371  14.235  -5.226  1.00 28.53 ? 97   VAL A C   1 
ATOM   574 O O   . VAL A 1 85  ? -3.057  13.540  -6.195  1.00 28.88 ? 97   VAL A O   1 
ATOM   575 C CB  . VAL A 1 85  ? -1.126  14.757  -4.278  1.00 25.52 ? 97   VAL A CB  1 
ATOM   576 C CG1 . VAL A 1 85  ? -1.246  16.137  -4.910  1.00 42.18 ? 97   VAL A CG1 1 
ATOM   577 C CG2 . VAL A 1 85  ? -0.260  14.814  -3.037  1.00 22.08 ? 97   VAL A CG2 1 
ATOM   578 N N   . GLY A 1 86  ? -4.446  15.010  -5.240  1.00 34.90 ? 98   GLY A N   1 
ATOM   579 C CA  . GLY A 1 86  ? -5.395  15.032  -6.340  1.00 39.69 ? 98   GLY A CA  1 
ATOM   580 C C   . GLY A 1 86  ? -4.945  15.902  -7.497  1.00 44.68 ? 98   GLY A C   1 
ATOM   581 O O   . GLY A 1 86  ? -3.878  16.518  -7.460  1.00 45.47 ? 98   GLY A O   1 
ATOM   582 N N   . GLY A 1 87  ? -5.776  15.958  -8.535  1.00 49.07 ? 99   GLY A N   1 
ATOM   583 C CA  . GLY A 1 87  ? -5.533  16.837  -9.663  1.00 51.51 ? 99   GLY A CA  1 
ATOM   584 C C   . GLY A 1 87  ? -5.417  16.091  -10.980 1.00 53.44 ? 99   GLY A C   1 
ATOM   585 O O   . GLY A 1 87  ? -5.804  14.928  -11.065 1.00 56.66 ? 99   GLY A O   1 
ATOM   586 N N   . ALA A 1 88  ? -4.885  16.783  -11.973 1.00 56.10 ? 100  ALA A N   1 
ATOM   587 C CA  . ALA A 1 88  ? -4.629  16.287  -13.312 1.00 57.42 ? 100  ALA A CA  1 
ATOM   588 C C   . ALA A 1 88  ? -3.563  15.196  -13.308 1.00 55.63 ? 100  ALA A C   1 
ATOM   589 O O   . ALA A 1 88  ? -3.654  14.208  -14.036 1.00 62.36 ? 100  ALA A O   1 
ATOM   590 C CB  . ALA A 1 88  ? -4.183  17.431  -14.212 1.00 67.80 ? 100  ALA A CB  1 
ATOM   591 N N   . GLU A 1 89  ? -2.552  15.407  -12.468 1.00 50.86 ? 101  GLU A N   1 
ATOM   592 C CA  . GLU A 1 89  ? -1.495  14.418  -12.294 1.00 45.83 ? 101  GLU A CA  1 
ATOM   593 C C   . GLU A 1 89  ? -1.574  13.809  -10.902 1.00 35.98 ? 101  GLU A C   1 
ATOM   594 O O   . GLU A 1 89  ? -0.690  13.896  -10.057 1.00 24.24 ? 101  GLU A O   1 
ATOM   595 C CB  . GLU A 1 89  ? -0.138  15.063  -12.562 1.00 54.28 ? 101  GLU A CB  1 
ATOM   596 C CG  . GLU A 1 89  ? 0.712   14.247  -13.530 1.00 63.01 ? 101  GLU A CG  1 
ATOM   597 C CD  . GLU A 1 89  ? 0.865   12.810  -13.055 1.00 69.76 ? 101  GLU A CD  1 
ATOM   598 O OE1 . GLU A 1 89  ? 1.681   12.586  -12.130 1.00 74.10 ? 101  GLU A OE1 1 
ATOM   599 O OE2 . GLU A 1 89  ? 0.170   11.926  -13.608 1.00 76.58 ? 101  GLU A OE2 1 
ATOM   600 N N   . ALA A 1 90  ? -2.708  13.159  -10.649 1.00 32.07 ? 102  ALA A N   1 
ATOM   601 C CA  . ALA A 1 90  ? -2.929  12.551  -9.344  1.00 30.25 ? 102  ALA A CA  1 
ATOM   602 C C   . ALA A 1 90  ? -1.817  11.572  -8.992  1.00 28.52 ? 102  ALA A C   1 
ATOM   603 O O   . ALA A 1 90  ? -1.274  10.899  -9.866  1.00 26.19 ? 102  ALA A O   1 
ATOM   604 C CB  . ALA A 1 90  ? -4.277  11.846  -9.331  1.00 26.74 ? 102  ALA A CB  1 
ATOM   605 N N   . ARG A 1 91  ? -1.473  11.485  -7.713  1.00 28.44 ? 103  ARG A N   1 
ATOM   606 C CA  . ARG A 1 91  ? -0.479  10.494  -7.304  1.00 32.51 ? 103  ARG A CA  1 
ATOM   607 C C   . ARG A 1 91  ? -0.630  10.128  -5.830  1.00 28.60 ? 103  ARG A C   1 
ATOM   608 O O   . ARG A 1 91  ? -1.243  10.867  -5.059  1.00 24.70 ? 103  ARG A O   1 
ATOM   609 C CB  . ARG A 1 91  ? 0.935   11.007  -7.583  1.00 42.70 ? 103  ARG A CB  1 
ATOM   610 C CG  . ARG A 1 91  ? 1.272   12.331  -6.930  1.00 54.70 ? 103  ARG A CG  1 
ATOM   611 C CD  . ARG A 1 91  ? 2.019   13.262  -7.874  1.00 66.73 ? 103  ARG A CD  1 
ATOM   612 N NE  . ARG A 1 91  ? 1.185   14.364  -8.343  1.00 76.13 ? 103  ARG A NE  1 
ATOM   613 C CZ  . ARG A 1 91  ? 1.176   15.627  -7.948  1.00 81.32 ? 103  ARG A CZ  1 
ATOM   614 N NH1 . ARG A 1 91  ? 1.991   16.079  -7.000  1.00 85.44 ? 103  ARG A NH1 1 
ATOM   615 N NH2 . ARG A 1 91  ? 0.322   16.481  -8.515  1.00 87.99 ? 103  ARG A NH2 1 
ATOM   616 N N   . ILE A 1 92  ? -0.071  8.983   -5.460  1.00 23.89 ? 104  ILE A N   1 
ATOM   617 C CA  . ILE A 1 92  ? 0.059   8.550   -4.077  1.00 17.69 ? 104  ILE A CA  1 
ATOM   618 C C   . ILE A 1 92  ? 1.549   8.370   -3.784  1.00 18.25 ? 104  ILE A C   1 
ATOM   619 O O   . ILE A 1 92  ? 2.229   7.572   -4.429  1.00 16.45 ? 104  ILE A O   1 
ATOM   620 C CB  . ILE A 1 92  ? -0.702  7.261   -3.752  1.00 18.20 ? 104  ILE A CB  1 
ATOM   621 C CG1 . ILE A 1 92  ? -2.217  7.343   -3.958  1.00 19.96 ? 104  ILE A CG1 1 
ATOM   622 C CG2 . ILE A 1 92  ? -0.405  6.813   -2.324  1.00 19.11 ? 104  ILE A CG2 1 
ATOM   623 C CD1 . ILE A 1 92  ? -2.913  6.007   -4.065  1.00 20.59 ? 104  ILE A CD1 1 
ATOM   624 N N   . ASN A 1 93  ? 2.022   9.145   -2.819  1.00 20.20 ? 105  ASN A N   1 
ATOM   625 C CA  . ASN A 1 93  ? 3.407   9.101   -2.369  1.00 21.97 ? 105  ASN A CA  1 
ATOM   626 C C   . ASN A 1 93  ? 3.534   8.300   -1.079  1.00 17.60 ? 105  ASN A C   1 
ATOM   627 O O   . ASN A 1 93  ? 2.893   8.685   -0.096  1.00 15.16 ? 105  ASN A O   1 
ATOM   628 C CB  . ASN A 1 93  ? 3.917   10.528  -2.145  1.00 26.94 ? 105  ASN A CB  1 
ATOM   629 C CG  . ASN A 1 93  ? 3.909   11.372  -3.407  1.00 28.54 ? 105  ASN A CG  1 
ATOM   630 O OD1 . ASN A 1 93  ? 3.431   12.509  -3.417  1.00 32.42 ? 105  ASN A OD1 1 
ATOM   631 N ND2 . ASN A 1 93  ? 4.434   10.818  -4.490  1.00 25.43 ? 105  ASN A ND2 1 
ATOM   632 N N   . THR A 1 94  ? 4.314   7.228   -1.050  1.00 14.18 ? 106  THR A N   1 
ATOM   633 C CA  . THR A 1 94  ? 4.494   6.457   0.167   1.00 12.40 ? 106  THR A CA  1 
ATOM   634 C C   . THR A 1 94  ? 5.943   6.217   0.600   1.00 14.17 ? 106  THR A C   1 
ATOM   635 O O   . THR A 1 94  ? 6.890   6.379   -0.166  1.00 11.38 ? 106  THR A O   1 
ATOM   636 C CB  . THR A 1 94  ? 3.868   5.061   -0.007  1.00 12.76 ? 106  THR A CB  1 
ATOM   637 O OG1 . THR A 1 94  ? 4.550   4.353   -1.053  1.00 11.36 ? 106  THR A OG1 1 
ATOM   638 C CG2 . THR A 1 94  ? 2.420   5.219   -0.419  1.00 18.99 ? 106  THR A CG2 1 
ATOM   639 N N   . GLN A 1 95  ? 6.071   5.800   1.857   1.00 12.45 ? 107  GLN A N   1 
ATOM   640 C CA  . GLN A 1 95  ? 7.228   5.114   2.410   1.00 14.08 ? 107  GLN A CA  1 
ATOM   641 C C   . GLN A 1 95  ? 6.765   3.765   2.949   1.00 13.36 ? 107  GLN A C   1 
ATOM   642 O O   . GLN A 1 95  ? 5.626   3.703   3.404   1.00 13.95 ? 107  GLN A O   1 
ATOM   643 C CB  . GLN A 1 95  ? 7.933   5.944   3.480   1.00 17.89 ? 107  GLN A CB  1 
ATOM   644 C CG  . GLN A 1 95  ? 8.413   7.251   2.871   1.00 25.56 ? 107  GLN A CG  1 
ATOM   645 C CD  . GLN A 1 95  ? 9.799   7.710   3.234   1.00 30.02 ? 107  GLN A CD  1 
ATOM   646 O OE1 . GLN A 1 95  ? 9.918   8.870   3.639   1.00 38.01 ? 107  GLN A OE1 1 
ATOM   647 N NE2 . GLN A 1 95  ? 10.808  6.859   3.084   1.00 33.99 ? 107  GLN A NE2 1 
ATOM   648 N N   . TRP A 1 96  ? 7.588   2.729   2.871   1.00 13.65 ? 108  TRP A N   1 
ATOM   649 C CA  . TRP A 1 96  ? 7.161   1.411   3.324   1.00 12.10 ? 108  TRP A CA  1 
ATOM   650 C C   . TRP A 1 96  ? 8.230   0.742   4.194   1.00 15.03 ? 108  TRP A C   1 
ATOM   651 O O   . TRP A 1 96  ? 9.406   1.077   4.117   1.00 11.41 ? 108  TRP A O   1 
ATOM   652 C CB  . TRP A 1 96  ? 6.800   0.478   2.173   1.00 12.82 ? 108  TRP A CB  1 
ATOM   653 C CG  . TRP A 1 96  ? 7.802   0.306   1.082   1.00 15.25 ? 108  TRP A CG  1 
ATOM   654 C CD1 . TRP A 1 96  ? 7.736   0.914   -0.144  1.00 15.06 ? 108  TRP A CD1 1 
ATOM   655 C CD2 . TRP A 1 96  ? 8.989   -0.489  1.056   1.00 16.58 ? 108  TRP A CD2 1 
ATOM   656 N NE1 . TRP A 1 96  ? 8.807   0.547   -0.913  1.00 16.38 ? 108  TRP A NE1 1 
ATOM   657 C CE2 . TRP A 1 96  ? 9.596   -0.315  -0.205  1.00 18.26 ? 108  TRP A CE2 1 
ATOM   658 C CE3 . TRP A 1 96  ? 9.628   -1.338  1.960   1.00 19.09 ? 108  TRP A CE3 1 
ATOM   659 C CZ2 . TRP A 1 96  ? 10.784  -0.946  -0.577  1.00 17.56 ? 108  TRP A CZ2 1 
ATOM   660 C CZ3 . TRP A 1 96  ? 10.803  -1.962  1.589   1.00 19.53 ? 108  TRP A CZ3 1 
ATOM   661 C CH2 . TRP A 1 96  ? 11.384  -1.773  0.331   1.00 17.90 ? 108  TRP A CH2 1 
ATOM   662 N N   . LEU A 1 97  ? 7.760   -0.198  5.005   1.00 19.01 ? 109  LEU A N   1 
ATOM   663 C CA  . LEU A 1 97  ? 8.517   -1.074  5.876   1.00 17.67 ? 109  LEU A CA  1 
ATOM   664 C C   . LEU A 1 97  ? 8.189   -2.540  5.576   1.00 18.09 ? 109  LEU A C   1 
ATOM   665 O O   . LEU A 1 97  ? 7.003   -2.893  5.594   1.00 18.52 ? 109  LEU A O   1 
ATOM   666 C CB  . LEU A 1 97  ? 8.209   -0.816  7.347   1.00 17.25 ? 109  LEU A CB  1 
ATOM   667 C CG  . LEU A 1 97  ? 8.458   0.563   7.943   1.00 18.08 ? 109  LEU A CG  1 
ATOM   668 C CD1 . LEU A 1 97  ? 7.752   0.701   9.287   1.00 25.24 ? 109  LEU A CD1 1 
ATOM   669 C CD2 . LEU A 1 97  ? 9.937   0.818   8.115   1.00 13.18 ? 109  LEU A CD2 1 
ATOM   670 N N   . LEU A 1 98  ? 9.196   -3.367  5.323   1.00 17.88 ? 110  LEU A N   1 
ATOM   671 C CA  . LEU A 1 98  ? 9.016   -4.800  5.091   1.00 17.21 ? 110  LEU A CA  1 
ATOM   672 C C   . LEU A 1 98  ? 9.686   -5.624  6.194   1.00 18.08 ? 110  LEU A C   1 
ATOM   673 O O   . LEU A 1 98  ? 10.904  -5.639  6.350   1.00 13.51 ? 110  LEU A O   1 
ATOM   674 C CB  . LEU A 1 98  ? 9.556   -5.210  3.728   1.00 18.86 ? 110  LEU A CB  1 
ATOM   675 C CG  . LEU A 1 98  ? 9.769   -6.679  3.401   1.00 23.96 ? 110  LEU A CG  1 
ATOM   676 C CD1 . LEU A 1 98  ? 8.576   -7.546  3.762   1.00 33.23 ? 110  LEU A CD1 1 
ATOM   677 C CD2 . LEU A 1 98  ? 10.052  -6.849  1.913   1.00 29.26 ? 110  LEU A CD2 1 
ATOM   678 N N   . THR A 1 99  ? 8.843   -6.326  6.949   1.00 17.07 ? 111  THR A N   1 
ATOM   679 C CA  . THR A 1 99  ? 9.309   -7.189  8.016   1.00 20.59 ? 111  THR A CA  1 
ATOM   680 C C   . THR A 1 99  ? 9.146   -8.676  7.688   1.00 22.58 ? 111  THR A C   1 
ATOM   681 O O   . THR A 1 99  ? 8.057   -9.085  7.276   1.00 19.86 ? 111  THR A O   1 
ATOM   682 C CB  . THR A 1 99  ? 8.542   -6.878  9.321   1.00 21.29 ? 111  THR A CB  1 
ATOM   683 O OG1 . THR A 1 99  ? 8.696   -5.497  9.662   1.00 21.70 ? 111  THR A OG1 1 
ATOM   684 C CG2 . THR A 1 99  ? 9.123   -7.678  10.474  1.00 22.22 ? 111  THR A CG2 1 
ATOM   685 N N   . SER A 1 100 ? 10.193  -9.464  7.888   1.00 19.86 ? 112  SER A N   1 
ATOM   686 C CA  . SER A 1 100 ? 10.204  -10.915 7.769   1.00 18.26 ? 112  SER A CA  1 
ATOM   687 C C   . SER A 1 100 ? 10.225  -11.612 9.120   1.00 17.89 ? 112  SER A C   1 
ATOM   688 O O   . SER A 1 100 ? 10.833  -11.161 10.092  1.00 17.10 ? 112  SER A O   1 
ATOM   689 C CB  . SER A 1 100 ? 11.438  -11.361 6.977   1.00 19.74 ? 112  SER A CB  1 
ATOM   690 O OG  . SER A 1 100 ? 11.554  -10.729 5.713   1.00 23.64 ? 112  SER A OG  1 
ATOM   691 N N   . GLY A 1 101 ? 9.589   -12.775 9.274   1.00 18.91 ? 113  GLY A N   1 
ATOM   692 C CA  . GLY A 1 101 ? 9.692   -13.442 10.577  1.00 20.05 ? 113  GLY A CA  1 
ATOM   693 C C   . GLY A 1 101 ? 11.062  -14.049 10.791  1.00 23.11 ? 113  GLY A C   1 
ATOM   694 O O   . GLY A 1 101 ? 11.585  -14.779 9.945   1.00 26.89 ? 113  GLY A O   1 
ATOM   695 N N   . THR A 1 102 ? 11.710  -13.780 11.922  1.00 24.37 ? 114  THR A N   1 
ATOM   696 C CA  . THR A 1 102 ? 13.072  -14.268 12.126  1.00 23.06 ? 114  THR A CA  1 
ATOM   697 C C   . THR A 1 102 ? 13.277  -14.939 13.474  1.00 23.36 ? 114  THR A C   1 
ATOM   698 O O   . THR A 1 102 ? 12.434  -14.918 14.367  1.00 22.61 ? 114  THR A O   1 
ATOM   699 C CB  . THR A 1 102 ? 14.096  -13.118 12.038  1.00 23.65 ? 114  THR A CB  1 
ATOM   700 O OG1 . THR A 1 102 ? 13.948  -12.276 13.188  1.00 22.32 ? 114  THR A OG1 1 
ATOM   701 C CG2 . THR A 1 102 ? 13.830  -12.256 10.818  1.00 24.54 ? 114  THR A CG2 1 
ATOM   702 N N   . THR A 1 103 ? 14.448  -15.561 13.640  1.00 23.68 ? 115  THR A N   1 
ATOM   703 C CA  . THR A 1 103 ? 14.757  -16.083 14.969  1.00 26.70 ? 115  THR A CA  1 
ATOM   704 C C   . THR A 1 103 ? 15.142  -14.930 15.892  1.00 28.10 ? 115  THR A C   1 
ATOM   705 O O   . THR A 1 103 ? 15.310  -13.801 15.424  1.00 26.29 ? 115  THR A O   1 
ATOM   706 C CB  . THR A 1 103 ? 15.891  -17.119 14.915  1.00 30.04 ? 115  THR A CB  1 
ATOM   707 O OG1 . THR A 1 103 ? 17.059  -16.516 14.339  1.00 30.71 ? 115  THR A OG1 1 
ATOM   708 C CG2 . THR A 1 103 ? 15.506  -18.282 14.009  1.00 32.49 ? 115  THR A CG2 1 
ATOM   709 N N   . GLU A 1 104 ? 15.283  -15.216 17.163  1.00 32.94 ? 116  GLU A N   1 
ATOM   710 C CA  . GLU A 1 104 ? 15.669  -14.331 18.244  1.00 43.00 ? 116  GLU A CA  1 
ATOM   711 C C   . GLU A 1 104 ? 16.939  -13.541 17.960  1.00 43.57 ? 116  GLU A C   1 
ATOM   712 O O   . GLU A 1 104 ? 17.101  -12.348 18.229  1.00 46.98 ? 116  GLU A O   1 
ATOM   713 C CB  . GLU A 1 104 ? 15.888  -15.138 19.549  1.00 54.36 ? 116  GLU A CB  1 
ATOM   714 C CG  . GLU A 1 104 ? 14.915  -14.689 20.636  1.00 64.59 ? 116  GLU A CG  1 
ATOM   715 C CD  . GLU A 1 104 ? 14.527  -13.233 20.404  1.00 73.04 ? 116  GLU A CD  1 
ATOM   716 O OE1 . GLU A 1 104 ? 15.431  -12.370 20.500  1.00 82.14 ? 116  GLU A OE1 1 
ATOM   717 O OE2 . GLU A 1 104 ? 13.336  -12.972 20.123  1.00 82.81 ? 116  GLU A OE2 1 
ATOM   718 N N   . ALA A 1 105 ? 17.920  -14.243 17.396  1.00 41.53 ? 117  ALA A N   1 
ATOM   719 C CA  . ALA A 1 105 ? 19.219  -13.621 17.188  1.00 41.29 ? 117  ALA A CA  1 
ATOM   720 C C   . ALA A 1 105 ? 19.298  -12.861 15.876  1.00 40.84 ? 117  ALA A C   1 
ATOM   721 O O   . ALA A 1 105 ? 20.176  -12.008 15.713  1.00 44.39 ? 117  ALA A O   1 
ATOM   722 C CB  . ALA A 1 105 ? 20.292  -14.702 17.251  1.00 43.91 ? 117  ALA A CB  1 
ATOM   723 N N   . ASN A 1 106 ? 18.420  -13.120 14.903  1.00 36.32 ? 118  ASN A N   1 
ATOM   724 C CA  . ASN A 1 106 ? 18.578  -12.366 13.654  1.00 32.62 ? 118  ASN A CA  1 
ATOM   725 C C   . ASN A 1 106 ? 17.556  -11.248 13.527  1.00 26.91 ? 118  ASN A C   1 
ATOM   726 O O   . ASN A 1 106 ? 17.373  -10.626 12.482  1.00 26.03 ? 118  ASN A O   1 
ATOM   727 C CB  . ASN A 1 106 ? 18.502  -13.325 12.468  1.00 35.83 ? 118  ASN A CB  1 
ATOM   728 C CG  . ASN A 1 106 ? 19.749  -14.170 12.307  1.00 37.16 ? 118  ASN A CG  1 
ATOM   729 O OD1 . ASN A 1 106 ? 19.638  -15.388 12.174  1.00 44.67 ? 118  ASN A OD1 1 
ATOM   730 N ND2 . ASN A 1 106 ? 20.930  -13.568 12.310  1.00 45.77 ? 118  ASN A ND2 1 
ATOM   731 N N   . ALA A 1 107 ? 16.868  -10.976 14.626  1.00 24.48 ? 119  ALA A N   1 
ATOM   732 C CA  . ALA A 1 107 ? 15.849  -9.941  14.644  1.00 26.52 ? 119  ALA A CA  1 
ATOM   733 C C   . ALA A 1 107 ? 16.381  -8.606  14.145  1.00 26.92 ? 119  ALA A C   1 
ATOM   734 O O   . ALA A 1 107 ? 15.669  -7.823  13.522  1.00 27.71 ? 119  ALA A O   1 
ATOM   735 C CB  . ALA A 1 107 ? 15.307  -9.780  16.061  1.00 24.12 ? 119  ALA A CB  1 
ATOM   736 N N   . TRP A 1 108 ? 17.649  -8.332  14.432  1.00 26.44 ? 120  TRP A N   1 
ATOM   737 C CA  . TRP A 1 108 ? 18.173  -7.004  14.118  1.00 28.23 ? 120  TRP A CA  1 
ATOM   738 C C   . TRP A 1 108 ? 18.187  -6.739  12.622  1.00 25.84 ? 120  TRP A C   1 
ATOM   739 O O   . TRP A 1 108 ? 18.170  -5.608  12.137  1.00 21.44 ? 120  TRP A O   1 
ATOM   740 C CB  . TRP A 1 108 ? 19.584  -6.866  14.711  1.00 33.17 ? 120  TRP A CB  1 
ATOM   741 C CG  . TRP A 1 108 ? 20.554  -7.761  14.001  1.00 36.81 ? 120  TRP A CG  1 
ATOM   742 C CD1 . TRP A 1 108 ? 20.801  -9.075  14.265  1.00 39.18 ? 120  TRP A CD1 1 
ATOM   743 C CD2 . TRP A 1 108 ? 21.404  -7.399  12.906  1.00 40.10 ? 120  TRP A CD2 1 
ATOM   744 N NE1 . TRP A 1 108 ? 21.755  -9.554  13.397  1.00 41.42 ? 120  TRP A NE1 1 
ATOM   745 C CE2 . TRP A 1 108 ? 22.141  -8.546  12.555  1.00 40.54 ? 120  TRP A CE2 1 
ATOM   746 C CE3 . TRP A 1 108 ? 21.602  -6.212  12.196  1.00 42.29 ? 120  TRP A CE3 1 
ATOM   747 C CZ2 . TRP A 1 108 ? 23.069  -8.538  11.519  1.00 41.64 ? 120  TRP A CZ2 1 
ATOM   748 C CZ3 . TRP A 1 108 ? 22.526  -6.206  11.164  1.00 41.69 ? 120  TRP A CZ3 1 
ATOM   749 C CH2 . TRP A 1 108 ? 23.244  -7.361  10.839  1.00 42.05 ? 120  TRP A CH2 1 
ATOM   750 N N   . LYS A 1 109 ? 18.237  -7.812  11.841  1.00 24.59 ? 121  LYS A N   1 
ATOM   751 C CA  . LYS A 1 109 ? 18.246  -7.635  10.392  1.00 25.52 ? 121  LYS A CA  1 
ATOM   752 C C   . LYS A 1 109 ? 16.884  -7.971  9.803   1.00 23.35 ? 121  LYS A C   1 
ATOM   753 O O   . LYS A 1 109 ? 16.776  -8.415  8.663   1.00 20.47 ? 121  LYS A O   1 
ATOM   754 C CB  . LYS A 1 109 ? 19.320  -8.512  9.753   1.00 32.75 ? 121  LYS A CB  1 
ATOM   755 C CG  . LYS A 1 109 ? 19.532  -9.845  10.458  1.00 40.10 ? 121  LYS A CG  1 
ATOM   756 C CD  . LYS A 1 109 ? 20.060  -10.901 9.501   1.00 45.50 ? 121  LYS A CD  1 
ATOM   757 C CE  . LYS A 1 109 ? 21.567  -11.068 9.610   1.00 50.39 ? 121  LYS A CE  1 
ATOM   758 N NZ  . LYS A 1 109 ? 22.270  -10.405 8.472   1.00 62.62 ? 121  LYS A NZ  1 
ATOM   759 N N   . SER A 1 110 ? 15.810  -7.765  10.564  1.00 21.34 ? 122  SER A N   1 
ATOM   760 C CA  . SER A 1 110 ? 14.501  -8.209  10.096  1.00 18.65 ? 122  SER A CA  1 
ATOM   761 C C   . SER A 1 110 ? 13.701  -7.240  9.246   1.00 16.44 ? 122  SER A C   1 
ATOM   762 O O   . SER A 1 110 ? 12.732  -7.686  8.614   1.00 17.26 ? 122  SER A O   1 
ATOM   763 C CB  . SER A 1 110 ? 13.648  -8.549  11.334  1.00 20.01 ? 122  SER A CB  1 
ATOM   764 O OG  . SER A 1 110 ? 13.269  -7.361  12.001  1.00 25.95 ? 122  SER A OG  1 
ATOM   765 N N   . THR A 1 111 ? 14.013  -5.955  9.192   1.00 14.22 ? 123  THR A N   1 
ATOM   766 C CA  . THR A 1 111 ? 13.130  -4.969  8.578   1.00 14.69 ? 123  THR A CA  1 
ATOM   767 C C   . THR A 1 111 ? 13.813  -4.061  7.569   1.00 16.53 ? 123  THR A C   1 
ATOM   768 O O   . THR A 1 111 ? 14.774  -3.372  7.912   1.00 17.31 ? 123  THR A O   1 
ATOM   769 C CB  . THR A 1 111 ? 12.510  -4.095  9.694   1.00 15.77 ? 123  THR A CB  1 
ATOM   770 O OG1 . THR A 1 111 ? 11.749  -4.930  10.574  1.00 22.34 ? 123  THR A OG1 1 
ATOM   771 C CG2 . THR A 1 111 ? 11.530  -3.091  9.118   1.00 15.96 ? 123  THR A CG2 1 
ATOM   772 N N   . LEU A 1 112 ? 13.320  -4.051  6.343   1.00 20.05 ? 124  LEU A N   1 
ATOM   773 C CA  . LEU A 1 112 ? 13.686  -3.176  5.248   1.00 18.08 ? 124  LEU A CA  1 
ATOM   774 C C   . LEU A 1 112 ? 12.838  -1.903  5.190   1.00 16.22 ? 124  LEU A C   1 
ATOM   775 O O   . LEU A 1 112 ? 11.652  -1.912  5.521   1.00 16.49 ? 124  LEU A O   1 
ATOM   776 C CB  . LEU A 1 112 ? 13.517  -3.880  3.895   1.00 18.36 ? 124  LEU A CB  1 
ATOM   777 C CG  . LEU A 1 112 ? 14.411  -5.096  3.666   1.00 21.49 ? 124  LEU A CG  1 
ATOM   778 C CD1 . LEU A 1 112 ? 13.921  -5.889  2.466   1.00 21.89 ? 124  LEU A CD1 1 
ATOM   779 C CD2 . LEU A 1 112 ? 15.856  -4.671  3.474   1.00 28.89 ? 124  LEU A CD2 1 
ATOM   780 N N   . VAL A 1 113 ? 13.442  -0.806  4.741   1.00 12.81 ? 125  VAL A N   1 
ATOM   781 C CA  . VAL A 1 113 ? 12.724  0.450   4.543   1.00 13.41 ? 125  VAL A CA  1 
ATOM   782 C C   . VAL A 1 113 ? 12.895  0.922   3.100   1.00 15.47 ? 125  VAL A C   1 
ATOM   783 O O   . VAL A 1 113 ? 13.990  0.833   2.531   1.00 14.42 ? 125  VAL A O   1 
ATOM   784 C CB  . VAL A 1 113 ? 13.179  1.542   5.519   1.00 16.58 ? 125  VAL A CB  1 
ATOM   785 C CG1 . VAL A 1 113 ? 14.625  1.962   5.264   1.00 23.46 ? 125  VAL A CG1 1 
ATOM   786 C CG2 . VAL A 1 113 ? 12.294  2.774   5.421   1.00 11.94 ? 125  VAL A CG2 1 
ATOM   787 N N   . GLY A 1 114 ? 11.823  1.417   2.479   1.00 14.94 ? 126  GLY A N   1 
ATOM   788 C CA  . GLY A 1 114 ? 11.965  1.933   1.121   1.00 15.22 ? 126  GLY A CA  1 
ATOM   789 C C   . GLY A 1 114 ? 10.903  2.971   0.811   1.00 15.59 ? 126  GLY A C   1 
ATOM   790 O O   . GLY A 1 114 ? 10.275  3.498   1.733   1.00 12.46 ? 126  GLY A O   1 
ATOM   791 N N   . HIS A 1 115 ? 10.690  3.251   -0.468  1.00 14.53 ? 127  HIS A N   1 
ATOM   792 C CA  . HIS A 1 115 ? 9.693   4.244   -0.857  1.00 19.92 ? 127  HIS A CA  1 
ATOM   793 C C   . HIS A 1 115 ? 9.192   4.011   -2.276  1.00 20.59 ? 127  HIS A C   1 
ATOM   794 O O   . HIS A 1 115 ? 9.838   3.332   -3.069  1.00 13.81 ? 127  HIS A O   1 
ATOM   795 C CB  . HIS A 1 115 ? 10.247  5.665   -0.738  1.00 23.36 ? 127  HIS A CB  1 
ATOM   796 C CG  . HIS A 1 115 ? 11.460  5.963   -1.546  1.00 25.06 ? 127  HIS A CG  1 
ATOM   797 N ND1 . HIS A 1 115 ? 11.391  6.382   -2.855  1.00 27.12 ? 127  HIS A ND1 1 
ATOM   798 C CD2 . HIS A 1 115 ? 12.779  5.920   -1.238  1.00 28.66 ? 127  HIS A CD2 1 
ATOM   799 C CE1 . HIS A 1 115 ? 12.610  6.574   -3.319  1.00 28.22 ? 127  HIS A CE1 1 
ATOM   800 N NE2 . HIS A 1 115 ? 13.476  6.302   -2.359  1.00 30.12 ? 127  HIS A NE2 1 
ATOM   801 N N   . ASP A 1 116 ? 8.032   4.587   -2.569  1.00 23.27 ? 128  ASP A N   1 
ATOM   802 C CA  . ASP A 1 116 ? 7.381   4.369   -3.849  1.00 23.79 ? 128  ASP A CA  1 
ATOM   803 C C   . ASP A 1 116 ? 6.332   5.430   -4.146  1.00 20.48 ? 128  ASP A C   1 
ATOM   804 O O   . ASP A 1 116 ? 5.728   6.018   -3.258  1.00 25.16 ? 128  ASP A O   1 
ATOM   805 C CB  . ASP A 1 116 ? 6.681   3.009   -3.894  1.00 32.26 ? 128  ASP A CB  1 
ATOM   806 C CG  . ASP A 1 116 ? 7.179   2.115   -5.011  1.00 42.15 ? 128  ASP A CG  1 
ATOM   807 O OD1 . ASP A 1 116 ? 7.154   2.523   -6.195  1.00 46.42 ? 128  ASP A OD1 1 
ATOM   808 O OD2 . ASP A 1 116 ? 7.602   0.980   -4.693  1.00 57.70 ? 128  ASP A OD2 1 
ATOM   809 N N   . THR A 1 117 ? 6.133   5.623   -5.439  1.00 19.40 ? 129  THR A N   1 
ATOM   810 C CA  . THR A 1 117 ? 5.129   6.557   -5.935  1.00 21.60 ? 129  THR A CA  1 
ATOM   811 C C   . THR A 1 117 ? 4.226   5.865   -6.948  1.00 21.50 ? 129  THR A C   1 
ATOM   812 O O   . THR A 1 117 ? 4.744   5.150   -7.808  1.00 22.32 ? 129  THR A O   1 
ATOM   813 C CB  . THR A 1 117 ? 5.825   7.780   -6.553  1.00 23.49 ? 129  THR A CB  1 
ATOM   814 O OG1 . THR A 1 117 ? 6.447   8.497   -5.476  1.00 30.64 ? 129  THR A OG1 1 
ATOM   815 C CG2 . THR A 1 117 ? 4.822   8.685   -7.250  1.00 26.86 ? 129  THR A CG2 1 
ATOM   816 N N   . PHE A 1 118 ? 2.918   6.063   -6.834  1.00 20.89 ? 130  PHE A N   1 
ATOM   817 C CA  . PHE A 1 118 ? 1.952   5.426   -7.723  1.00 18.86 ? 130  PHE A CA  1 
ATOM   818 C C   . PHE A 1 118 ? 1.208   6.439   -8.581  1.00 20.01 ? 130  PHE A C   1 
ATOM   819 O O   . PHE A 1 118 ? 0.889   7.531   -8.111  1.00 22.16 ? 130  PHE A O   1 
ATOM   820 C CB  . PHE A 1 118 ? 0.946   4.616   -6.904  1.00 19.95 ? 130  PHE A CB  1 
ATOM   821 C CG  . PHE A 1 118 ? 1.552   3.527   -6.040  1.00 24.65 ? 130  PHE A CG  1 
ATOM   822 C CD1 . PHE A 1 118 ? 2.053   3.815   -4.781  1.00 25.44 ? 130  PHE A CD1 1 
ATOM   823 C CD2 . PHE A 1 118 ? 1.615   2.221   -6.493  1.00 28.23 ? 130  PHE A CD2 1 
ATOM   824 C CE1 . PHE A 1 118 ? 2.598   2.814   -3.996  1.00 25.06 ? 130  PHE A CE1 1 
ATOM   825 C CE2 . PHE A 1 118 ? 2.157   1.213   -5.719  1.00 29.40 ? 130  PHE A CE2 1 
ATOM   826 C CZ  . PHE A 1 118 ? 2.657   1.515   -4.460  1.00 27.21 ? 130  PHE A CZ  1 
ATOM   827 N N   . THR A 1 119 ? 0.908   6.088   -9.832  1.00 20.71 ? 131  THR A N   1 
ATOM   828 C CA  . THR A 1 119 ? 0.135   6.973   -10.701 1.00 21.19 ? 131  THR A CA  1 
ATOM   829 C C   . THR A 1 119 ? -0.993  6.221   -11.400 1.00 21.86 ? 131  THR A C   1 
ATOM   830 O O   . THR A 1 119 ? -1.003  4.993   -11.347 1.00 20.14 ? 131  THR A O   1 
ATOM   831 C CB  . THR A 1 119 ? 1.040   7.636   -11.752 1.00 21.67 ? 131  THR A CB  1 
ATOM   832 O OG1 . THR A 1 119 ? 1.862   6.639   -12.376 1.00 23.84 ? 131  THR A OG1 1 
ATOM   833 C CG2 . THR A 1 119 ? 1.981   8.606   -11.055 1.00 21.04 ? 131  THR A CG2 1 
ATOM   834 N N   . LYS A 1 120 ? -1.902  6.953   -12.031 1.00 23.40 ? 132  LYS A N   1 
ATOM   835 C CA  . LYS A 1 120 ? -3.078  6.417   -12.698 1.00 25.34 ? 132  LYS A CA  1 
ATOM   836 C C   . LYS A 1 120 ? -2.768  5.950   -14.115 1.00 25.58 ? 132  LYS A C   1 
ATOM   837 O O   . LYS A 1 120 ? -3.483  5.150   -14.709 1.00 23.26 ? 132  LYS A O   1 
ATOM   838 C CB  . LYS A 1 120 ? -4.183  7.476   -12.755 1.00 26.93 ? 132  LYS A CB  1 
ATOM   839 C CG  . LYS A 1 120 ? -5.059  7.535   -11.523 1.00 30.06 ? 132  LYS A CG  1 
ATOM   840 C CD  . LYS A 1 120 ? -6.092  8.644   -11.617 1.00 38.88 ? 132  LYS A CD  1 
ATOM   841 C CE  . LYS A 1 120 ? -7.111  8.541   -10.491 1.00 48.01 ? 132  LYS A CE  1 
ATOM   842 N NZ  . LYS A 1 120 ? -8.363  9.307   -10.769 1.00 65.81 ? 132  LYS A NZ  1 
ATOM   843 N N   . VAL A 1 121 ? -1.677  6.477   -14.636 1.00 29.02 ? 133  VAL A N   1 
ATOM   844 C CA  . VAL A 1 121 ? -1.302  6.342   -16.035 1.00 35.91 ? 133  VAL A CA  1 
ATOM   845 C C   . VAL A 1 121 ? -0.601  5.013   -16.295 1.00 34.79 ? 133  VAL A C   1 
ATOM   846 O O   . VAL A 1 121 ? 0.554   4.856   -15.851 1.00 33.63 ? 133  VAL A O   1 
ATOM   847 C CB  . VAL A 1 121 ? -0.407  7.514   -16.486 1.00 42.32 ? 133  VAL A CB  1 
ATOM   848 C CG1 . VAL A 1 121 ? -0.366  7.580   -18.006 1.00 47.72 ? 133  VAL A CG1 1 
ATOM   849 C CG2 . VAL A 1 121 ? -0.856  8.867   -15.942 1.00 51.24 ? 133  VAL A CG2 1 
HETATM 850 O O   . HOH B 2 .   ? -5.676  13.788  5.579   1.00 25.34 ? 6001 HOH A O   1 
HETATM 851 O O   . HOH B 2 .   ? 3.515   -14.158 4.868   1.00 17.81 ? 6002 HOH A O   1 
HETATM 852 O O   . HOH B 2 .   ? 15.638  -1.152  1.001   1.00 21.32 ? 6003 HOH A O   1 
HETATM 853 O O   . HOH B 2 .   ? -3.142  -12.864 -0.276  1.00 25.04 ? 6004 HOH A O   1 
HETATM 854 O O   . HOH B 2 .   ? -5.676  3.765   -13.725 1.00 20.38 ? 6005 HOH A O   1 
HETATM 855 O O   . HOH B 2 .   ? -11.710 8.005   7.963   1.00 26.37 ? 6006 HOH A O   1 
HETATM 856 O O   . HOH B 2 .   ? 16.395  7.889   -2.633  1.00 42.08 ? 6007 HOH A O   1 
HETATM 857 O O   . HOH B 2 .   ? 9.924   -17.603 8.843   1.00 39.74 ? 6008 HOH A O   1 
HETATM 858 O O   . HOH B 2 .   ? 7.475   -4.943  -0.795  1.00 34.96 ? 6009 HOH A O   1 
HETATM 859 O O   . HOH B 2 .   ? 16.160  -16.231 11.539  1.00 44.92 ? 6010 HOH A O   1 
HETATM 860 O O   . HOH B 2 .   ? 4.235   12.509  1.837   1.00 43.80 ? 6011 HOH A O   1 
HETATM 861 O O   . HOH B 2 .   ? -11.114 6.164   10.738  1.00 50.42 ? 6012 HOH A O   1 
HETATM 862 O O   . HOH B 2 .   ? -4.141  -2.892  -16.390 1.00 42.27 ? 6013 HOH A O   1 
HETATM 863 O O   . HOH B 2 .   ? -6.038  16.833  5.144   1.00 21.10 ? 6014 HOH A O   1 
HETATM 864 O O   . HOH B 2 .   ? 17.757  -17.347 18.388  1.00 47.32 ? 6015 HOH A O   1 
HETATM 865 O O   . HOH B 2 .   ? -2.388  -10.185 2.544   1.00 17.58 ? 6016 HOH A O   1 
HETATM 866 O O   . HOH B 2 .   ? 3.392   14.563  -1.405  1.00 57.15 ? 6017 HOH A O   1 
HETATM 867 O O   . HOH B 2 .   ? 0.878   -21.027 0.478   1.00 47.85 ? 6018 HOH A O   1 
HETATM 868 O O   . HOH B 2 .   ? -3.770  -15.559 -6.099  1.00 46.42 ? 6019 HOH A O   1 
HETATM 869 O O   . HOH B 2 .   ? -11.792 10.260  -2.229  1.00 53.29 ? 6020 HOH A O   1 
HETATM 870 O O   . HOH B 2 .   ? 9.892   -4.314  12.448  1.00 21.36 ? 6021 HOH A O   1 
HETATM 871 O O   . HOH B 2 .   ? 12.083  -13.375 16.507  1.00 55.10 ? 6022 HOH A O   1 
HETATM 872 O O   . HOH B 2 .   ? 12.943  1.967   -2.098  1.00 47.03 ? 6023 HOH A O   1 
HETATM 873 O O   . HOH B 2 .   ? 9.387   7.398   -4.266  1.00 44.86 ? 6024 HOH A O   1 
HETATM 874 O O   . HOH B 2 .   ? 12.543  -8.380  5.668   1.00 32.22 ? 6025 HOH A O   1 
HETATM 875 O O   . HOH B 2 .   ? 4.557   -15.174 -1.618  1.00 48.00 ? 6026 HOH A O   1 
HETATM 876 O O   . HOH B 2 .   ? 5.178   -12.915 -5.499  1.00 54.01 ? 6027 HOH A O   1 
HETATM 877 O O   . HOH B 2 .   ? -7.239  20.185  0.702   1.00 38.55 ? 6028 HOH A O   1 
HETATM 878 O O   . HOH B 2 .   ? 15.863  1.606   -0.936  1.00 50.95 ? 6029 HOH A O   1 
HETATM 879 O O   . HOH B 2 .   ? -13.070 18.360  6.848   1.00 44.60 ? 6030 HOH A O   1 
HETATM 880 O O   . HOH B 2 .   ? 6.771   -12.051 -3.672  1.00 67.85 ? 6031 HOH A O   1 
HETATM 881 O O   . HOH B 2 .   ? -9.739  -8.278  -1.027  1.00 41.38 ? 6032 HOH A O   1 
HETATM 882 O O   . HOH B 2 .   ? -15.763 4.125   -4.401  1.00 51.56 ? 6033 HOH A O   1 
HETATM 883 O O   . HOH B 2 .   ? -1.576  -23.207 4.582   1.00 43.59 ? 6034 HOH A O   1 
HETATM 884 O O   . HOH B 2 .   ? 8.042   -3.049  -2.503  1.00 42.38 ? 6035 HOH A O   1 
HETATM 885 O O   . HOH B 2 .   ? -3.432  -2.172  7.192   0.50 21.24 ? 6036 HOH A O   1 
HETATM 886 O O   . HOH B 2 .   ? -11.484 -1.019  7.731   1.00 47.41 ? 6037 HOH A O   1 
HETATM 887 O O   . HOH B 2 .   ? 7.876   -7.594  -2.193  1.00 41.70 ? 6038 HOH A O   1 
HETATM 888 O O   . HOH B 2 .   ? -10.578 8.409   -14.084 1.00 57.73 ? 6039 HOH A O   1 
HETATM 889 O O   . HOH B 2 .   ? -12.474 7.342   -4.240  1.00 38.32 ? 6040 HOH A O   1 
HETATM 890 O O   . HOH B 2 .   ? 3.638   -0.357  -12.942 1.00 41.89 ? 6041 HOH A O   1 
HETATM 891 O O   . HOH B 2 .   ? -10.406 12.154  -10.051 1.00 41.26 ? 6042 HOH A O   1 
HETATM 892 O O   . HOH B 2 .   ? 7.853   -22.634 5.214   1.00 58.38 ? 6043 HOH A O   1 
HETATM 893 O O   . HOH B 2 .   ? 15.062  -8.735  5.794   1.00 49.12 ? 6044 HOH A O   1 
HETATM 894 O O   . HOH B 2 .   ? -13.436 -0.510  0.833   1.00 44.92 ? 6045 HOH A O   1 
HETATM 895 O O   . HOH B 2 .   ? -13.575 17.162  3.111   1.00 53.30 ? 6046 HOH A O   1 
HETATM 896 O O   . HOH B 2 .   ? -16.354 7.640   7.279   1.00 57.81 ? 6047 HOH A O   1 
HETATM 897 O O   . HOH B 2 .   ? 5.497   15.741  -2.930  1.00 49.44 ? 6048 HOH A O   1 
HETATM 898 O O   . HOH B 2 .   ? -6.259  15.824  -0.039  1.00 50.49 ? 6049 HOH A O   1 
HETATM 899 O O   . HOH B 2 .   ? 5.828   -0.566  -3.447  1.00 42.95 ? 6050 HOH A O   1 
HETATM 900 O O   . HOH B 2 .   ? 5.037   10.345  1.671   1.00 43.17 ? 6051 HOH A O   1 
HETATM 901 O O   . HOH B 2 .   ? 9.421   -3.869  -5.008  1.00 59.34 ? 6052 HOH A O   1 
HETATM 902 O O   . HOH B 2 .   ? 0.260   -14.313 -12.824 1.00 44.95 ? 6053 HOH A O   1 
HETATM 903 O O   . HOH B 2 .   ? 8.173   -10.250 -1.416  1.00 34.43 ? 6054 HOH A O   1 
HETATM 904 O O   . HOH B 2 .   ? -10.500 -2.798  5.430   1.00 44.29 ? 6055 HOH A O   1 
HETATM 905 O O   . HOH B 2 .   ? 7.360   10.355  0.326   1.00 41.40 ? 6056 HOH A O   1 
HETATM 906 O O   . HOH B 2 .   ? 10.140  -10.922 0.307   1.00 45.82 ? 6057 HOH A O   1 
HETATM 907 O O   . HOH B 2 .   ? -9.456  10.729  -13.447 1.00 61.78 ? 6058 HOH A O   1 
HETATM 908 O O   . HOH B 2 .   ? -8.317  11.136  -8.873  1.00 42.38 ? 6059 HOH A O   1 
HETATM 909 O O   . HOH B 2 .   ? -4.169  -17.366 -4.174  1.00 32.82 ? 6060 HOH A O   1 
HETATM 910 O O   . HOH B 2 .   ? 7.634   -5.648  -3.927  1.00 65.62 ? 6061 HOH A O   1 
HETATM 911 O O   . HOH B 2 .   ? -1.815  10.079  -12.328 1.00 34.47 ? 6062 HOH A O   1 
HETATM 912 O O   . HOH B 2 .   ? -14.394 11.388  1.640   1.00 50.04 ? 6063 HOH A O   1 
# 
